data_2P04
# 
_entry.id   2P04 
# 
_audit_conform.dict_name       mmcif_pdbx.dic 
_audit_conform.dict_version    5.389 
_audit_conform.dict_location   http://mmcif.pdb.org/dictionaries/ascii/mmcif_pdbx.dic 
# 
loop_
_database_2.database_id 
_database_2.database_code 
_database_2.pdbx_database_accession 
_database_2.pdbx_DOI 
PDB   2P04         pdb_00002p04 10.2210/pdb2p04/pdb 
RCSB  RCSB041800   ?            ?                   
WWPDB D_1000041800 ?            ?                   
# 
loop_
_pdbx_audit_revision_history.ordinal 
_pdbx_audit_revision_history.data_content_type 
_pdbx_audit_revision_history.major_revision 
_pdbx_audit_revision_history.minor_revision 
_pdbx_audit_revision_history.revision_date 
1 'Structure model' 1 0 2007-11-13 
2 'Structure model' 1 1 2011-07-13 
3 'Structure model' 1 2 2024-02-21 
4 'Structure model' 1 3 2024-04-03 
# 
_pdbx_audit_revision_details.ordinal             1 
_pdbx_audit_revision_details.revision_ordinal    1 
_pdbx_audit_revision_details.data_content_type   'Structure model' 
_pdbx_audit_revision_details.provider            repository 
_pdbx_audit_revision_details.type                'Initial release' 
_pdbx_audit_revision_details.description         ? 
_pdbx_audit_revision_details.details             ? 
# 
loop_
_pdbx_audit_revision_group.ordinal 
_pdbx_audit_revision_group.revision_ordinal 
_pdbx_audit_revision_group.data_content_type 
_pdbx_audit_revision_group.group 
1 2 'Structure model' 'Derived calculations'      
2 2 'Structure model' 'Source and taxonomy'       
3 2 'Structure model' 'Version format compliance' 
4 3 'Structure model' 'Data collection'           
5 3 'Structure model' 'Database references'       
6 4 'Structure model' 'Refinement description'    
# 
loop_
_pdbx_audit_revision_category.ordinal 
_pdbx_audit_revision_category.revision_ordinal 
_pdbx_audit_revision_category.data_content_type 
_pdbx_audit_revision_category.category 
1 3 'Structure model' chem_comp_atom                
2 3 'Structure model' chem_comp_bond                
3 3 'Structure model' database_2                    
4 4 'Structure model' pdbx_initial_refinement_model 
# 
loop_
_pdbx_audit_revision_item.ordinal 
_pdbx_audit_revision_item.revision_ordinal 
_pdbx_audit_revision_item.data_content_type 
_pdbx_audit_revision_item.item 
1 3 'Structure model' '_database_2.pdbx_DOI'                
2 3 'Structure model' '_database_2.pdbx_database_accession' 
# 
_pdbx_database_status.status_code                     REL 
_pdbx_database_status.entry_id                        2P04 
_pdbx_database_status.recvd_initial_deposition_date   2007-02-28 
_pdbx_database_status.deposit_site                    RCSB 
_pdbx_database_status.process_site                    RCSB 
_pdbx_database_status.status_code_sf                  REL 
_pdbx_database_status.status_code_mr                  ? 
_pdbx_database_status.SG_entry                        ? 
_pdbx_database_status.pdb_format_compatible           Y 
_pdbx_database_status.status_code_cs                  ? 
_pdbx_database_status.status_code_nmr_data            ? 
_pdbx_database_status.methods_development_category    ? 
# 
_pdbx_database_related.db_name        PDB 
_pdbx_database_related.db_id          2p08 
_pdbx_database_related.details        . 
_pdbx_database_related.content_type   unspecified 
# 
loop_
_audit_author.name 
_audit_author.pdbx_ordinal 
'van den Akker, F.' 1 
'Ma, X.'            2 
# 
_citation.id                        primary 
_citation.title                     
'PAS-mediated dimerization of soluble guanylyl cyclase revealed by signal transduction histidine kinase domain crystal structure.' 
_citation.journal_abbrev            J.Biol.Chem. 
_citation.journal_volume            283 
_citation.page_first                1167 
_citation.page_last                 1178 
_citation.year                      2008 
_citation.journal_id_ASTM           JBCHA3 
_citation.country                   US 
_citation.journal_id_ISSN           0021-9258 
_citation.journal_id_CSD            0071 
_citation.book_publisher            ? 
_citation.pdbx_database_id_PubMed   18006497 
_citation.pdbx_database_id_DOI      10.1074/jbc.M706218200 
# 
loop_
_citation_author.citation_id 
_citation_author.name 
_citation_author.ordinal 
_citation_author.identifier_ORCID 
primary 'Ma, X.'            1 ? 
primary 'Sayed, N.'         2 ? 
primary 'Baskaran, P.'      3 ? 
primary 'Beuve, A.'         4 ? 
primary 'van den Akker, F.' 5 ? 
# 
loop_
_entity.id 
_entity.type 
_entity.src_method 
_entity.pdbx_description 
_entity.formula_weight 
_entity.pdbx_number_of_molecules 
_entity.pdbx_ec 
_entity.pdbx_mutation 
_entity.pdbx_fragment 
_entity.details 
1 polymer man 'signal transduction histidine kinase' 13870.230 2  2.7.3.- ? 'H-NOXA/H-NOBA domain' ? 
2 water   nat water                                  18.015    55 ?       ? ?                      ? 
# 
_entity_poly.entity_id                      1 
_entity_poly.type                           'polypeptide(L)' 
_entity_poly.nstd_linkage                   no 
_entity_poly.nstd_monomer                   no 
_entity_poly.pdbx_seq_one_letter_code       
;MAPPHLTLSPELLAKAFPFHFAFSRNREIVQTGEVLERISPEPLVGKLIEQHFQINRPKILIDFDAISKQPRALFILEFL
HNGMQLKGQMMYQPEEEVIFFLGSPWITDTTSLAPLGIKLK
;
_entity_poly.pdbx_seq_one_letter_code_can   
;MAPPHLTLSPELLAKAFPFHFAFSRNREIVQTGEVLERISPEPLVGKLIEQHFQINRPKILIDFDAISKQPRALFILEFL
HNGMQLKGQMMYQPEEEVIFFLGSPWITDTTSLAPLGIKLK
;
_entity_poly.pdbx_strand_id                 A,B 
_entity_poly.pdbx_target_identifier         ? 
# 
_pdbx_entity_nonpoly.entity_id   2 
_pdbx_entity_nonpoly.name        water 
_pdbx_entity_nonpoly.comp_id     HOH 
# 
loop_
_entity_poly_seq.entity_id 
_entity_poly_seq.num 
_entity_poly_seq.mon_id 
_entity_poly_seq.hetero 
1 1   MET n 
1 2   ALA n 
1 3   PRO n 
1 4   PRO n 
1 5   HIS n 
1 6   LEU n 
1 7   THR n 
1 8   LEU n 
1 9   SER n 
1 10  PRO n 
1 11  GLU n 
1 12  LEU n 
1 13  LEU n 
1 14  ALA n 
1 15  LYS n 
1 16  ALA n 
1 17  PHE n 
1 18  PRO n 
1 19  PHE n 
1 20  HIS n 
1 21  PHE n 
1 22  ALA n 
1 23  PHE n 
1 24  SER n 
1 25  ARG n 
1 26  ASN n 
1 27  ARG n 
1 28  GLU n 
1 29  ILE n 
1 30  VAL n 
1 31  GLN n 
1 32  THR n 
1 33  GLY n 
1 34  GLU n 
1 35  VAL n 
1 36  LEU n 
1 37  GLU n 
1 38  ARG n 
1 39  ILE n 
1 40  SER n 
1 41  PRO n 
1 42  GLU n 
1 43  PRO n 
1 44  LEU n 
1 45  VAL n 
1 46  GLY n 
1 47  LYS n 
1 48  LEU n 
1 49  ILE n 
1 50  GLU n 
1 51  GLN n 
1 52  HIS n 
1 53  PHE n 
1 54  GLN n 
1 55  ILE n 
1 56  ASN n 
1 57  ARG n 
1 58  PRO n 
1 59  LYS n 
1 60  ILE n 
1 61  LEU n 
1 62  ILE n 
1 63  ASP n 
1 64  PHE n 
1 65  ASP n 
1 66  ALA n 
1 67  ILE n 
1 68  SER n 
1 69  LYS n 
1 70  GLN n 
1 71  PRO n 
1 72  ARG n 
1 73  ALA n 
1 74  LEU n 
1 75  PHE n 
1 76  ILE n 
1 77  LEU n 
1 78  GLU n 
1 79  PHE n 
1 80  LEU n 
1 81  HIS n 
1 82  ASN n 
1 83  GLY n 
1 84  MET n 
1 85  GLN n 
1 86  LEU n 
1 87  LYS n 
1 88  GLY n 
1 89  GLN n 
1 90  MET n 
1 91  MET n 
1 92  TYR n 
1 93  GLN n 
1 94  PRO n 
1 95  GLU n 
1 96  GLU n 
1 97  GLU n 
1 98  VAL n 
1 99  ILE n 
1 100 PHE n 
1 101 PHE n 
1 102 LEU n 
1 103 GLY n 
1 104 SER n 
1 105 PRO n 
1 106 TRP n 
1 107 ILE n 
1 108 THR n 
1 109 ASP n 
1 110 THR n 
1 111 THR n 
1 112 SER n 
1 113 LEU n 
1 114 ALA n 
1 115 PRO n 
1 116 LEU n 
1 117 GLY n 
1 118 ILE n 
1 119 LYS n 
1 120 LEU n 
1 121 LYS n 
# 
_entity_src_gen.entity_id                          1 
_entity_src_gen.pdbx_src_id                        1 
_entity_src_gen.pdbx_alt_source_flag               sample 
_entity_src_gen.pdbx_seq_type                      ? 
_entity_src_gen.pdbx_beg_seq_num                   ? 
_entity_src_gen.pdbx_end_seq_num                   ? 
_entity_src_gen.gene_src_common_name               ? 
_entity_src_gen.gene_src_genus                     Nostoc 
_entity_src_gen.pdbx_gene_src_gene                 COG0642 
_entity_src_gen.gene_src_species                   'Nostoc punctiforme' 
_entity_src_gen.gene_src_strain                    'PCC 73102' 
_entity_src_gen.gene_src_tissue                    ? 
_entity_src_gen.gene_src_tissue_fraction           ? 
_entity_src_gen.gene_src_details                   ? 
_entity_src_gen.pdbx_gene_src_fragment             ? 
_entity_src_gen.pdbx_gene_src_scientific_name      'Nostoc punctiforme' 
_entity_src_gen.pdbx_gene_src_ncbi_taxonomy_id     63737 
_entity_src_gen.pdbx_gene_src_variant              ? 
_entity_src_gen.pdbx_gene_src_cell_line            ? 
_entity_src_gen.pdbx_gene_src_atcc                 ? 
_entity_src_gen.pdbx_gene_src_organ                ? 
_entity_src_gen.pdbx_gene_src_organelle            ? 
_entity_src_gen.pdbx_gene_src_cell                 ? 
_entity_src_gen.pdbx_gene_src_cellular_location    ? 
_entity_src_gen.host_org_common_name               ? 
_entity_src_gen.pdbx_host_org_scientific_name      'Escherichia coli BL21(DE3)' 
_entity_src_gen.pdbx_host_org_ncbi_taxonomy_id     469008 
_entity_src_gen.host_org_genus                     Escherichia 
_entity_src_gen.pdbx_host_org_gene                 ? 
_entity_src_gen.pdbx_host_org_organ                ? 
_entity_src_gen.host_org_species                   'Escherichia coli' 
_entity_src_gen.pdbx_host_org_tissue               ? 
_entity_src_gen.pdbx_host_org_tissue_fraction      ? 
_entity_src_gen.pdbx_host_org_strain               'BL21(DE3)' 
_entity_src_gen.pdbx_host_org_variant              ? 
_entity_src_gen.pdbx_host_org_cell_line            ? 
_entity_src_gen.pdbx_host_org_atcc                 ? 
_entity_src_gen.pdbx_host_org_culture_collection   ? 
_entity_src_gen.pdbx_host_org_cell                 ? 
_entity_src_gen.pdbx_host_org_organelle            ? 
_entity_src_gen.pdbx_host_org_cellular_location    ? 
_entity_src_gen.pdbx_host_org_vector_type          plasmid 
_entity_src_gen.pdbx_host_org_vector               ? 
_entity_src_gen.host_org_details                   ? 
_entity_src_gen.expression_system_id               ? 
_entity_src_gen.plasmid_name                       pET28a 
_entity_src_gen.plasmid_details                    ? 
_entity_src_gen.pdbx_description                   ? 
# 
loop_
_chem_comp.id 
_chem_comp.type 
_chem_comp.mon_nstd_flag 
_chem_comp.name 
_chem_comp.pdbx_synonyms 
_chem_comp.formula 
_chem_comp.formula_weight 
ALA 'L-peptide linking' y ALANINE         ? 'C3 H7 N O2'     89.093  
ARG 'L-peptide linking' y ARGININE        ? 'C6 H15 N4 O2 1' 175.209 
ASN 'L-peptide linking' y ASPARAGINE      ? 'C4 H8 N2 O3'    132.118 
ASP 'L-peptide linking' y 'ASPARTIC ACID' ? 'C4 H7 N O4'     133.103 
GLN 'L-peptide linking' y GLUTAMINE       ? 'C5 H10 N2 O3'   146.144 
GLU 'L-peptide linking' y 'GLUTAMIC ACID' ? 'C5 H9 N O4'     147.129 
GLY 'peptide linking'   y GLYCINE         ? 'C2 H5 N O2'     75.067  
HIS 'L-peptide linking' y HISTIDINE       ? 'C6 H10 N3 O2 1' 156.162 
HOH non-polymer         . WATER           ? 'H2 O'           18.015  
ILE 'L-peptide linking' y ISOLEUCINE      ? 'C6 H13 N O2'    131.173 
LEU 'L-peptide linking' y LEUCINE         ? 'C6 H13 N O2'    131.173 
LYS 'L-peptide linking' y LYSINE          ? 'C6 H15 N2 O2 1' 147.195 
MET 'L-peptide linking' y METHIONINE      ? 'C5 H11 N O2 S'  149.211 
PHE 'L-peptide linking' y PHENYLALANINE   ? 'C9 H11 N O2'    165.189 
PRO 'L-peptide linking' y PROLINE         ? 'C5 H9 N O2'     115.130 
SER 'L-peptide linking' y SERINE          ? 'C3 H7 N O3'     105.093 
THR 'L-peptide linking' y THREONINE       ? 'C4 H9 N O3'     119.119 
TRP 'L-peptide linking' y TRYPTOPHAN      ? 'C11 H12 N2 O2'  204.225 
TYR 'L-peptide linking' y TYROSINE        ? 'C9 H11 N O3'    181.189 
VAL 'L-peptide linking' y VALINE          ? 'C5 H11 N O2'    117.146 
# 
loop_
_pdbx_poly_seq_scheme.asym_id 
_pdbx_poly_seq_scheme.entity_id 
_pdbx_poly_seq_scheme.seq_id 
_pdbx_poly_seq_scheme.mon_id 
_pdbx_poly_seq_scheme.ndb_seq_num 
_pdbx_poly_seq_scheme.pdb_seq_num 
_pdbx_poly_seq_scheme.auth_seq_num 
_pdbx_poly_seq_scheme.pdb_mon_id 
_pdbx_poly_seq_scheme.auth_mon_id 
_pdbx_poly_seq_scheme.pdb_strand_id 
_pdbx_poly_seq_scheme.pdb_ins_code 
_pdbx_poly_seq_scheme.hetero 
A 1 1   MET 1   1   1   MET MET A . n 
A 1 2   ALA 2   2   2   ALA ALA A . n 
A 1 3   PRO 3   3   3   PRO PRO A . n 
A 1 4   PRO 4   4   4   PRO PRO A . n 
A 1 5   HIS 5   5   5   HIS HIS A . n 
A 1 6   LEU 6   6   6   LEU LEU A . n 
A 1 7   THR 7   7   7   THR THR A . n 
A 1 8   LEU 8   8   8   LEU LEU A . n 
A 1 9   SER 9   9   9   SER SER A . n 
A 1 10  PRO 10  10  10  PRO PRO A . n 
A 1 11  GLU 11  11  11  GLU GLU A . n 
A 1 12  LEU 12  12  12  LEU LEU A . n 
A 1 13  LEU 13  13  13  LEU LEU A . n 
A 1 14  ALA 14  14  14  ALA ALA A . n 
A 1 15  LYS 15  15  15  LYS LYS A . n 
A 1 16  ALA 16  16  16  ALA ALA A . n 
A 1 17  PHE 17  17  17  PHE PHE A . n 
A 1 18  PRO 18  18  18  PRO PRO A . n 
A 1 19  PHE 19  19  19  PHE PHE A . n 
A 1 20  HIS 20  20  20  HIS HIS A . n 
A 1 21  PHE 21  21  21  PHE PHE A . n 
A 1 22  ALA 22  22  22  ALA ALA A . n 
A 1 23  PHE 23  23  23  PHE PHE A . n 
A 1 24  SER 24  24  24  SER SER A . n 
A 1 25  ARG 25  25  25  ARG ARG A . n 
A 1 26  ASN 26  26  26  ASN ASN A . n 
A 1 27  ARG 27  27  27  ARG ARG A . n 
A 1 28  GLU 28  28  28  GLU GLU A . n 
A 1 29  ILE 29  29  29  ILE ILE A . n 
A 1 30  VAL 30  30  30  VAL VAL A . n 
A 1 31  GLN 31  31  31  GLN GLN A . n 
A 1 32  THR 32  32  32  THR THR A . n 
A 1 33  GLY 33  33  33  GLY GLY A . n 
A 1 34  GLU 34  34  34  GLU GLU A . n 
A 1 35  VAL 35  35  35  VAL VAL A . n 
A 1 36  LEU 36  36  36  LEU LEU A . n 
A 1 37  GLU 37  37  37  GLU GLU A . n 
A 1 38  ARG 38  38  38  ARG ARG A . n 
A 1 39  ILE 39  39  39  ILE ILE A . n 
A 1 40  SER 40  40  40  SER SER A . n 
A 1 41  PRO 41  41  41  PRO PRO A . n 
A 1 42  GLU 42  42  42  GLU GLU A . n 
A 1 43  PRO 43  43  43  PRO PRO A . n 
A 1 44  LEU 44  44  44  LEU LEU A . n 
A 1 45  VAL 45  45  45  VAL VAL A . n 
A 1 46  GLY 46  46  46  GLY GLY A . n 
A 1 47  LYS 47  47  47  LYS LYS A . n 
A 1 48  LEU 48  48  48  LEU LEU A . n 
A 1 49  ILE 49  49  49  ILE ILE A . n 
A 1 50  GLU 50  50  50  GLU GLU A . n 
A 1 51  GLN 51  51  51  GLN GLN A . n 
A 1 52  HIS 52  52  52  HIS HIS A . n 
A 1 53  PHE 53  53  53  PHE PHE A . n 
A 1 54  GLN 54  54  54  GLN GLN A . n 
A 1 55  ILE 55  55  55  ILE ILE A . n 
A 1 56  ASN 56  56  56  ASN ASN A . n 
A 1 57  ARG 57  57  57  ARG ARG A . n 
A 1 58  PRO 58  58  58  PRO PRO A . n 
A 1 59  LYS 59  59  59  LYS LYS A . n 
A 1 60  ILE 60  60  60  ILE ILE A . n 
A 1 61  LEU 61  61  61  LEU LEU A . n 
A 1 62  ILE 62  62  62  ILE ILE A . n 
A 1 63  ASP 63  63  63  ASP ASP A . n 
A 1 64  PHE 64  64  64  PHE PHE A . n 
A 1 65  ASP 65  65  65  ASP ASP A . n 
A 1 66  ALA 66  66  66  ALA ALA A . n 
A 1 67  ILE 67  67  67  ILE ILE A . n 
A 1 68  SER 68  68  68  SER SER A . n 
A 1 69  LYS 69  69  69  LYS LYS A . n 
A 1 70  GLN 70  70  70  GLN GLN A . n 
A 1 71  PRO 71  71  71  PRO PRO A . n 
A 1 72  ARG 72  72  72  ARG ARG A . n 
A 1 73  ALA 73  73  73  ALA ALA A . n 
A 1 74  LEU 74  74  74  LEU LEU A . n 
A 1 75  PHE 75  75  75  PHE PHE A . n 
A 1 76  ILE 76  76  76  ILE ILE A . n 
A 1 77  LEU 77  77  77  LEU LEU A . n 
A 1 78  GLU 78  78  78  GLU GLU A . n 
A 1 79  PHE 79  79  79  PHE PHE A . n 
A 1 80  LEU 80  80  80  LEU LEU A . n 
A 1 81  HIS 81  81  81  HIS HIS A . n 
A 1 82  ASN 82  82  82  ASN ASN A . n 
A 1 83  GLY 83  83  83  GLY GLY A . n 
A 1 84  MET 84  84  84  MET MET A . n 
A 1 85  GLN 85  85  85  GLN GLN A . n 
A 1 86  LEU 86  86  86  LEU LEU A . n 
A 1 87  LYS 87  87  87  LYS LYS A . n 
A 1 88  GLY 88  88  88  GLY GLY A . n 
A 1 89  GLN 89  89  89  GLN GLN A . n 
A 1 90  MET 90  90  90  MET MET A . n 
A 1 91  MET 91  91  91  MET MET A . n 
A 1 92  TYR 92  92  92  TYR TYR A . n 
A 1 93  GLN 93  93  93  GLN GLN A . n 
A 1 94  PRO 94  94  94  PRO PRO A . n 
A 1 95  GLU 95  95  95  GLU GLU A . n 
A 1 96  GLU 96  96  96  GLU GLU A . n 
A 1 97  GLU 97  97  97  GLU GLU A . n 
A 1 98  VAL 98  98  98  VAL VAL A . n 
A 1 99  ILE 99  99  99  ILE ILE A . n 
A 1 100 PHE 100 100 100 PHE PHE A . n 
A 1 101 PHE 101 101 101 PHE PHE A . n 
A 1 102 LEU 102 102 102 LEU LEU A . n 
A 1 103 GLY 103 103 103 GLY GLY A . n 
A 1 104 SER 104 104 104 SER SER A . n 
A 1 105 PRO 105 105 105 PRO PRO A . n 
A 1 106 TRP 106 106 106 TRP TRP A . n 
A 1 107 ILE 107 107 107 ILE ILE A . n 
A 1 108 THR 108 108 ?   ?   ?   A . n 
A 1 109 ASP 109 109 ?   ?   ?   A . n 
A 1 110 THR 110 110 ?   ?   ?   A . n 
A 1 111 THR 111 111 ?   ?   ?   A . n 
A 1 112 SER 112 112 ?   ?   ?   A . n 
A 1 113 LEU 113 113 ?   ?   ?   A . n 
A 1 114 ALA 114 114 ?   ?   ?   A . n 
A 1 115 PRO 115 115 ?   ?   ?   A . n 
A 1 116 LEU 116 116 ?   ?   ?   A . n 
A 1 117 GLY 117 117 ?   ?   ?   A . n 
A 1 118 ILE 118 118 ?   ?   ?   A . n 
A 1 119 LYS 119 119 ?   ?   ?   A . n 
A 1 120 LEU 120 120 ?   ?   ?   A . n 
A 1 121 LYS 121 121 ?   ?   ?   A . n 
B 1 1   MET 1   1   1   MET MET B . n 
B 1 2   ALA 2   2   2   ALA ALA B . n 
B 1 3   PRO 3   3   3   PRO PRO B . n 
B 1 4   PRO 4   4   4   PRO PRO B . n 
B 1 5   HIS 5   5   5   HIS HIS B . n 
B 1 6   LEU 6   6   6   LEU LEU B . n 
B 1 7   THR 7   7   7   THR THR B . n 
B 1 8   LEU 8   8   8   LEU LEU B . n 
B 1 9   SER 9   9   9   SER SER B . n 
B 1 10  PRO 10  10  10  PRO PRO B . n 
B 1 11  GLU 11  11  11  GLU GLU B . n 
B 1 12  LEU 12  12  12  LEU LEU B . n 
B 1 13  LEU 13  13  13  LEU LEU B . n 
B 1 14  ALA 14  14  14  ALA ALA B . n 
B 1 15  LYS 15  15  15  LYS LYS B . n 
B 1 16  ALA 16  16  16  ALA ALA B . n 
B 1 17  PHE 17  17  17  PHE PHE B . n 
B 1 18  PRO 18  18  18  PRO PRO B . n 
B 1 19  PHE 19  19  19  PHE PHE B . n 
B 1 20  HIS 20  20  20  HIS HIS B . n 
B 1 21  PHE 21  21  21  PHE PHE B . n 
B 1 22  ALA 22  22  22  ALA ALA B . n 
B 1 23  PHE 23  23  23  PHE PHE B . n 
B 1 24  SER 24  24  24  SER SER B . n 
B 1 25  ARG 25  25  25  ARG ARG B . n 
B 1 26  ASN 26  26  26  ASN ASN B . n 
B 1 27  ARG 27  27  27  ARG ARG B . n 
B 1 28  GLU 28  28  28  GLU GLU B . n 
B 1 29  ILE 29  29  29  ILE ILE B . n 
B 1 30  VAL 30  30  30  VAL VAL B . n 
B 1 31  GLN 31  31  31  GLN GLN B . n 
B 1 32  THR 32  32  32  THR THR B . n 
B 1 33  GLY 33  33  33  GLY GLY B . n 
B 1 34  GLU 34  34  34  GLU GLU B . n 
B 1 35  VAL 35  35  35  VAL VAL B . n 
B 1 36  LEU 36  36  36  LEU LEU B . n 
B 1 37  GLU 37  37  37  GLU GLU B . n 
B 1 38  ARG 38  38  38  ARG ARG B . n 
B 1 39  ILE 39  39  39  ILE ILE B . n 
B 1 40  SER 40  40  40  SER SER B . n 
B 1 41  PRO 41  41  41  PRO PRO B . n 
B 1 42  GLU 42  42  42  GLU GLU B . n 
B 1 43  PRO 43  43  43  PRO PRO B . n 
B 1 44  LEU 44  44  44  LEU LEU B . n 
B 1 45  VAL 45  45  45  VAL VAL B . n 
B 1 46  GLY 46  46  46  GLY GLY B . n 
B 1 47  LYS 47  47  47  LYS LYS B . n 
B 1 48  LEU 48  48  48  LEU LEU B . n 
B 1 49  ILE 49  49  49  ILE ILE B . n 
B 1 50  GLU 50  50  50  GLU GLU B . n 
B 1 51  GLN 51  51  51  GLN GLN B . n 
B 1 52  HIS 52  52  52  HIS HIS B . n 
B 1 53  PHE 53  53  53  PHE PHE B . n 
B 1 54  GLN 54  54  54  GLN GLN B . n 
B 1 55  ILE 55  55  55  ILE ILE B . n 
B 1 56  ASN 56  56  56  ASN ASN B . n 
B 1 57  ARG 57  57  57  ARG ARG B . n 
B 1 58  PRO 58  58  58  PRO PRO B . n 
B 1 59  LYS 59  59  59  LYS LYS B . n 
B 1 60  ILE 60  60  60  ILE ILE B . n 
B 1 61  LEU 61  61  61  LEU LEU B . n 
B 1 62  ILE 62  62  62  ILE ILE B . n 
B 1 63  ASP 63  63  63  ASP ASP B . n 
B 1 64  PHE 64  64  64  PHE PHE B . n 
B 1 65  ASP 65  65  65  ASP ASP B . n 
B 1 66  ALA 66  66  66  ALA ALA B . n 
B 1 67  ILE 67  67  67  ILE ILE B . n 
B 1 68  SER 68  68  68  SER SER B . n 
B 1 69  LYS 69  69  69  LYS LYS B . n 
B 1 70  GLN 70  70  70  GLN GLN B . n 
B 1 71  PRO 71  71  71  PRO PRO B . n 
B 1 72  ARG 72  72  72  ARG ARG B . n 
B 1 73  ALA 73  73  73  ALA ALA B . n 
B 1 74  LEU 74  74  74  LEU LEU B . n 
B 1 75  PHE 75  75  75  PHE PHE B . n 
B 1 76  ILE 76  76  76  ILE ILE B . n 
B 1 77  LEU 77  77  77  LEU LEU B . n 
B 1 78  GLU 78  78  78  GLU GLU B . n 
B 1 79  PHE 79  79  79  PHE PHE B . n 
B 1 80  LEU 80  80  80  LEU LEU B . n 
B 1 81  HIS 81  81  81  HIS HIS B . n 
B 1 82  ASN 82  82  82  ASN ASN B . n 
B 1 83  GLY 83  83  83  GLY GLY B . n 
B 1 84  MET 84  84  84  MET MET B . n 
B 1 85  GLN 85  85  85  GLN GLN B . n 
B 1 86  LEU 86  86  86  LEU LEU B . n 
B 1 87  LYS 87  87  87  LYS LYS B . n 
B 1 88  GLY 88  88  88  GLY GLY B . n 
B 1 89  GLN 89  89  89  GLN GLN B . n 
B 1 90  MET 90  90  90  MET MET B . n 
B 1 91  MET 91  91  91  MET MET B . n 
B 1 92  TYR 92  92  92  TYR TYR B . n 
B 1 93  GLN 93  93  93  GLN GLN B . n 
B 1 94  PRO 94  94  94  PRO PRO B . n 
B 1 95  GLU 95  95  95  GLU GLU B . n 
B 1 96  GLU 96  96  96  GLU GLU B . n 
B 1 97  GLU 97  97  97  GLU GLU B . n 
B 1 98  VAL 98  98  98  VAL VAL B . n 
B 1 99  ILE 99  99  99  ILE ILE B . n 
B 1 100 PHE 100 100 100 PHE PHE B . n 
B 1 101 PHE 101 101 101 PHE PHE B . n 
B 1 102 LEU 102 102 102 LEU LEU B . n 
B 1 103 GLY 103 103 103 GLY GLY B . n 
B 1 104 SER 104 104 104 SER SER B . n 
B 1 105 PRO 105 105 105 PRO PRO B . n 
B 1 106 TRP 106 106 ?   ?   ?   B . n 
B 1 107 ILE 107 107 ?   ?   ?   B . n 
B 1 108 THR 108 108 ?   ?   ?   B . n 
B 1 109 ASP 109 109 ?   ?   ?   B . n 
B 1 110 THR 110 110 ?   ?   ?   B . n 
B 1 111 THR 111 111 ?   ?   ?   B . n 
B 1 112 SER 112 112 ?   ?   ?   B . n 
B 1 113 LEU 113 113 ?   ?   ?   B . n 
B 1 114 ALA 114 114 ?   ?   ?   B . n 
B 1 115 PRO 115 115 ?   ?   ?   B . n 
B 1 116 LEU 116 116 ?   ?   ?   B . n 
B 1 117 GLY 117 117 ?   ?   ?   B . n 
B 1 118 ILE 118 118 ?   ?   ?   B . n 
B 1 119 LYS 119 119 ?   ?   ?   B . n 
B 1 120 LEU 120 120 ?   ?   ?   B . n 
B 1 121 LYS 121 121 ?   ?   ?   B . n 
# 
loop_
_pdbx_nonpoly_scheme.asym_id 
_pdbx_nonpoly_scheme.entity_id 
_pdbx_nonpoly_scheme.mon_id 
_pdbx_nonpoly_scheme.ndb_seq_num 
_pdbx_nonpoly_scheme.pdb_seq_num 
_pdbx_nonpoly_scheme.auth_seq_num 
_pdbx_nonpoly_scheme.pdb_mon_id 
_pdbx_nonpoly_scheme.auth_mon_id 
_pdbx_nonpoly_scheme.pdb_strand_id 
_pdbx_nonpoly_scheme.pdb_ins_code 
C 2 HOH 1  122 1  HOH HOH A . 
C 2 HOH 2  123 2  HOH HOH A . 
C 2 HOH 3  124 3  HOH HOH A . 
C 2 HOH 4  125 4  HOH HOH A . 
C 2 HOH 5  126 6  HOH HOH A . 
C 2 HOH 6  127 8  HOH HOH A . 
C 2 HOH 7  128 9  HOH HOH A . 
C 2 HOH 8  129 11 HOH HOH A . 
C 2 HOH 9  130 12 HOH HOH A . 
C 2 HOH 10 131 14 HOH HOH A . 
C 2 HOH 11 132 15 HOH HOH A . 
C 2 HOH 12 133 16 HOH HOH A . 
C 2 HOH 13 134 20 HOH HOH A . 
C 2 HOH 14 135 21 HOH HOH A . 
C 2 HOH 15 136 22 HOH HOH A . 
C 2 HOH 16 137 24 HOH HOH A . 
C 2 HOH 17 138 25 HOH HOH A . 
C 2 HOH 18 139 26 HOH HOH A . 
C 2 HOH 19 140 28 HOH HOH A . 
C 2 HOH 20 141 30 HOH HOH A . 
C 2 HOH 21 142 31 HOH HOH A . 
C 2 HOH 22 143 32 HOH HOH A . 
C 2 HOH 23 144 36 HOH HOH A . 
C 2 HOH 24 145 37 HOH HOH A . 
C 2 HOH 25 146 38 HOH HOH A . 
C 2 HOH 26 147 41 HOH HOH A . 
C 2 HOH 27 148 42 HOH HOH A . 
C 2 HOH 28 149 45 HOH HOH A . 
C 2 HOH 29 150 46 HOH HOH A . 
C 2 HOH 30 151 47 HOH HOH A . 
C 2 HOH 31 152 53 HOH HOH A . 
D 2 HOH 1  122 5  HOH HOH B . 
D 2 HOH 2  123 7  HOH HOH B . 
D 2 HOH 3  124 10 HOH HOH B . 
D 2 HOH 4  125 13 HOH HOH B . 
D 2 HOH 5  126 17 HOH HOH B . 
D 2 HOH 6  127 18 HOH HOH B . 
D 2 HOH 7  128 19 HOH HOH B . 
D 2 HOH 8  129 23 HOH HOH B . 
D 2 HOH 9  130 27 HOH HOH B . 
D 2 HOH 10 131 29 HOH HOH B . 
D 2 HOH 11 132 33 HOH HOH B . 
D 2 HOH 12 133 34 HOH HOH B . 
D 2 HOH 13 134 35 HOH HOH B . 
D 2 HOH 14 135 39 HOH HOH B . 
D 2 HOH 15 136 40 HOH HOH B . 
D 2 HOH 16 137 43 HOH HOH B . 
D 2 HOH 17 138 44 HOH HOH B . 
D 2 HOH 18 139 48 HOH HOH B . 
D 2 HOH 19 140 49 HOH HOH B . 
D 2 HOH 20 141 50 HOH HOH B . 
D 2 HOH 21 142 51 HOH HOH B . 
D 2 HOH 22 143 52 HOH HOH B . 
D 2 HOH 23 144 54 HOH HOH B . 
D 2 HOH 24 145 55 HOH HOH B . 
# 
loop_
_software.name 
_software.classification 
_software.version 
_software.citation_id 
_software.pdbx_ordinal 
REFMAC   refinement        5.2.0019 ? 1 
HKL-3000 'data collection' .        ? 2 
HKL-2000 'data reduction'  .        ? 3 
PHASER   phasing           .        ? 4 
# 
_cell.entry_id           2P04 
_cell.length_a           95.210 
_cell.length_b           44.362 
_cell.length_c           59.740 
_cell.angle_alpha        90.00 
_cell.angle_beta         104.51 
_cell.angle_gamma        90.00 
_cell.Z_PDB              8 
_cell.pdbx_unique_axis   ? 
_cell.length_a_esd       ? 
_cell.length_b_esd       ? 
_cell.length_c_esd       ? 
_cell.angle_alpha_esd    ? 
_cell.angle_beta_esd     ? 
_cell.angle_gamma_esd    ? 
# 
_symmetry.entry_id                         2P04 
_symmetry.space_group_name_H-M             'C 1 2 1' 
_symmetry.pdbx_full_space_group_name_H-M   ? 
_symmetry.cell_setting                     ? 
_symmetry.Int_Tables_number                5 
_symmetry.space_group_name_Hall            ? 
# 
_exptl.entry_id          2P04 
_exptl.method            'X-RAY DIFFRACTION' 
_exptl.crystals_number   1 
# 
_exptl_crystal.id                    1 
_exptl_crystal.density_meas          ? 
_exptl_crystal.density_Matthews      2.20 
_exptl_crystal.density_percent_sol   44.08 
_exptl_crystal.description           ? 
_exptl_crystal.F_000                 ? 
_exptl_crystal.preparation           ? 
# 
_exptl_crystal_grow.crystal_id      1 
_exptl_crystal_grow.method          'VAPOR DIFFUSION, SITTING DROP' 
_exptl_crystal_grow.temp            298 
_exptl_crystal_grow.temp_details    ? 
_exptl_crystal_grow.pH              7.5 
_exptl_crystal_grow.pdbx_details    '0.1M Hepes pH 7.5, 1.5M LiSO4, VAPOR DIFFUSION, SITTING DROP, temperature 298K' 
_exptl_crystal_grow.pdbx_pH_range   . 
# 
_diffrn.id                     1 
_diffrn.ambient_temp           100 
_diffrn.ambient_temp_details   ? 
_diffrn.crystal_id             1 
# 
_diffrn_detector.diffrn_id              1 
_diffrn_detector.detector               CCD 
_diffrn_detector.type                   'ADSC QUANTUM 315' 
_diffrn_detector.pdbx_collection_date   2006-06-08 
_diffrn_detector.details                ? 
# 
_diffrn_radiation.diffrn_id                        1 
_diffrn_radiation.wavelength_id                    1 
_diffrn_radiation.pdbx_monochromatic_or_laue_m_l   M 
_diffrn_radiation.monochromator                    ? 
_diffrn_radiation.pdbx_diffrn_protocol             'SINGLE WAVELENGTH' 
_diffrn_radiation.pdbx_scattering_type             x-ray 
# 
_diffrn_radiation_wavelength.id           1 
_diffrn_radiation_wavelength.wavelength   0.97934 
_diffrn_radiation_wavelength.wt           1.0 
# 
_diffrn_source.diffrn_id                   1 
_diffrn_source.source                      SYNCHROTRON 
_diffrn_source.type                        'APS BEAMLINE 19-ID' 
_diffrn_source.pdbx_synchrotron_site       APS 
_diffrn_source.pdbx_synchrotron_beamline   19-ID 
_diffrn_source.pdbx_wavelength             0.97934 
_diffrn_source.pdbx_wavelength_list        ? 
# 
_reflns.entry_id                     2P04 
_reflns.observed_criterion_sigma_F   ? 
_reflns.observed_criterion_sigma_I   0 
_reflns.d_resolution_high            2.1 
_reflns.d_resolution_low             50 
_reflns.number_all                   ? 
_reflns.number_obs                   12364 
_reflns.percent_possible_obs         87.4 
_reflns.pdbx_Rmerge_I_obs            ? 
_reflns.pdbx_Rsym_value              0.119 
_reflns.pdbx_netI_over_sigmaI        10.0 
_reflns.B_iso_Wilson_estimate        ? 
_reflns.pdbx_redundancy              3.4 
_reflns.R_free_details               ? 
_reflns.limit_h_max                  ? 
_reflns.limit_h_min                  ? 
_reflns.limit_k_max                  ? 
_reflns.limit_k_min                  ? 
_reflns.limit_l_max                  ? 
_reflns.limit_l_min                  ? 
_reflns.observed_criterion_F_max     ? 
_reflns.observed_criterion_F_min     ? 
_reflns.pdbx_chi_squared             ? 
_reflns.pdbx_scaling_rejects         ? 
_reflns.pdbx_ordinal                 1 
_reflns.pdbx_diffrn_id               1 
# 
_reflns_shell.d_res_high             2.10 
_reflns_shell.d_res_low              2.18 
_reflns_shell.percent_possible_all   59.8 
_reflns_shell.Rmerge_I_obs           ? 
_reflns_shell.pdbx_Rsym_value        0.456 
_reflns_shell.meanI_over_sigI_obs    1.6 
_reflns_shell.pdbx_redundancy        1.9 
_reflns_shell.percent_possible_obs   ? 
_reflns_shell.number_unique_all      ? 
_reflns_shell.number_measured_all    ? 
_reflns_shell.number_measured_obs    ? 
_reflns_shell.number_unique_obs      ? 
_reflns_shell.pdbx_chi_squared       ? 
_reflns_shell.pdbx_ordinal           1 
_reflns_shell.pdbx_diffrn_id         1 
# 
_refine.entry_id                                 2P04 
_refine.ls_number_reflns_obs                     11666 
_refine.ls_number_reflns_all                     ? 
_refine.pdbx_ls_sigma_I                          ? 
_refine.pdbx_ls_sigma_F                          ? 
_refine.pdbx_data_cutoff_high_absF               ? 
_refine.pdbx_data_cutoff_low_absF                ? 
_refine.pdbx_data_cutoff_high_rms_absF           ? 
_refine.ls_d_res_low                             25.26 
_refine.ls_d_res_high                            2.11 
_refine.ls_percent_reflns_obs                    86.70 
_refine.ls_R_factor_obs                          0.20232 
_refine.ls_R_factor_all                          ? 
_refine.ls_R_factor_R_work                       0.19928 
_refine.ls_R_factor_R_free                       0.262 
_refine.ls_R_factor_R_free_error                 ? 
_refine.ls_R_factor_R_free_error_details         ? 
_refine.ls_percent_reflns_R_free                 5.0 
_refine.ls_number_reflns_R_free                  614 
_refine.ls_number_parameters                     ? 
_refine.ls_number_restraints                     ? 
_refine.occupancy_min                            ? 
_refine.occupancy_max                            ? 
_refine.correlation_coeff_Fo_to_Fc               0.951 
_refine.correlation_coeff_Fo_to_Fc_free          0.918 
_refine.B_iso_mean                               39.334 
_refine.aniso_B[1][1]                            0.01 
_refine.aniso_B[2][2]                            0.00 
_refine.aniso_B[3][3]                            -0.01 
_refine.aniso_B[1][2]                            0.00 
_refine.aniso_B[1][3]                            0.00 
_refine.aniso_B[2][3]                            0.00 
_refine.solvent_model_details                    MASK 
_refine.solvent_model_param_ksol                 ? 
_refine.solvent_model_param_bsol                 ? 
_refine.pdbx_solvent_vdw_probe_radii             1.20 
_refine.pdbx_solvent_ion_probe_radii             0.80 
_refine.pdbx_solvent_shrinkage_radii             0.80 
_refine.pdbx_ls_cross_valid_method               THROUGHOUT 
_refine.details                                  ? 
_refine.pdbx_starting_model                      'Truncated delta-7 H-NOXA structure' 
_refine.pdbx_method_to_determine_struct          'MOLECULAR REPLACEMENT' 
_refine.pdbx_isotropic_thermal_model             ? 
_refine.pdbx_stereochemistry_target_values       'MAXIMUM LIKELIHOOD' 
_refine.pdbx_stereochem_target_val_spec_case     ? 
_refine.pdbx_R_Free_selection_details            RANDOM 
_refine.pdbx_overall_ESU_R                       0.282 
_refine.pdbx_overall_ESU_R_Free                  0.230 
_refine.overall_SU_ML                            0.160 
_refine.overall_SU_B                             6.062 
_refine.ls_redundancy_reflns_obs                 ? 
_refine.B_iso_min                                ? 
_refine.B_iso_max                                ? 
_refine.overall_SU_R_Cruickshank_DPI             ? 
_refine.overall_SU_R_free                        ? 
_refine.ls_wR_factor_R_free                      ? 
_refine.ls_wR_factor_R_work                      ? 
_refine.overall_FOM_free_R_set                   ? 
_refine.overall_FOM_work_R_set                   ? 
_refine.pdbx_overall_phase_error                 ? 
_refine.pdbx_refine_id                           'X-RAY DIFFRACTION' 
_refine.pdbx_diffrn_id                           1 
_refine.pdbx_TLS_residual_ADP_flag               ? 
_refine.pdbx_overall_SU_R_free_Cruickshank_DPI   ? 
_refine.pdbx_overall_SU_R_Blow_DPI               ? 
_refine.pdbx_overall_SU_R_free_Blow_DPI          ? 
# 
_refine_hist.pdbx_refine_id                   'X-RAY DIFFRACTION' 
_refine_hist.cycle_id                         LAST 
_refine_hist.pdbx_number_atoms_protein        1732 
_refine_hist.pdbx_number_atoms_nucleic_acid   0 
_refine_hist.pdbx_number_atoms_ligand         0 
_refine_hist.number_atoms_solvent             55 
_refine_hist.number_atoms_total               1787 
_refine_hist.d_res_high                       2.11 
_refine_hist.d_res_low                        25.26 
# 
loop_
_refine_ls_restr.type 
_refine_ls_restr.dev_ideal 
_refine_ls_restr.dev_ideal_target 
_refine_ls_restr.weight 
_refine_ls_restr.number 
_refine_ls_restr.pdbx_refine_id 
_refine_ls_restr.pdbx_restraint_function 
r_bond_refined_d             0.011  0.022  ? 1782 'X-RAY DIFFRACTION' ? 
r_bond_other_d               ?      ?      ? ?    'X-RAY DIFFRACTION' ? 
r_angle_refined_deg          1.349  1.978  ? 2410 'X-RAY DIFFRACTION' ? 
r_angle_other_deg            ?      ?      ? ?    'X-RAY DIFFRACTION' ? 
r_dihedral_angle_1_deg       6.480  5.000  ? 210  'X-RAY DIFFRACTION' ? 
r_dihedral_angle_2_deg       36.145 24.000 ? 85   'X-RAY DIFFRACTION' ? 
r_dihedral_angle_3_deg       17.051 15.000 ? 315  'X-RAY DIFFRACTION' ? 
r_dihedral_angle_4_deg       19.559 15.000 ? 10   'X-RAY DIFFRACTION' ? 
r_chiral_restr               0.098  0.200  ? 259  'X-RAY DIFFRACTION' ? 
r_gen_planes_refined         0.005  0.020  ? 1360 'X-RAY DIFFRACTION' ? 
r_gen_planes_other           ?      ?      ? ?    'X-RAY DIFFRACTION' ? 
r_nbd_refined                0.199  0.200  ? 780  'X-RAY DIFFRACTION' ? 
r_nbd_other                  ?      ?      ? ?    'X-RAY DIFFRACTION' ? 
r_nbtor_refined              0.315  0.200  ? 1219 'X-RAY DIFFRACTION' ? 
r_nbtor_other                ?      ?      ? ?    'X-RAY DIFFRACTION' ? 
r_xyhbond_nbd_refined        0.147  0.200  ? 86   'X-RAY DIFFRACTION' ? 
r_xyhbond_nbd_other          ?      ?      ? ?    'X-RAY DIFFRACTION' ? 
r_metal_ion_refined          ?      ?      ? ?    'X-RAY DIFFRACTION' ? 
r_metal_ion_other            ?      ?      ? ?    'X-RAY DIFFRACTION' ? 
r_symmetry_vdw_refined       0.155  0.200  ? 24   'X-RAY DIFFRACTION' ? 
r_symmetry_vdw_other         ?      ?      ? ?    'X-RAY DIFFRACTION' ? 
r_symmetry_hbond_refined     0.136  0.200  ? 4    'X-RAY DIFFRACTION' ? 
r_symmetry_hbond_other       ?      ?      ? ?    'X-RAY DIFFRACTION' ? 
r_symmetry_metal_ion_refined ?      ?      ? ?    'X-RAY DIFFRACTION' ? 
r_symmetry_metal_ion_other   ?      ?      ? ?    'X-RAY DIFFRACTION' ? 
r_mcbond_it                  3.590  2.500  ? 1110 'X-RAY DIFFRACTION' ? 
r_mcbond_other               ?      ?      ? ?    'X-RAY DIFFRACTION' ? 
r_mcangle_it                 4.910  3.500  ? 1739 'X-RAY DIFFRACTION' ? 
r_scbond_it                  4.740  3.000  ? 751  'X-RAY DIFFRACTION' ? 
r_scangle_it                 6.644  4.500  ? 671  'X-RAY DIFFRACTION' ? 
r_rigid_bond_restr           ?      ?      ? ?    'X-RAY DIFFRACTION' ? 
r_sphericity_free            ?      ?      ? ?    'X-RAY DIFFRACTION' ? 
r_sphericity_bonded          ?      ?      ? ?    'X-RAY DIFFRACTION' ? 
# 
_refine_ls_shell.pdbx_total_number_of_bins_used   20 
_refine_ls_shell.d_res_high                       2.11 
_refine_ls_shell.d_res_low                        ? 
_refine_ls_shell.number_reflns_R_work             556 
_refine_ls_shell.R_factor_R_work                  ? 
_refine_ls_shell.percent_reflns_obs               ? 
_refine_ls_shell.R_factor_R_free                  ? 
_refine_ls_shell.R_factor_R_free_error            ? 
_refine_ls_shell.percent_reflns_R_free            ? 
_refine_ls_shell.number_reflns_R_free             ? 
_refine_ls_shell.number_reflns_all                ? 
_refine_ls_shell.R_factor_all                     ? 
_refine_ls_shell.number_reflns_obs                ? 
_refine_ls_shell.redundancy_reflns_obs            ? 
_refine_ls_shell.pdbx_refine_id                   'X-RAY DIFFRACTION' 
# 
_struct.entry_id                  2P04 
_struct.title                     
;2.1 Ang structure of the dimerized PAS domain of signal transduction histidine kinase from Nostoc punctiforme PCC 73102 with homology to the H-NOXA/H-NOBA domain of the soluble guanylyl cyclase
;
_struct.pdbx_model_details        ? 
_struct.pdbx_CASP_flag            ? 
_struct.pdbx_model_type_details   ? 
# 
_struct_keywords.entry_id        2P04 
_struct_keywords.pdbx_keywords   TRANSFERASE 
_struct_keywords.text            'PAS-like fold dimer, homologous to soluble guanylyl cyclase domain, TRANSFERASE' 
# 
loop_
_struct_asym.id 
_struct_asym.pdbx_blank_PDB_chainid_flag 
_struct_asym.pdbx_modified 
_struct_asym.entity_id 
_struct_asym.details 
A N N 1 ? 
B N N 1 ? 
C N N 2 ? 
D N N 2 ? 
# 
_struct_ref.id                         1 
_struct_ref.db_name                    PDB 
_struct_ref.db_code                    2P04 
_struct_ref.entity_id                  1 
_struct_ref.pdbx_seq_one_letter_code   
;MAPPHLTLSPELLAKAFPFHFAFSRNREIVQTGEVLERISPEPLVGKLIEQHFQINRPKILIDFDAISKQPRALFILEFL
HNGMQLKGQMMYQPEEEVIFFLGSPWITDTTSLAPLGIKLK
;
_struct_ref.pdbx_align_begin           1 
_struct_ref.pdbx_db_accession          2P04 
_struct_ref.pdbx_db_isoform            ? 
# 
loop_
_struct_ref_seq.align_id 
_struct_ref_seq.ref_id 
_struct_ref_seq.pdbx_PDB_id_code 
_struct_ref_seq.pdbx_strand_id 
_struct_ref_seq.seq_align_beg 
_struct_ref_seq.pdbx_seq_align_beg_ins_code 
_struct_ref_seq.seq_align_end 
_struct_ref_seq.pdbx_seq_align_end_ins_code 
_struct_ref_seq.pdbx_db_accession 
_struct_ref_seq.db_align_beg 
_struct_ref_seq.pdbx_db_align_beg_ins_code 
_struct_ref_seq.db_align_end 
_struct_ref_seq.pdbx_db_align_end_ins_code 
_struct_ref_seq.pdbx_auth_seq_align_beg 
_struct_ref_seq.pdbx_auth_seq_align_end 
1 1 2P04 A 1 ? 121 ? 2P04 1 ? 121 ? 1 121 
2 1 2P04 B 1 ? 121 ? 2P04 1 ? 121 ? 1 121 
# 
_pdbx_struct_assembly.id                   1 
_pdbx_struct_assembly.details              author_and_software_defined_assembly 
_pdbx_struct_assembly.method_details       PISA,PQS 
_pdbx_struct_assembly.oligomeric_details   dimeric 
_pdbx_struct_assembly.oligomeric_count     2 
# 
loop_
_pdbx_struct_assembly_prop.biol_id 
_pdbx_struct_assembly_prop.type 
_pdbx_struct_assembly_prop.value 
_pdbx_struct_assembly_prop.details 
1 'ABSA (A^2)' 2290  ? 
1 MORE         -17   ? 
1 'SSA (A^2)'  10870 ? 
# 
_pdbx_struct_assembly_gen.assembly_id       1 
_pdbx_struct_assembly_gen.oper_expression   1 
_pdbx_struct_assembly_gen.asym_id_list      A,B,C,D 
# 
_pdbx_struct_oper_list.id                   1 
_pdbx_struct_oper_list.type                 'identity operation' 
_pdbx_struct_oper_list.name                 1_555 
_pdbx_struct_oper_list.symmetry_operation   x,y,z 
_pdbx_struct_oper_list.matrix[1][1]         1.0000000000 
_pdbx_struct_oper_list.matrix[1][2]         0.0000000000 
_pdbx_struct_oper_list.matrix[1][3]         0.0000000000 
_pdbx_struct_oper_list.vector[1]            0.0000000000 
_pdbx_struct_oper_list.matrix[2][1]         0.0000000000 
_pdbx_struct_oper_list.matrix[2][2]         1.0000000000 
_pdbx_struct_oper_list.matrix[2][3]         0.0000000000 
_pdbx_struct_oper_list.vector[2]            0.0000000000 
_pdbx_struct_oper_list.matrix[3][1]         0.0000000000 
_pdbx_struct_oper_list.matrix[3][2]         0.0000000000 
_pdbx_struct_oper_list.matrix[3][3]         1.0000000000 
_pdbx_struct_oper_list.vector[3]            0.0000000000 
# 
_struct_biol.id   1 
# 
loop_
_struct_conf.conf_type_id 
_struct_conf.id 
_struct_conf.pdbx_PDB_helix_id 
_struct_conf.beg_label_comp_id 
_struct_conf.beg_label_asym_id 
_struct_conf.beg_label_seq_id 
_struct_conf.pdbx_beg_PDB_ins_code 
_struct_conf.end_label_comp_id 
_struct_conf.end_label_asym_id 
_struct_conf.end_label_seq_id 
_struct_conf.pdbx_end_PDB_ins_code 
_struct_conf.beg_auth_comp_id 
_struct_conf.beg_auth_asym_id 
_struct_conf.beg_auth_seq_id 
_struct_conf.end_auth_comp_id 
_struct_conf.end_auth_asym_id 
_struct_conf.end_auth_seq_id 
_struct_conf.pdbx_PDB_helix_class 
_struct_conf.details 
_struct_conf.pdbx_PDB_helix_length 
HELX_P HELX_P1 1 SER A 9  ? PHE A 17 ? SER A 9  PHE A 17 1 ? 9 
HELX_P HELX_P2 2 GLY A 33 ? SER A 40 ? GLY A 33 SER A 40 1 ? 8 
HELX_P HELX_P3 3 LEU A 48 ? GLN A 51 ? LEU A 48 GLN A 51 5 ? 4 
HELX_P HELX_P4 4 ASP A 63 ? LYS A 69 ? ASP A 63 LYS A 69 1 ? 7 
HELX_P HELX_P5 5 SER B 9  ? PHE B 17 ? SER B 9  PHE B 17 1 ? 9 
HELX_P HELX_P6 6 GLY B 33 ? ILE B 39 ? GLY B 33 ILE B 39 1 ? 7 
HELX_P HELX_P7 7 LEU B 48 ? GLN B 51 ? LEU B 48 GLN B 51 5 ? 4 
HELX_P HELX_P8 8 ASP B 63 ? LYS B 69 ? ASP B 63 LYS B 69 1 ? 7 
# 
_struct_conf_type.id          HELX_P 
_struct_conf_type.criteria    ? 
_struct_conf_type.reference   ? 
# 
loop_
_struct_mon_prot_cis.pdbx_id 
_struct_mon_prot_cis.label_comp_id 
_struct_mon_prot_cis.label_seq_id 
_struct_mon_prot_cis.label_asym_id 
_struct_mon_prot_cis.label_alt_id 
_struct_mon_prot_cis.pdbx_PDB_ins_code 
_struct_mon_prot_cis.auth_comp_id 
_struct_mon_prot_cis.auth_seq_id 
_struct_mon_prot_cis.auth_asym_id 
_struct_mon_prot_cis.pdbx_label_comp_id_2 
_struct_mon_prot_cis.pdbx_label_seq_id_2 
_struct_mon_prot_cis.pdbx_label_asym_id_2 
_struct_mon_prot_cis.pdbx_PDB_ins_code_2 
_struct_mon_prot_cis.pdbx_auth_comp_id_2 
_struct_mon_prot_cis.pdbx_auth_seq_id_2 
_struct_mon_prot_cis.pdbx_auth_asym_id_2 
_struct_mon_prot_cis.pdbx_PDB_model_num 
_struct_mon_prot_cis.pdbx_omega_angle 
1 ARG 57 A . ? ARG 57 A PRO 58 A ? PRO 58 A 1 -3.28  
2 ARG 57 B . ? ARG 57 B PRO 58 B ? PRO 58 B 1 -10.48 
# 
loop_
_struct_sheet.id 
_struct_sheet.type 
_struct_sheet.number_strands 
_struct_sheet.details 
A ? 6 ? 
B ? 6 ? 
# 
loop_
_struct_sheet_order.sheet_id 
_struct_sheet_order.range_id_1 
_struct_sheet_order.range_id_2 
_struct_sheet_order.offset 
_struct_sheet_order.sense 
A 1 2 ? anti-parallel 
A 2 3 ? anti-parallel 
A 3 4 ? anti-parallel 
A 4 5 ? anti-parallel 
A 5 6 ? anti-parallel 
B 1 2 ? anti-parallel 
B 2 3 ? anti-parallel 
B 3 4 ? anti-parallel 
B 4 5 ? anti-parallel 
B 5 6 ? anti-parallel 
# 
loop_
_struct_sheet_range.sheet_id 
_struct_sheet_range.id 
_struct_sheet_range.beg_label_comp_id 
_struct_sheet_range.beg_label_asym_id 
_struct_sheet_range.beg_label_seq_id 
_struct_sheet_range.pdbx_beg_PDB_ins_code 
_struct_sheet_range.end_label_comp_id 
_struct_sheet_range.end_label_asym_id 
_struct_sheet_range.end_label_seq_id 
_struct_sheet_range.pdbx_end_PDB_ins_code 
_struct_sheet_range.beg_auth_comp_id 
_struct_sheet_range.beg_auth_asym_id 
_struct_sheet_range.beg_auth_seq_id 
_struct_sheet_range.end_auth_comp_id 
_struct_sheet_range.end_auth_asym_id 
_struct_sheet_range.end_auth_seq_id 
A 1 ILE A 29 ? THR A 32  ? ILE A 29 THR A 32  
A 2 PHE A 21 ? SER A 24  ? PHE A 21 SER A 24  
A 3 VAL A 98 ? PRO A 105 ? VAL A 98 PRO A 105 
A 4 GLN A 85 ? GLN A 93  ? GLN A 85 GLN A 93  
A 5 PHE A 75 ? PHE A 79  ? PHE A 75 PHE A 79  
A 6 PHE A 53 ? ARG A 57  ? PHE A 53 ARG A 57  
B 1 ILE B 29 ? THR B 32  ? ILE B 29 THR B 32  
B 2 PHE B 21 ? SER B 24  ? PHE B 21 SER B 24  
B 3 VAL B 98 ? SER B 104 ? VAL B 98 SER B 104 
B 4 GLN B 85 ? GLN B 93  ? GLN B 85 GLN B 93  
B 5 PHE B 75 ? PHE B 79  ? PHE B 75 PHE B 79  
B 6 PHE B 53 ? ARG B 57  ? PHE B 53 ARG B 57  
# 
loop_
_pdbx_struct_sheet_hbond.sheet_id 
_pdbx_struct_sheet_hbond.range_id_1 
_pdbx_struct_sheet_hbond.range_id_2 
_pdbx_struct_sheet_hbond.range_1_label_atom_id 
_pdbx_struct_sheet_hbond.range_1_label_comp_id 
_pdbx_struct_sheet_hbond.range_1_label_asym_id 
_pdbx_struct_sheet_hbond.range_1_label_seq_id 
_pdbx_struct_sheet_hbond.range_1_PDB_ins_code 
_pdbx_struct_sheet_hbond.range_1_auth_atom_id 
_pdbx_struct_sheet_hbond.range_1_auth_comp_id 
_pdbx_struct_sheet_hbond.range_1_auth_asym_id 
_pdbx_struct_sheet_hbond.range_1_auth_seq_id 
_pdbx_struct_sheet_hbond.range_2_label_atom_id 
_pdbx_struct_sheet_hbond.range_2_label_comp_id 
_pdbx_struct_sheet_hbond.range_2_label_asym_id 
_pdbx_struct_sheet_hbond.range_2_label_seq_id 
_pdbx_struct_sheet_hbond.range_2_PDB_ins_code 
_pdbx_struct_sheet_hbond.range_2_auth_atom_id 
_pdbx_struct_sheet_hbond.range_2_auth_comp_id 
_pdbx_struct_sheet_hbond.range_2_auth_asym_id 
_pdbx_struct_sheet_hbond.range_2_auth_seq_id 
A 1 2 O VAL A 30 ? O VAL A 30 N ALA A 22  ? N ALA A 22  
A 2 3 N PHE A 21 ? N PHE A 21 O PHE A 101 ? O PHE A 101 
A 3 4 O VAL A 98 ? O VAL A 98 N GLN A 93  ? N GLN A 93  
A 4 5 O LEU A 86 ? O LEU A 86 N LEU A 77  ? N LEU A 77  
A 5 6 O ILE A 76 ? O ILE A 76 N ASN A 56  ? N ASN A 56  
B 1 2 O VAL B 30 ? O VAL B 30 N ALA B 22  ? N ALA B 22  
B 2 3 N PHE B 21 ? N PHE B 21 O PHE B 101 ? O PHE B 101 
B 3 4 O VAL B 98 ? O VAL B 98 N GLN B 93  ? N GLN B 93  
B 4 5 O LEU B 86 ? O LEU B 86 N LEU B 77  ? N LEU B 77  
B 5 6 O ILE B 76 ? O ILE B 76 N ASN B 56  ? N ASN B 56  
# 
loop_
_pdbx_validate_torsion.id 
_pdbx_validate_torsion.PDB_model_num 
_pdbx_validate_torsion.auth_comp_id 
_pdbx_validate_torsion.auth_asym_id 
_pdbx_validate_torsion.auth_seq_id 
_pdbx_validate_torsion.PDB_ins_code 
_pdbx_validate_torsion.label_alt_id 
_pdbx_validate_torsion.phi 
_pdbx_validate_torsion.psi 
1 1 GLN A 70 ? ? -151.05 63.48 
2 1 GLN B 70 ? ? -114.28 60.62 
# 
loop_
_pdbx_unobs_or_zero_occ_residues.id 
_pdbx_unobs_or_zero_occ_residues.PDB_model_num 
_pdbx_unobs_or_zero_occ_residues.polymer_flag 
_pdbx_unobs_or_zero_occ_residues.occupancy_flag 
_pdbx_unobs_or_zero_occ_residues.auth_asym_id 
_pdbx_unobs_or_zero_occ_residues.auth_comp_id 
_pdbx_unobs_or_zero_occ_residues.auth_seq_id 
_pdbx_unobs_or_zero_occ_residues.PDB_ins_code 
_pdbx_unobs_or_zero_occ_residues.label_asym_id 
_pdbx_unobs_or_zero_occ_residues.label_comp_id 
_pdbx_unobs_or_zero_occ_residues.label_seq_id 
1  1 Y 1 A THR 108 ? A THR 108 
2  1 Y 1 A ASP 109 ? A ASP 109 
3  1 Y 1 A THR 110 ? A THR 110 
4  1 Y 1 A THR 111 ? A THR 111 
5  1 Y 1 A SER 112 ? A SER 112 
6  1 Y 1 A LEU 113 ? A LEU 113 
7  1 Y 1 A ALA 114 ? A ALA 114 
8  1 Y 1 A PRO 115 ? A PRO 115 
9  1 Y 1 A LEU 116 ? A LEU 116 
10 1 Y 1 A GLY 117 ? A GLY 117 
11 1 Y 1 A ILE 118 ? A ILE 118 
12 1 Y 1 A LYS 119 ? A LYS 119 
13 1 Y 1 A LEU 120 ? A LEU 120 
14 1 Y 1 A LYS 121 ? A LYS 121 
15 1 Y 1 B TRP 106 ? B TRP 106 
16 1 Y 1 B ILE 107 ? B ILE 107 
17 1 Y 1 B THR 108 ? B THR 108 
18 1 Y 1 B ASP 109 ? B ASP 109 
19 1 Y 1 B THR 110 ? B THR 110 
20 1 Y 1 B THR 111 ? B THR 111 
21 1 Y 1 B SER 112 ? B SER 112 
22 1 Y 1 B LEU 113 ? B LEU 113 
23 1 Y 1 B ALA 114 ? B ALA 114 
24 1 Y 1 B PRO 115 ? B PRO 115 
25 1 Y 1 B LEU 116 ? B LEU 116 
26 1 Y 1 B GLY 117 ? B GLY 117 
27 1 Y 1 B ILE 118 ? B ILE 118 
28 1 Y 1 B LYS 119 ? B LYS 119 
29 1 Y 1 B LEU 120 ? B LEU 120 
30 1 Y 1 B LYS 121 ? B LYS 121 
# 
loop_
_chem_comp_atom.comp_id 
_chem_comp_atom.atom_id 
_chem_comp_atom.type_symbol 
_chem_comp_atom.pdbx_aromatic_flag 
_chem_comp_atom.pdbx_stereo_config 
_chem_comp_atom.pdbx_ordinal 
ALA N    N N N 1   
ALA CA   C N S 2   
ALA C    C N N 3   
ALA O    O N N 4   
ALA CB   C N N 5   
ALA OXT  O N N 6   
ALA H    H N N 7   
ALA H2   H N N 8   
ALA HA   H N N 9   
ALA HB1  H N N 10  
ALA HB2  H N N 11  
ALA HB3  H N N 12  
ALA HXT  H N N 13  
ARG N    N N N 14  
ARG CA   C N S 15  
ARG C    C N N 16  
ARG O    O N N 17  
ARG CB   C N N 18  
ARG CG   C N N 19  
ARG CD   C N N 20  
ARG NE   N N N 21  
ARG CZ   C N N 22  
ARG NH1  N N N 23  
ARG NH2  N N N 24  
ARG OXT  O N N 25  
ARG H    H N N 26  
ARG H2   H N N 27  
ARG HA   H N N 28  
ARG HB2  H N N 29  
ARG HB3  H N N 30  
ARG HG2  H N N 31  
ARG HG3  H N N 32  
ARG HD2  H N N 33  
ARG HD3  H N N 34  
ARG HE   H N N 35  
ARG HH11 H N N 36  
ARG HH12 H N N 37  
ARG HH21 H N N 38  
ARG HH22 H N N 39  
ARG HXT  H N N 40  
ASN N    N N N 41  
ASN CA   C N S 42  
ASN C    C N N 43  
ASN O    O N N 44  
ASN CB   C N N 45  
ASN CG   C N N 46  
ASN OD1  O N N 47  
ASN ND2  N N N 48  
ASN OXT  O N N 49  
ASN H    H N N 50  
ASN H2   H N N 51  
ASN HA   H N N 52  
ASN HB2  H N N 53  
ASN HB3  H N N 54  
ASN HD21 H N N 55  
ASN HD22 H N N 56  
ASN HXT  H N N 57  
ASP N    N N N 58  
ASP CA   C N S 59  
ASP C    C N N 60  
ASP O    O N N 61  
ASP CB   C N N 62  
ASP CG   C N N 63  
ASP OD1  O N N 64  
ASP OD2  O N N 65  
ASP OXT  O N N 66  
ASP H    H N N 67  
ASP H2   H N N 68  
ASP HA   H N N 69  
ASP HB2  H N N 70  
ASP HB3  H N N 71  
ASP HD2  H N N 72  
ASP HXT  H N N 73  
GLN N    N N N 74  
GLN CA   C N S 75  
GLN C    C N N 76  
GLN O    O N N 77  
GLN CB   C N N 78  
GLN CG   C N N 79  
GLN CD   C N N 80  
GLN OE1  O N N 81  
GLN NE2  N N N 82  
GLN OXT  O N N 83  
GLN H    H N N 84  
GLN H2   H N N 85  
GLN HA   H N N 86  
GLN HB2  H N N 87  
GLN HB3  H N N 88  
GLN HG2  H N N 89  
GLN HG3  H N N 90  
GLN HE21 H N N 91  
GLN HE22 H N N 92  
GLN HXT  H N N 93  
GLU N    N N N 94  
GLU CA   C N S 95  
GLU C    C N N 96  
GLU O    O N N 97  
GLU CB   C N N 98  
GLU CG   C N N 99  
GLU CD   C N N 100 
GLU OE1  O N N 101 
GLU OE2  O N N 102 
GLU OXT  O N N 103 
GLU H    H N N 104 
GLU H2   H N N 105 
GLU HA   H N N 106 
GLU HB2  H N N 107 
GLU HB3  H N N 108 
GLU HG2  H N N 109 
GLU HG3  H N N 110 
GLU HE2  H N N 111 
GLU HXT  H N N 112 
GLY N    N N N 113 
GLY CA   C N N 114 
GLY C    C N N 115 
GLY O    O N N 116 
GLY OXT  O N N 117 
GLY H    H N N 118 
GLY H2   H N N 119 
GLY HA2  H N N 120 
GLY HA3  H N N 121 
GLY HXT  H N N 122 
HIS N    N N N 123 
HIS CA   C N S 124 
HIS C    C N N 125 
HIS O    O N N 126 
HIS CB   C N N 127 
HIS CG   C Y N 128 
HIS ND1  N Y N 129 
HIS CD2  C Y N 130 
HIS CE1  C Y N 131 
HIS NE2  N Y N 132 
HIS OXT  O N N 133 
HIS H    H N N 134 
HIS H2   H N N 135 
HIS HA   H N N 136 
HIS HB2  H N N 137 
HIS HB3  H N N 138 
HIS HD1  H N N 139 
HIS HD2  H N N 140 
HIS HE1  H N N 141 
HIS HE2  H N N 142 
HIS HXT  H N N 143 
HOH O    O N N 144 
HOH H1   H N N 145 
HOH H2   H N N 146 
ILE N    N N N 147 
ILE CA   C N S 148 
ILE C    C N N 149 
ILE O    O N N 150 
ILE CB   C N S 151 
ILE CG1  C N N 152 
ILE CG2  C N N 153 
ILE CD1  C N N 154 
ILE OXT  O N N 155 
ILE H    H N N 156 
ILE H2   H N N 157 
ILE HA   H N N 158 
ILE HB   H N N 159 
ILE HG12 H N N 160 
ILE HG13 H N N 161 
ILE HG21 H N N 162 
ILE HG22 H N N 163 
ILE HG23 H N N 164 
ILE HD11 H N N 165 
ILE HD12 H N N 166 
ILE HD13 H N N 167 
ILE HXT  H N N 168 
LEU N    N N N 169 
LEU CA   C N S 170 
LEU C    C N N 171 
LEU O    O N N 172 
LEU CB   C N N 173 
LEU CG   C N N 174 
LEU CD1  C N N 175 
LEU CD2  C N N 176 
LEU OXT  O N N 177 
LEU H    H N N 178 
LEU H2   H N N 179 
LEU HA   H N N 180 
LEU HB2  H N N 181 
LEU HB3  H N N 182 
LEU HG   H N N 183 
LEU HD11 H N N 184 
LEU HD12 H N N 185 
LEU HD13 H N N 186 
LEU HD21 H N N 187 
LEU HD22 H N N 188 
LEU HD23 H N N 189 
LEU HXT  H N N 190 
LYS N    N N N 191 
LYS CA   C N S 192 
LYS C    C N N 193 
LYS O    O N N 194 
LYS CB   C N N 195 
LYS CG   C N N 196 
LYS CD   C N N 197 
LYS CE   C N N 198 
LYS NZ   N N N 199 
LYS OXT  O N N 200 
LYS H    H N N 201 
LYS H2   H N N 202 
LYS HA   H N N 203 
LYS HB2  H N N 204 
LYS HB3  H N N 205 
LYS HG2  H N N 206 
LYS HG3  H N N 207 
LYS HD2  H N N 208 
LYS HD3  H N N 209 
LYS HE2  H N N 210 
LYS HE3  H N N 211 
LYS HZ1  H N N 212 
LYS HZ2  H N N 213 
LYS HZ3  H N N 214 
LYS HXT  H N N 215 
MET N    N N N 216 
MET CA   C N S 217 
MET C    C N N 218 
MET O    O N N 219 
MET CB   C N N 220 
MET CG   C N N 221 
MET SD   S N N 222 
MET CE   C N N 223 
MET OXT  O N N 224 
MET H    H N N 225 
MET H2   H N N 226 
MET HA   H N N 227 
MET HB2  H N N 228 
MET HB3  H N N 229 
MET HG2  H N N 230 
MET HG3  H N N 231 
MET HE1  H N N 232 
MET HE2  H N N 233 
MET HE3  H N N 234 
MET HXT  H N N 235 
PHE N    N N N 236 
PHE CA   C N S 237 
PHE C    C N N 238 
PHE O    O N N 239 
PHE CB   C N N 240 
PHE CG   C Y N 241 
PHE CD1  C Y N 242 
PHE CD2  C Y N 243 
PHE CE1  C Y N 244 
PHE CE2  C Y N 245 
PHE CZ   C Y N 246 
PHE OXT  O N N 247 
PHE H    H N N 248 
PHE H2   H N N 249 
PHE HA   H N N 250 
PHE HB2  H N N 251 
PHE HB3  H N N 252 
PHE HD1  H N N 253 
PHE HD2  H N N 254 
PHE HE1  H N N 255 
PHE HE2  H N N 256 
PHE HZ   H N N 257 
PHE HXT  H N N 258 
PRO N    N N N 259 
PRO CA   C N S 260 
PRO C    C N N 261 
PRO O    O N N 262 
PRO CB   C N N 263 
PRO CG   C N N 264 
PRO CD   C N N 265 
PRO OXT  O N N 266 
PRO H    H N N 267 
PRO HA   H N N 268 
PRO HB2  H N N 269 
PRO HB3  H N N 270 
PRO HG2  H N N 271 
PRO HG3  H N N 272 
PRO HD2  H N N 273 
PRO HD3  H N N 274 
PRO HXT  H N N 275 
SER N    N N N 276 
SER CA   C N S 277 
SER C    C N N 278 
SER O    O N N 279 
SER CB   C N N 280 
SER OG   O N N 281 
SER OXT  O N N 282 
SER H    H N N 283 
SER H2   H N N 284 
SER HA   H N N 285 
SER HB2  H N N 286 
SER HB3  H N N 287 
SER HG   H N N 288 
SER HXT  H N N 289 
THR N    N N N 290 
THR CA   C N S 291 
THR C    C N N 292 
THR O    O N N 293 
THR CB   C N R 294 
THR OG1  O N N 295 
THR CG2  C N N 296 
THR OXT  O N N 297 
THR H    H N N 298 
THR H2   H N N 299 
THR HA   H N N 300 
THR HB   H N N 301 
THR HG1  H N N 302 
THR HG21 H N N 303 
THR HG22 H N N 304 
THR HG23 H N N 305 
THR HXT  H N N 306 
TRP N    N N N 307 
TRP CA   C N S 308 
TRP C    C N N 309 
TRP O    O N N 310 
TRP CB   C N N 311 
TRP CG   C Y N 312 
TRP CD1  C Y N 313 
TRP CD2  C Y N 314 
TRP NE1  N Y N 315 
TRP CE2  C Y N 316 
TRP CE3  C Y N 317 
TRP CZ2  C Y N 318 
TRP CZ3  C Y N 319 
TRP CH2  C Y N 320 
TRP OXT  O N N 321 
TRP H    H N N 322 
TRP H2   H N N 323 
TRP HA   H N N 324 
TRP HB2  H N N 325 
TRP HB3  H N N 326 
TRP HD1  H N N 327 
TRP HE1  H N N 328 
TRP HE3  H N N 329 
TRP HZ2  H N N 330 
TRP HZ3  H N N 331 
TRP HH2  H N N 332 
TRP HXT  H N N 333 
TYR N    N N N 334 
TYR CA   C N S 335 
TYR C    C N N 336 
TYR O    O N N 337 
TYR CB   C N N 338 
TYR CG   C Y N 339 
TYR CD1  C Y N 340 
TYR CD2  C Y N 341 
TYR CE1  C Y N 342 
TYR CE2  C Y N 343 
TYR CZ   C Y N 344 
TYR OH   O N N 345 
TYR OXT  O N N 346 
TYR H    H N N 347 
TYR H2   H N N 348 
TYR HA   H N N 349 
TYR HB2  H N N 350 
TYR HB3  H N N 351 
TYR HD1  H N N 352 
TYR HD2  H N N 353 
TYR HE1  H N N 354 
TYR HE2  H N N 355 
TYR HH   H N N 356 
TYR HXT  H N N 357 
VAL N    N N N 358 
VAL CA   C N S 359 
VAL C    C N N 360 
VAL O    O N N 361 
VAL CB   C N N 362 
VAL CG1  C N N 363 
VAL CG2  C N N 364 
VAL OXT  O N N 365 
VAL H    H N N 366 
VAL H2   H N N 367 
VAL HA   H N N 368 
VAL HB   H N N 369 
VAL HG11 H N N 370 
VAL HG12 H N N 371 
VAL HG13 H N N 372 
VAL HG21 H N N 373 
VAL HG22 H N N 374 
VAL HG23 H N N 375 
VAL HXT  H N N 376 
# 
loop_
_chem_comp_bond.comp_id 
_chem_comp_bond.atom_id_1 
_chem_comp_bond.atom_id_2 
_chem_comp_bond.value_order 
_chem_comp_bond.pdbx_aromatic_flag 
_chem_comp_bond.pdbx_stereo_config 
_chem_comp_bond.pdbx_ordinal 
ALA N   CA   sing N N 1   
ALA N   H    sing N N 2   
ALA N   H2   sing N N 3   
ALA CA  C    sing N N 4   
ALA CA  CB   sing N N 5   
ALA CA  HA   sing N N 6   
ALA C   O    doub N N 7   
ALA C   OXT  sing N N 8   
ALA CB  HB1  sing N N 9   
ALA CB  HB2  sing N N 10  
ALA CB  HB3  sing N N 11  
ALA OXT HXT  sing N N 12  
ARG N   CA   sing N N 13  
ARG N   H    sing N N 14  
ARG N   H2   sing N N 15  
ARG CA  C    sing N N 16  
ARG CA  CB   sing N N 17  
ARG CA  HA   sing N N 18  
ARG C   O    doub N N 19  
ARG C   OXT  sing N N 20  
ARG CB  CG   sing N N 21  
ARG CB  HB2  sing N N 22  
ARG CB  HB3  sing N N 23  
ARG CG  CD   sing N N 24  
ARG CG  HG2  sing N N 25  
ARG CG  HG3  sing N N 26  
ARG CD  NE   sing N N 27  
ARG CD  HD2  sing N N 28  
ARG CD  HD3  sing N N 29  
ARG NE  CZ   sing N N 30  
ARG NE  HE   sing N N 31  
ARG CZ  NH1  sing N N 32  
ARG CZ  NH2  doub N N 33  
ARG NH1 HH11 sing N N 34  
ARG NH1 HH12 sing N N 35  
ARG NH2 HH21 sing N N 36  
ARG NH2 HH22 sing N N 37  
ARG OXT HXT  sing N N 38  
ASN N   CA   sing N N 39  
ASN N   H    sing N N 40  
ASN N   H2   sing N N 41  
ASN CA  C    sing N N 42  
ASN CA  CB   sing N N 43  
ASN CA  HA   sing N N 44  
ASN C   O    doub N N 45  
ASN C   OXT  sing N N 46  
ASN CB  CG   sing N N 47  
ASN CB  HB2  sing N N 48  
ASN CB  HB3  sing N N 49  
ASN CG  OD1  doub N N 50  
ASN CG  ND2  sing N N 51  
ASN ND2 HD21 sing N N 52  
ASN ND2 HD22 sing N N 53  
ASN OXT HXT  sing N N 54  
ASP N   CA   sing N N 55  
ASP N   H    sing N N 56  
ASP N   H2   sing N N 57  
ASP CA  C    sing N N 58  
ASP CA  CB   sing N N 59  
ASP CA  HA   sing N N 60  
ASP C   O    doub N N 61  
ASP C   OXT  sing N N 62  
ASP CB  CG   sing N N 63  
ASP CB  HB2  sing N N 64  
ASP CB  HB3  sing N N 65  
ASP CG  OD1  doub N N 66  
ASP CG  OD2  sing N N 67  
ASP OD2 HD2  sing N N 68  
ASP OXT HXT  sing N N 69  
GLN N   CA   sing N N 70  
GLN N   H    sing N N 71  
GLN N   H2   sing N N 72  
GLN CA  C    sing N N 73  
GLN CA  CB   sing N N 74  
GLN CA  HA   sing N N 75  
GLN C   O    doub N N 76  
GLN C   OXT  sing N N 77  
GLN CB  CG   sing N N 78  
GLN CB  HB2  sing N N 79  
GLN CB  HB3  sing N N 80  
GLN CG  CD   sing N N 81  
GLN CG  HG2  sing N N 82  
GLN CG  HG3  sing N N 83  
GLN CD  OE1  doub N N 84  
GLN CD  NE2  sing N N 85  
GLN NE2 HE21 sing N N 86  
GLN NE2 HE22 sing N N 87  
GLN OXT HXT  sing N N 88  
GLU N   CA   sing N N 89  
GLU N   H    sing N N 90  
GLU N   H2   sing N N 91  
GLU CA  C    sing N N 92  
GLU CA  CB   sing N N 93  
GLU CA  HA   sing N N 94  
GLU C   O    doub N N 95  
GLU C   OXT  sing N N 96  
GLU CB  CG   sing N N 97  
GLU CB  HB2  sing N N 98  
GLU CB  HB3  sing N N 99  
GLU CG  CD   sing N N 100 
GLU CG  HG2  sing N N 101 
GLU CG  HG3  sing N N 102 
GLU CD  OE1  doub N N 103 
GLU CD  OE2  sing N N 104 
GLU OE2 HE2  sing N N 105 
GLU OXT HXT  sing N N 106 
GLY N   CA   sing N N 107 
GLY N   H    sing N N 108 
GLY N   H2   sing N N 109 
GLY CA  C    sing N N 110 
GLY CA  HA2  sing N N 111 
GLY CA  HA3  sing N N 112 
GLY C   O    doub N N 113 
GLY C   OXT  sing N N 114 
GLY OXT HXT  sing N N 115 
HIS N   CA   sing N N 116 
HIS N   H    sing N N 117 
HIS N   H2   sing N N 118 
HIS CA  C    sing N N 119 
HIS CA  CB   sing N N 120 
HIS CA  HA   sing N N 121 
HIS C   O    doub N N 122 
HIS C   OXT  sing N N 123 
HIS CB  CG   sing N N 124 
HIS CB  HB2  sing N N 125 
HIS CB  HB3  sing N N 126 
HIS CG  ND1  sing Y N 127 
HIS CG  CD2  doub Y N 128 
HIS ND1 CE1  doub Y N 129 
HIS ND1 HD1  sing N N 130 
HIS CD2 NE2  sing Y N 131 
HIS CD2 HD2  sing N N 132 
HIS CE1 NE2  sing Y N 133 
HIS CE1 HE1  sing N N 134 
HIS NE2 HE2  sing N N 135 
HIS OXT HXT  sing N N 136 
HOH O   H1   sing N N 137 
HOH O   H2   sing N N 138 
ILE N   CA   sing N N 139 
ILE N   H    sing N N 140 
ILE N   H2   sing N N 141 
ILE CA  C    sing N N 142 
ILE CA  CB   sing N N 143 
ILE CA  HA   sing N N 144 
ILE C   O    doub N N 145 
ILE C   OXT  sing N N 146 
ILE CB  CG1  sing N N 147 
ILE CB  CG2  sing N N 148 
ILE CB  HB   sing N N 149 
ILE CG1 CD1  sing N N 150 
ILE CG1 HG12 sing N N 151 
ILE CG1 HG13 sing N N 152 
ILE CG2 HG21 sing N N 153 
ILE CG2 HG22 sing N N 154 
ILE CG2 HG23 sing N N 155 
ILE CD1 HD11 sing N N 156 
ILE CD1 HD12 sing N N 157 
ILE CD1 HD13 sing N N 158 
ILE OXT HXT  sing N N 159 
LEU N   CA   sing N N 160 
LEU N   H    sing N N 161 
LEU N   H2   sing N N 162 
LEU CA  C    sing N N 163 
LEU CA  CB   sing N N 164 
LEU CA  HA   sing N N 165 
LEU C   O    doub N N 166 
LEU C   OXT  sing N N 167 
LEU CB  CG   sing N N 168 
LEU CB  HB2  sing N N 169 
LEU CB  HB3  sing N N 170 
LEU CG  CD1  sing N N 171 
LEU CG  CD2  sing N N 172 
LEU CG  HG   sing N N 173 
LEU CD1 HD11 sing N N 174 
LEU CD1 HD12 sing N N 175 
LEU CD1 HD13 sing N N 176 
LEU CD2 HD21 sing N N 177 
LEU CD2 HD22 sing N N 178 
LEU CD2 HD23 sing N N 179 
LEU OXT HXT  sing N N 180 
LYS N   CA   sing N N 181 
LYS N   H    sing N N 182 
LYS N   H2   sing N N 183 
LYS CA  C    sing N N 184 
LYS CA  CB   sing N N 185 
LYS CA  HA   sing N N 186 
LYS C   O    doub N N 187 
LYS C   OXT  sing N N 188 
LYS CB  CG   sing N N 189 
LYS CB  HB2  sing N N 190 
LYS CB  HB3  sing N N 191 
LYS CG  CD   sing N N 192 
LYS CG  HG2  sing N N 193 
LYS CG  HG3  sing N N 194 
LYS CD  CE   sing N N 195 
LYS CD  HD2  sing N N 196 
LYS CD  HD3  sing N N 197 
LYS CE  NZ   sing N N 198 
LYS CE  HE2  sing N N 199 
LYS CE  HE3  sing N N 200 
LYS NZ  HZ1  sing N N 201 
LYS NZ  HZ2  sing N N 202 
LYS NZ  HZ3  sing N N 203 
LYS OXT HXT  sing N N 204 
MET N   CA   sing N N 205 
MET N   H    sing N N 206 
MET N   H2   sing N N 207 
MET CA  C    sing N N 208 
MET CA  CB   sing N N 209 
MET CA  HA   sing N N 210 
MET C   O    doub N N 211 
MET C   OXT  sing N N 212 
MET CB  CG   sing N N 213 
MET CB  HB2  sing N N 214 
MET CB  HB3  sing N N 215 
MET CG  SD   sing N N 216 
MET CG  HG2  sing N N 217 
MET CG  HG3  sing N N 218 
MET SD  CE   sing N N 219 
MET CE  HE1  sing N N 220 
MET CE  HE2  sing N N 221 
MET CE  HE3  sing N N 222 
MET OXT HXT  sing N N 223 
PHE N   CA   sing N N 224 
PHE N   H    sing N N 225 
PHE N   H2   sing N N 226 
PHE CA  C    sing N N 227 
PHE CA  CB   sing N N 228 
PHE CA  HA   sing N N 229 
PHE C   O    doub N N 230 
PHE C   OXT  sing N N 231 
PHE CB  CG   sing N N 232 
PHE CB  HB2  sing N N 233 
PHE CB  HB3  sing N N 234 
PHE CG  CD1  doub Y N 235 
PHE CG  CD2  sing Y N 236 
PHE CD1 CE1  sing Y N 237 
PHE CD1 HD1  sing N N 238 
PHE CD2 CE2  doub Y N 239 
PHE CD2 HD2  sing N N 240 
PHE CE1 CZ   doub Y N 241 
PHE CE1 HE1  sing N N 242 
PHE CE2 CZ   sing Y N 243 
PHE CE2 HE2  sing N N 244 
PHE CZ  HZ   sing N N 245 
PHE OXT HXT  sing N N 246 
PRO N   CA   sing N N 247 
PRO N   CD   sing N N 248 
PRO N   H    sing N N 249 
PRO CA  C    sing N N 250 
PRO CA  CB   sing N N 251 
PRO CA  HA   sing N N 252 
PRO C   O    doub N N 253 
PRO C   OXT  sing N N 254 
PRO CB  CG   sing N N 255 
PRO CB  HB2  sing N N 256 
PRO CB  HB3  sing N N 257 
PRO CG  CD   sing N N 258 
PRO CG  HG2  sing N N 259 
PRO CG  HG3  sing N N 260 
PRO CD  HD2  sing N N 261 
PRO CD  HD3  sing N N 262 
PRO OXT HXT  sing N N 263 
SER N   CA   sing N N 264 
SER N   H    sing N N 265 
SER N   H2   sing N N 266 
SER CA  C    sing N N 267 
SER CA  CB   sing N N 268 
SER CA  HA   sing N N 269 
SER C   O    doub N N 270 
SER C   OXT  sing N N 271 
SER CB  OG   sing N N 272 
SER CB  HB2  sing N N 273 
SER CB  HB3  sing N N 274 
SER OG  HG   sing N N 275 
SER OXT HXT  sing N N 276 
THR N   CA   sing N N 277 
THR N   H    sing N N 278 
THR N   H2   sing N N 279 
THR CA  C    sing N N 280 
THR CA  CB   sing N N 281 
THR CA  HA   sing N N 282 
THR C   O    doub N N 283 
THR C   OXT  sing N N 284 
THR CB  OG1  sing N N 285 
THR CB  CG2  sing N N 286 
THR CB  HB   sing N N 287 
THR OG1 HG1  sing N N 288 
THR CG2 HG21 sing N N 289 
THR CG2 HG22 sing N N 290 
THR CG2 HG23 sing N N 291 
THR OXT HXT  sing N N 292 
TRP N   CA   sing N N 293 
TRP N   H    sing N N 294 
TRP N   H2   sing N N 295 
TRP CA  C    sing N N 296 
TRP CA  CB   sing N N 297 
TRP CA  HA   sing N N 298 
TRP C   O    doub N N 299 
TRP C   OXT  sing N N 300 
TRP CB  CG   sing N N 301 
TRP CB  HB2  sing N N 302 
TRP CB  HB3  sing N N 303 
TRP CG  CD1  doub Y N 304 
TRP CG  CD2  sing Y N 305 
TRP CD1 NE1  sing Y N 306 
TRP CD1 HD1  sing N N 307 
TRP CD2 CE2  doub Y N 308 
TRP CD2 CE3  sing Y N 309 
TRP NE1 CE2  sing Y N 310 
TRP NE1 HE1  sing N N 311 
TRP CE2 CZ2  sing Y N 312 
TRP CE3 CZ3  doub Y N 313 
TRP CE3 HE3  sing N N 314 
TRP CZ2 CH2  doub Y N 315 
TRP CZ2 HZ2  sing N N 316 
TRP CZ3 CH2  sing Y N 317 
TRP CZ3 HZ3  sing N N 318 
TRP CH2 HH2  sing N N 319 
TRP OXT HXT  sing N N 320 
TYR N   CA   sing N N 321 
TYR N   H    sing N N 322 
TYR N   H2   sing N N 323 
TYR CA  C    sing N N 324 
TYR CA  CB   sing N N 325 
TYR CA  HA   sing N N 326 
TYR C   O    doub N N 327 
TYR C   OXT  sing N N 328 
TYR CB  CG   sing N N 329 
TYR CB  HB2  sing N N 330 
TYR CB  HB3  sing N N 331 
TYR CG  CD1  doub Y N 332 
TYR CG  CD2  sing Y N 333 
TYR CD1 CE1  sing Y N 334 
TYR CD1 HD1  sing N N 335 
TYR CD2 CE2  doub Y N 336 
TYR CD2 HD2  sing N N 337 
TYR CE1 CZ   doub Y N 338 
TYR CE1 HE1  sing N N 339 
TYR CE2 CZ   sing Y N 340 
TYR CE2 HE2  sing N N 341 
TYR CZ  OH   sing N N 342 
TYR OH  HH   sing N N 343 
TYR OXT HXT  sing N N 344 
VAL N   CA   sing N N 345 
VAL N   H    sing N N 346 
VAL N   H2   sing N N 347 
VAL CA  C    sing N N 348 
VAL CA  CB   sing N N 349 
VAL CA  HA   sing N N 350 
VAL C   O    doub N N 351 
VAL C   OXT  sing N N 352 
VAL CB  CG1  sing N N 353 
VAL CB  CG2  sing N N 354 
VAL CB  HB   sing N N 355 
VAL CG1 HG11 sing N N 356 
VAL CG1 HG12 sing N N 357 
VAL CG1 HG13 sing N N 358 
VAL CG2 HG21 sing N N 359 
VAL CG2 HG22 sing N N 360 
VAL CG2 HG23 sing N N 361 
VAL OXT HXT  sing N N 362 
# 
_pdbx_initial_refinement_model.accession_code   ? 
_pdbx_initial_refinement_model.id               1 
_pdbx_initial_refinement_model.entity_id_list   ? 
_pdbx_initial_refinement_model.type             'experimental model' 
_pdbx_initial_refinement_model.source_name      Other 
_pdbx_initial_refinement_model.details          'Truncated delta-7 H-NOXA structure' 
# 
_atom_sites.entry_id                    2P04 
_atom_sites.fract_transf_matrix[1][1]   0.00346869 
_atom_sites.fract_transf_matrix[1][2]   0.00630540 
_atom_sites.fract_transf_matrix[1][3]   0.00811853 
_atom_sites.fract_transf_matrix[2][1]   0.01532118 
_atom_sites.fract_transf_matrix[2][2]   -0.01557535 
_atom_sites.fract_transf_matrix[2][3]   0.00555081 
_atom_sites.fract_transf_matrix[3][1]   0.01243594 
_atom_sites.fract_transf_matrix[3][2]   0.00971377 
_atom_sites.fract_transf_matrix[3][3]   -0.00706885 
_atom_sites.fract_transf_vector[1]      0.254418 
_atom_sites.fract_transf_vector[2]      0.807645 
_atom_sites.fract_transf_vector[3]      0.262872 
# 
loop_
_atom_type.symbol 
C 
N 
O 
S 
# 
loop_
_atom_site.group_PDB 
_atom_site.id 
_atom_site.type_symbol 
_atom_site.label_atom_id 
_atom_site.label_alt_id 
_atom_site.label_comp_id 
_atom_site.label_asym_id 
_atom_site.label_entity_id 
_atom_site.label_seq_id 
_atom_site.pdbx_PDB_ins_code 
_atom_site.Cartn_x 
_atom_site.Cartn_y 
_atom_site.Cartn_z 
_atom_site.occupancy 
_atom_site.B_iso_or_equiv 
_atom_site.pdbx_formal_charge 
_atom_site.auth_seq_id 
_atom_site.auth_comp_id 
_atom_site.auth_asym_id 
_atom_site.auth_atom_id 
_atom_site.pdbx_PDB_model_num 
ATOM   1    N N   . MET A 1 1   ? -5.913  18.742  -15.535 1.00 53.65 ? 1   MET A N   1 
ATOM   2    C CA  . MET A 1 1   ? -5.505  17.711  -14.528 1.00 50.48 ? 1   MET A CA  1 
ATOM   3    C C   . MET A 1 1   ? -4.606  18.282  -13.418 1.00 50.31 ? 1   MET A C   1 
ATOM   4    O O   . MET A 1 1   ? -3.797  19.198  -13.652 1.00 45.25 ? 1   MET A O   1 
ATOM   5    C CB  . MET A 1 1   ? -4.825  16.511  -15.208 1.00 51.28 ? 1   MET A CB  1 
ATOM   6    C CG  . MET A 1 1   ? -5.668  15.227  -15.271 1.00 59.58 ? 1   MET A CG  1 
ATOM   7    S SD  . MET A 1 1   ? -5.872  14.361  -13.676 1.00 71.27 ? 1   MET A SD  1 
ATOM   8    C CE  . MET A 1 1   ? -7.509  14.909  -13.165 1.00 70.14 ? 1   MET A CE  1 
ATOM   9    N N   . ALA A 1 2   ? -4.807  17.759  -12.207 1.00 48.14 ? 2   ALA A N   1 
ATOM   10   C CA  . ALA A 1 2   ? -3.844  17.838  -11.106 1.00 47.03 ? 2   ALA A CA  1 
ATOM   11   C C   . ALA A 1 2   ? -3.617  16.391  -10.644 1.00 43.29 ? 2   ALA A C   1 
ATOM   12   O O   . ALA A 1 2   ? -4.210  15.920  -9.676  1.00 42.92 ? 2   ALA A O   1 
ATOM   13   C CB  . ALA A 1 2   ? -4.362  18.718  -9.972  1.00 46.99 ? 2   ALA A CB  1 
ATOM   14   N N   . PRO A 1 3   ? -2.774  15.663  -11.379 1.00 39.59 ? 3   PRO A N   1 
ATOM   15   C CA  . PRO A 1 3   ? -2.691  14.215  -11.200 1.00 37.56 ? 3   PRO A CA  1 
ATOM   16   C C   . PRO A 1 3   ? -1.947  13.878  -9.919  1.00 34.56 ? 3   PRO A C   1 
ATOM   17   O O   . PRO A 1 3   ? -1.194  14.724  -9.422  1.00 34.65 ? 3   PRO A O   1 
ATOM   18   C CB  . PRO A 1 3   ? -1.866  13.769  -12.408 1.00 39.26 ? 3   PRO A CB  1 
ATOM   19   C CG  . PRO A 1 3   ? -0.973  14.972  -12.715 1.00 31.53 ? 3   PRO A CG  1 
ATOM   20   C CD  . PRO A 1 3   ? -1.832  16.170  -12.393 1.00 36.83 ? 3   PRO A CD  1 
ATOM   21   N N   . PRO A 1 4   ? -2.157  12.663  -9.365  1.00 30.11 ? 4   PRO A N   1 
ATOM   22   C CA  . PRO A 1 4   ? -1.251  12.319  -8.263  1.00 25.30 ? 4   PRO A CA  1 
ATOM   23   C C   . PRO A 1 4   ? 0.156   12.165  -8.840  1.00 23.25 ? 4   PRO A C   1 
ATOM   24   O O   . PRO A 1 4   ? 0.315   11.775  -9.989  1.00 26.73 ? 4   PRO A O   1 
ATOM   25   C CB  . PRO A 1 4   ? -1.812  10.986  -7.725  1.00 18.12 ? 4   PRO A CB  1 
ATOM   26   C CG  . PRO A 1 4   ? -2.635  10.423  -8.864  1.00 31.15 ? 4   PRO A CG  1 
ATOM   27   C CD  . PRO A 1 4   ? -3.144  11.595  -9.656  1.00 26.75 ? 4   PRO A CD  1 
ATOM   28   N N   . HIS A 1 5   ? 1.170   12.524  -8.077  1.00 25.50 ? 5   HIS A N   1 
ATOM   29   C CA  . HIS A 1 5   ? 2.521   12.500  -8.614  1.00 26.07 ? 5   HIS A CA  1 
ATOM   30   C C   . HIS A 1 5   ? 3.539   11.841  -7.670  1.00 28.36 ? 5   HIS A C   1 
ATOM   31   O O   . HIS A 1 5   ? 4.720   11.779  -8.001  1.00 24.78 ? 5   HIS A O   1 
ATOM   32   C CB  . HIS A 1 5   ? 2.950   13.927  -8.958  1.00 23.56 ? 5   HIS A CB  1 
ATOM   33   C CG  . HIS A 1 5   ? 3.102   14.807  -7.764  1.00 24.28 ? 5   HIS A CG  1 
ATOM   34   N ND1 . HIS A 1 5   ? 2.032   15.187  -6.983  1.00 27.70 ? 5   HIS A ND1 1 
ATOM   35   C CD2 . HIS A 1 5   ? 4.202   15.355  -7.195  1.00 26.59 ? 5   HIS A CD2 1 
ATOM   36   C CE1 . HIS A 1 5   ? 2.463   15.953  -5.997  1.00 31.83 ? 5   HIS A CE1 1 
ATOM   37   N NE2 . HIS A 1 5   ? 3.775   16.074  -6.106  1.00 28.48 ? 5   HIS A NE2 1 
ATOM   38   N N   . LEU A 1 6   ? 3.079   11.354  -6.504  1.00 28.84 ? 6   LEU A N   1 
ATOM   39   C CA  . LEU A 1 6   ? 3.972   10.730  -5.504  1.00 25.04 ? 6   LEU A CA  1 
ATOM   40   C C   . LEU A 1 6   ? 3.598   9.295   -5.266  1.00 28.86 ? 6   LEU A C   1 
ATOM   41   O O   . LEU A 1 6   ? 2.401   8.926   -5.286  1.00 20.75 ? 6   LEU A O   1 
ATOM   42   C CB  . LEU A 1 6   ? 3.925   11.464  -4.174  1.00 27.03 ? 6   LEU A CB  1 
ATOM   43   C CG  . LEU A 1 6   ? 4.305   12.948  -4.156  1.00 30.50 ? 6   LEU A CG  1 
ATOM   44   C CD1 . LEU A 1 6   ? 3.741   13.626  -2.912  1.00 31.79 ? 6   LEU A CD1 1 
ATOM   45   C CD2 . LEU A 1 6   ? 5.812   13.156  -4.269  1.00 30.17 ? 6   LEU A CD2 1 
ATOM   46   N N   . THR A 1 7   ? 4.620   8.476   -5.044  1.00 26.58 ? 7   THR A N   1 
ATOM   47   C CA  . THR A 1 7   ? 4.393   7.091   -4.642  1.00 25.57 ? 7   THR A CA  1 
ATOM   48   C C   . THR A 1 7   ? 5.476   6.610   -3.692  1.00 28.71 ? 7   THR A C   1 
ATOM   49   O O   . THR A 1 7   ? 6.471   7.321   -3.445  1.00 23.33 ? 7   THR A O   1 
ATOM   50   C CB  . THR A 1 7   ? 4.205   6.140   -5.845  1.00 24.10 ? 7   THR A CB  1 
ATOM   51   O OG1 . THR A 1 7   ? 3.597   4.923   -5.391  1.00 23.39 ? 7   THR A OG1 1 
ATOM   52   C CG2 . THR A 1 7   ? 5.539   5.826   -6.553  1.00 20.13 ? 7   THR A CG2 1 
ATOM   53   N N   . LEU A 1 8   ? 5.270   5.424   -3.126  1.00 21.08 ? 8   LEU A N   1 
ATOM   54   C CA  . LEU A 1 8   ? 6.290   4.833   -2.273  1.00 24.47 ? 8   LEU A CA  1 
ATOM   55   C C   . LEU A 1 8   ? 7.410   4.364   -3.169  1.00 19.15 ? 8   LEU A C   1 
ATOM   56   O O   . LEU A 1 8   ? 7.166   3.782   -4.210  1.00 21.66 ? 8   LEU A O   1 
ATOM   57   C CB  . LEU A 1 8   ? 5.744   3.624   -1.488  1.00 21.60 ? 8   LEU A CB  1 
ATOM   58   C CG  . LEU A 1 8   ? 4.896   3.793   -0.223  1.00 24.53 ? 8   LEU A CG  1 
ATOM   59   C CD1 . LEU A 1 8   ? 3.834   4.821   -0.436  1.00 22.11 ? 8   LEU A CD1 1 
ATOM   60   C CD2 . LEU A 1 8   ? 4.276   2.454   0.107   1.00 29.28 ? 8   LEU A CD2 1 
ATOM   61   N N   . SER A 1 9   ? 8.646   4.609   -2.753  1.00 26.20 ? 9   SER A N   1 
ATOM   62   C CA  . SER A 1 9   ? 9.776   4.039   -3.445  1.00 23.66 ? 9   SER A CA  1 
ATOM   63   C C   . SER A 1 9   ? 9.733   2.519   -3.260  1.00 26.34 ? 9   SER A C   1 
ATOM   64   O O   . SER A 1 9   ? 9.169   2.001   -2.271  1.00 21.12 ? 9   SER A O   1 
ATOM   65   C CB  . SER A 1 9   ? 11.072  4.578   -2.859  1.00 29.98 ? 9   SER A CB  1 
ATOM   66   O OG  . SER A 1 9   ? 11.299  3.980   -1.581  1.00 32.62 ? 9   SER A OG  1 
ATOM   67   N N   . PRO A 1 10  ? 10.337  1.790   -4.205  1.00 26.25 ? 10  PRO A N   1 
ATOM   68   C CA  . PRO A 1 10  ? 10.381  0.347   -4.084  1.00 24.66 ? 10  PRO A CA  1 
ATOM   69   C C   . PRO A 1 10  ? 10.850  -0.139  -2.708  1.00 29.94 ? 10  PRO A C   1 
ATOM   70   O O   . PRO A 1 10  ? 10.280  -1.093  -2.184  1.00 24.01 ? 10  PRO A O   1 
ATOM   71   C CB  . PRO A 1 10  ? 11.309  -0.049  -5.223  1.00 23.02 ? 10  PRO A CB  1 
ATOM   72   C CG  . PRO A 1 10  ? 10.928  0.996   -6.291  1.00 19.12 ? 10  PRO A CG  1 
ATOM   73   C CD  . PRO A 1 10  ? 10.956  2.250   -5.468  1.00 20.54 ? 10  PRO A CD  1 
ATOM   74   N N   . GLU A 1 11  ? 11.811  0.554   -2.101  1.00 31.89 ? 11  GLU A N   1 
ATOM   75   C CA  . GLU A 1 11  ? 12.284  0.197   -0.770  1.00 37.77 ? 11  GLU A CA  1 
ATOM   76   C C   . GLU A 1 11  ? 11.224  0.375   0.326   1.00 39.64 ? 11  GLU A C   1 
ATOM   77   O O   . GLU A 1 11  ? 11.058  -0.503  1.191   1.00 38.29 ? 11  GLU A O   1 
ATOM   78   C CB  . GLU A 1 11  ? 13.534  0.995   -0.408  1.00 40.47 ? 11  GLU A CB  1 
ATOM   79   C CG  . GLU A 1 11  ? 14.047  0.666   0.983   1.00 50.26 ? 11  GLU A CG  1 
ATOM   80   C CD  . GLU A 1 11  ? 15.382  1.306   1.310   1.00 56.22 ? 11  GLU A CD  1 
ATOM   81   O OE1 . GLU A 1 11  ? 16.070  1.781   0.377   1.00 62.08 ? 11  GLU A OE1 1 
ATOM   82   O OE2 . GLU A 1 11  ? 15.745  1.319   2.509   1.00 59.34 ? 11  GLU A OE2 1 
ATOM   83   N N   . LEU A 1 12  ? 10.535  1.515   0.312   1.00 34.48 ? 12  LEU A N   1 
ATOM   84   C CA  . LEU A 1 12  ? 9.482   1.753   1.290   1.00 33.81 ? 12  LEU A CA  1 
ATOM   85   C C   . LEU A 1 12  ? 8.299   0.791   1.079   1.00 27.82 ? 12  LEU A C   1 
ATOM   86   O O   . LEU A 1 12  ? 7.711   0.306   2.043   1.00 33.23 ? 12  LEU A O   1 
ATOM   87   C CB  . LEU A 1 12  ? 9.052   3.217   1.273   1.00 33.66 ? 12  LEU A CB  1 
ATOM   88   C CG  . LEU A 1 12  ? 8.069   3.719   2.320   1.00 41.29 ? 12  LEU A CG  1 
ATOM   89   C CD1 . LEU A 1 12  ? 8.657   3.629   3.749   1.00 45.04 ? 12  LEU A CD1 1 
ATOM   90   C CD2 . LEU A 1 12  ? 7.667   5.141   1.992   1.00 38.41 ? 12  LEU A CD2 1 
ATOM   91   N N   . LEU A 1 13  ? 7.967   0.490   -0.170  1.00 26.78 ? 13  LEU A N   1 
ATOM   92   C CA  . LEU A 1 13  ? 6.928   -0.518  -0.454  1.00 27.94 ? 13  LEU A CA  1 
ATOM   93   C C   . LEU A 1 13  ? 7.251   -1.881  0.176   1.00 30.45 ? 13  LEU A C   1 
ATOM   94   O O   . LEU A 1 13  ? 6.340   -2.554  0.705   1.00 28.98 ? 13  LEU A O   1 
ATOM   95   C CB  . LEU A 1 13  ? 6.689   -0.697  -1.954  1.00 21.47 ? 13  LEU A CB  1 
ATOM   96   C CG  . LEU A 1 13  ? 5.512   -1.603  -2.390  1.00 27.51 ? 13  LEU A CG  1 
ATOM   97   C CD1 . LEU A 1 13  ? 4.148   -0.970  -2.139  1.00 32.63 ? 13  LEU A CD1 1 
ATOM   98   C CD2 . LEU A 1 13  ? 5.613   -1.972  -3.855  1.00 24.89 ? 13  LEU A CD2 1 
ATOM   99   N N   . ALA A 1 14  ? 8.529   -2.282  0.102   1.00 26.14 ? 14  ALA A N   1 
ATOM   100  C CA  . ALA A 1 14  ? 8.994   -3.537  0.698   1.00 33.31 ? 14  ALA A CA  1 
ATOM   101  C C   . ALA A 1 14  ? 8.978   -3.521  2.239   1.00 34.28 ? 14  ALA A C   1 
ATOM   102  O O   . ALA A 1 14  ? 8.909   -4.584  2.851   1.00 37.59 ? 14  ALA A O   1 
ATOM   103  C CB  . ALA A 1 14  ? 10.387  -3.899  0.194   1.00 27.85 ? 14  ALA A CB  1 
ATOM   104  N N   . LYS A 1 15  ? 9.080   -2.339  2.851   1.00 35.13 ? 15  LYS A N   1 
ATOM   105  C CA  . LYS A 1 15  ? 9.012   -2.207  4.321   1.00 42.04 ? 15  LYS A CA  1 
ATOM   106  C C   . LYS A 1 15  ? 7.563   -2.131  4.800   1.00 39.03 ? 15  LYS A C   1 
ATOM   107  O O   . LYS A 1 15  ? 7.193   -2.738  5.797   1.00 41.21 ? 15  LYS A O   1 
ATOM   108  C CB  . LYS A 1 15  ? 9.769   -0.966  4.825   1.00 47.73 ? 15  LYS A CB  1 
ATOM   109  C CG  . LYS A 1 15  ? 11.223  -0.831  4.363   1.00 53.55 ? 15  LYS A CG  1 
ATOM   110  C CD  . LYS A 1 15  ? 12.172  -1.832  4.998   1.00 58.23 ? 15  LYS A CD  1 
ATOM   111  C CE  . LYS A 1 15  ? 13.567  -1.726  4.365   1.00 59.03 ? 15  LYS A CE  1 
ATOM   112  N NZ  . LYS A 1 15  ? 14.623  -2.455  5.135   1.00 63.63 ? 15  LYS A NZ  1 
ATOM   113  N N   . ALA A 1 16  ? 6.754   -1.375  4.076   1.00 33.29 ? 16  ALA A N   1 
ATOM   114  C CA  . ALA A 1 16  ? 5.357   -1.199  4.391   1.00 30.62 ? 16  ALA A CA  1 
ATOM   115  C C   . ALA A 1 16  ? 4.585   -2.473  4.110   1.00 30.40 ? 16  ALA A C   1 
ATOM   116  O O   . ALA A 1 16  ? 3.634   -2.790  4.821   1.00 28.26 ? 16  ALA A O   1 
ATOM   117  C CB  . ALA A 1 16  ? 4.787   -0.054  3.552   1.00 33.26 ? 16  ALA A CB  1 
ATOM   118  N N   . PHE A 1 17  ? 4.972   -3.193  3.054   1.00 23.13 ? 17  PHE A N   1 
ATOM   119  C CA  . PHE A 1 17  ? 4.312   -4.452  2.736   1.00 21.97 ? 17  PHE A CA  1 
ATOM   120  C C   . PHE A 1 17  ? 5.355   -5.591  2.694   1.00 20.08 ? 17  PHE A C   1 
ATOM   121  O O   . PHE A 1 17  ? 5.766   -6.020  1.624   1.00 21.49 ? 17  PHE A O   1 
ATOM   122  C CB  . PHE A 1 17  ? 3.465   -4.334  1.453   1.00 21.30 ? 17  PHE A CB  1 
ATOM   123  C CG  . PHE A 1 17  ? 2.310   -3.363  1.579   1.00 22.09 ? 17  PHE A CG  1 
ATOM   124  C CD1 . PHE A 1 17  ? 1.041   -3.813  1.934   1.00 26.84 ? 17  PHE A CD1 1 
ATOM   125  C CD2 . PHE A 1 17  ? 2.509   -2.001  1.400   1.00 25.86 ? 17  PHE A CD2 1 
ATOM   126  C CE1 . PHE A 1 17  ? -0.009  -2.924  2.077   1.00 32.68 ? 17  PHE A CE1 1 
ATOM   127  C CE2 . PHE A 1 17  ? 1.458   -1.094  1.549   1.00 32.66 ? 17  PHE A CE2 1 
ATOM   128  C CZ  . PHE A 1 17  ? 0.202   -1.558  1.899   1.00 31.75 ? 17  PHE A CZ  1 
ATOM   129  N N   . PRO A 1 18  ? 5.800   -6.063  3.878   1.00 23.04 ? 18  PRO A N   1 
ATOM   130  C CA  . PRO A 1 18  ? 6.883   -7.084  3.903   1.00 19.98 ? 18  PRO A CA  1 
ATOM   131  C C   . PRO A 1 18  ? 6.468   -8.451  3.356   1.00 21.18 ? 18  PRO A C   1 
ATOM   132  O O   . PRO A 1 18  ? 7.329   -9.292  3.144   1.00 22.04 ? 18  PRO A O   1 
ATOM   133  C CB  . PRO A 1 18  ? 7.280   -7.141  5.386   1.00 27.03 ? 18  PRO A CB  1 
ATOM   134  C CG  . PRO A 1 18  ? 6.039   -6.715  6.144   1.00 25.25 ? 18  PRO A CG  1 
ATOM   135  C CD  . PRO A 1 18  ? 5.400   -5.644  5.246   1.00 20.78 ? 18  PRO A CD  1 
ATOM   136  N N   . PHE A 1 19  ? 5.173   -8.638  3.075   1.00 20.61 ? 19  PHE A N   1 
ATOM   137  C CA  . PHE A 1 19  ? 4.657   -9.851  2.428   1.00 23.20 ? 19  PHE A CA  1 
ATOM   138  C C   . PHE A 1 19  ? 4.082   -9.628  1.037   1.00 24.95 ? 19  PHE A C   1 
ATOM   139  O O   . PHE A 1 19  ? 3.405   -10.519 0.512   1.00 27.13 ? 19  PHE A O   1 
ATOM   140  C CB  . PHE A 1 19  ? 3.584   -10.549 3.304   1.00 25.86 ? 19  PHE A CB  1 
ATOM   141  C CG  . PHE A 1 19  ? 4.097   -10.978 4.648   1.00 32.59 ? 19  PHE A CG  1 
ATOM   142  C CD1 . PHE A 1 19  ? 4.581   -12.269 4.841   1.00 34.64 ? 19  PHE A CD1 1 
ATOM   143  C CD2 . PHE A 1 19  ? 4.131   -10.078 5.715   1.00 33.40 ? 19  PHE A CD2 1 
ATOM   144  C CE1 . PHE A 1 19  ? 5.092   -12.666 6.085   1.00 37.82 ? 19  PHE A CE1 1 
ATOM   145  C CE2 . PHE A 1 19  ? 4.645   -10.465 6.955   1.00 35.87 ? 19  PHE A CE2 1 
ATOM   146  C CZ  . PHE A 1 19  ? 5.124   -11.765 7.137   1.00 31.83 ? 19  PHE A CZ  1 
ATOM   147  N N   . HIS A 1 20  ? 4.327   -8.469  0.427   1.00 19.58 ? 20  HIS A N   1 
ATOM   148  C CA  . HIS A 1 20  ? 3.860   -8.276  -0.938  1.00 19.62 ? 20  HIS A CA  1 
ATOM   149  C C   . HIS A 1 20  ? 4.676   -9.128  -1.908  1.00 23.74 ? 20  HIS A C   1 
ATOM   150  O O   . HIS A 1 20  ? 5.810   -9.509  -1.606  1.00 20.11 ? 20  HIS A O   1 
ATOM   151  C CB  . HIS A 1 20  ? 3.889   -6.792  -1.343  1.00 15.09 ? 20  HIS A CB  1 
ATOM   152  C CG  . HIS A 1 20  ? 5.174   -6.341  -1.965  1.00 16.94 ? 20  HIS A CG  1 
ATOM   153  N ND1 . HIS A 1 20  ? 6.227   -5.830  -1.226  1.00 17.74 ? 20  HIS A ND1 1 
ATOM   154  C CD2 . HIS A 1 20  ? 5.567   -6.295  -3.265  1.00 16.45 ? 20  HIS A CD2 1 
ATOM   155  C CE1 . HIS A 1 20  ? 7.222   -5.519  -2.043  1.00 23.55 ? 20  HIS A CE1 1 
ATOM   156  N NE2 . HIS A 1 20  ? 6.841   -5.777  -3.285  1.00 21.76 ? 20  HIS A NE2 1 
ATOM   157  N N   . PHE A 1 21  ? 4.067   -9.456  -3.043  1.00 22.16 ? 21  PHE A N   1 
ATOM   158  C CA  . PHE A 1 21  ? 4.823   -9.872  -4.227  1.00 21.99 ? 21  PHE A CA  1 
ATOM   159  C C   . PHE A 1 21  ? 4.199   -9.324  -5.492  1.00 18.53 ? 21  PHE A C   1 
ATOM   160  O O   . PHE A 1 21  ? 3.032   -8.930  -5.492  1.00 17.32 ? 21  PHE A O   1 
ATOM   161  C CB  . PHE A 1 21  ? 4.999   -11.396 -4.310  1.00 22.15 ? 21  PHE A CB  1 
ATOM   162  C CG  . PHE A 1 21  ? 3.731   -12.142 -4.506  1.00 29.43 ? 21  PHE A CG  1 
ATOM   163  C CD1 . PHE A 1 21  ? 3.284   -12.444 -5.787  1.00 28.47 ? 21  PHE A CD1 1 
ATOM   164  C CD2 . PHE A 1 21  ? 2.972   -12.555 -3.400  1.00 27.20 ? 21  PHE A CD2 1 
ATOM   165  C CE1 . PHE A 1 21  ? 2.104   -13.123 -5.981  1.00 31.93 ? 21  PHE A CE1 1 
ATOM   166  C CE2 . PHE A 1 21  ? 1.800   -13.246 -3.581  1.00 26.33 ? 21  PHE A CE2 1 
ATOM   167  C CZ  . PHE A 1 21  ? 1.356   -13.539 -4.881  1.00 26.50 ? 21  PHE A CZ  1 
ATOM   168  N N   . ALA A 1 22  ? 5.004   -9.270  -6.552  1.00 16.75 ? 22  ALA A N   1 
ATOM   169  C CA  . ALA A 1 22  ? 4.601   -8.852  -7.898  1.00 18.86 ? 22  ALA A CA  1 
ATOM   170  C C   . ALA A 1 22  ? 4.965   -9.962  -8.878  1.00 19.52 ? 22  ALA A C   1 
ATOM   171  O O   . ALA A 1 22  ? 5.969   -10.643 -8.691  1.00 19.35 ? 22  ALA A O   1 
ATOM   172  C CB  . ALA A 1 22  ? 5.322   -7.565  -8.286  1.00 21.09 ? 22  ALA A CB  1 
ATOM   173  N N   . PHE A 1 23  ? 4.141   -10.172 -9.895  1.00 20.01 ? 23  PHE A N   1 
ATOM   174  C CA  . PHE A 1 23  ? 4.432   -11.182 -10.912 1.00 23.07 ? 23  PHE A CA  1 
ATOM   175  C C   . PHE A 1 23  ? 4.040   -10.728 -12.309 1.00 25.56 ? 23  PHE A C   1 
ATOM   176  O O   . PHE A 1 23  ? 3.138   -9.907  -12.467 1.00 25.35 ? 23  PHE A O   1 
ATOM   177  C CB  . PHE A 1 23  ? 3.757   -12.517 -10.604 1.00 22.89 ? 23  PHE A CB  1 
ATOM   178  C CG  . PHE A 1 23  ? 2.260   -12.418 -10.408 1.00 25.73 ? 23  PHE A CG  1 
ATOM   179  C CD1 . PHE A 1 23  ? 1.382   -12.739 -11.444 1.00 24.02 ? 23  PHE A CD1 1 
ATOM   180  C CD2 . PHE A 1 23  ? 1.734   -11.998 -9.189  1.00 23.52 ? 23  PHE A CD2 1 
ATOM   181  C CE1 . PHE A 1 23  ? 0.013   -12.661 -11.275 1.00 25.68 ? 23  PHE A CE1 1 
ATOM   182  C CE2 . PHE A 1 23  ? 0.348   -11.904 -9.004  1.00 26.16 ? 23  PHE A CE2 1 
ATOM   183  C CZ  . PHE A 1 23  ? -0.513  -12.247 -10.050 1.00 26.23 ? 23  PHE A CZ  1 
ATOM   184  N N   . SER A 1 24  ? 4.690   -11.298 -13.326 1.00 24.38 ? 24  SER A N   1 
ATOM   185  C CA  . SER A 1 24  ? 4.430   -10.870 -14.689 1.00 27.95 ? 24  SER A CA  1 
ATOM   186  C C   . SER A 1 24  ? 3.451   -11.794 -15.405 1.00 30.53 ? 24  SER A C   1 
ATOM   187  O O   . SER A 1 24  ? 2.990   -12.786 -14.831 1.00 29.16 ? 24  SER A O   1 
ATOM   188  C CB  . SER A 1 24  ? 5.737   -10.686 -15.463 1.00 30.13 ? 24  SER A CB  1 
ATOM   189  O OG  . SER A 1 24  ? 6.669   -11.704 -15.190 1.00 32.87 ? 24  SER A OG  1 
ATOM   190  N N   . ARG A 1 25  ? 3.098   -11.435 -16.635 1.00 27.74 ? 25  ARG A N   1 
ATOM   191  C CA  . ARG A 1 25  ? 2.187   -12.234 -17.469 1.00 33.08 ? 25  ARG A CA  1 
ATOM   192  C C   . ARG A 1 25  ? 2.553   -13.713 -17.566 1.00 32.74 ? 25  ARG A C   1 
ATOM   193  O O   . ARG A 1 25  ? 1.660   -14.561 -17.653 1.00 31.79 ? 25  ARG A O   1 
ATOM   194  C CB  . ARG A 1 25  ? 2.133   -11.672 -18.880 1.00 33.06 ? 25  ARG A CB  1 
ATOM   195  C CG  . ARG A 1 25  ? 1.679   -10.263 -18.956 1.00 41.50 ? 25  ARG A CG  1 
ATOM   196  C CD  . ARG A 1 25  ? 1.089   -10.023 -20.317 1.00 47.89 ? 25  ARG A CD  1 
ATOM   197  N NE  . ARG A 1 25  ? -0.256  -10.579 -20.383 1.00 54.86 ? 25  ARG A NE  1 
ATOM   198  C CZ  . ARG A 1 25  ? -1.368  -9.863  -20.238 1.00 55.14 ? 25  ARG A CZ  1 
ATOM   199  N NH1 . ARG A 1 25  ? -1.294  -8.551  -20.021 1.00 54.82 ? 25  ARG A NH1 1 
ATOM   200  N NH2 . ARG A 1 25  ? -2.551  -10.458 -20.322 1.00 55.15 ? 25  ARG A NH2 1 
ATOM   201  N N   . ASN A 1 26  ? 3.861   -13.993 -17.574 1.00 33.02 ? 26  ASN A N   1 
ATOM   202  C CA  . ASN A 1 26  ? 4.405   -15.361 -17.640 1.00 38.38 ? 26  ASN A CA  1 
ATOM   203  C C   . ASN A 1 26  ? 4.308   -16.121 -16.319 1.00 39.54 ? 26  ASN A C   1 
ATOM   204  O O   . ASN A 1 26  ? 4.828   -17.241 -16.206 1.00 40.43 ? 26  ASN A O   1 
ATOM   205  C CB  . ASN A 1 26  ? 5.867   -15.343 -18.123 1.00 40.41 ? 26  ASN A CB  1 
ATOM   206  C CG  . ASN A 1 26  ? 6.804   -14.597 -17.168 1.00 45.68 ? 26  ASN A CG  1 
ATOM   207  O OD1 . ASN A 1 26  ? 6.361   -13.852 -16.292 1.00 47.99 ? 26  ASN A OD1 1 
ATOM   208  N ND2 . ASN A 1 26  ? 8.109   -14.790 -17.348 1.00 49.82 ? 26  ASN A ND2 1 
ATOM   209  N N   . ARG A 1 27  ? 3.645   -15.499 -15.337 1.00 37.42 ? 27  ARG A N   1 
ATOM   210  C CA  . ARG A 1 27  ? 3.452   -16.037 -13.986 1.00 36.75 ? 27  ARG A CA  1 
ATOM   211  C C   . ARG A 1 27  ? 4.745   -16.084 -13.150 1.00 34.91 ? 27  ARG A C   1 
ATOM   212  O O   . ARG A 1 27  ? 4.784   -16.694 -12.086 1.00 33.58 ? 27  ARG A O   1 
ATOM   213  C CB  . ARG A 1 27  ? 2.719   -17.390 -14.013 1.00 32.73 ? 27  ARG A CB  1 
ATOM   214  C CG  . ARG A 1 27  ? 1.266   -17.318 -14.539 1.00 41.76 ? 27  ARG A CG  1 
ATOM   215  C CD  . ARG A 1 27  ? 0.672   -18.734 -14.825 1.00 47.51 ? 27  ARG A CD  1 
ATOM   216  N NE  . ARG A 1 27  ? 1.527   -19.534 -15.711 1.00 55.18 ? 27  ARG A NE  1 
ATOM   217  C CZ  . ARG A 1 27  ? 1.580   -20.867 -15.731 1.00 59.52 ? 27  ARG A CZ  1 
ATOM   218  N NH1 . ARG A 1 27  ? 0.816   -21.593 -14.916 1.00 62.81 ? 27  ARG A NH1 1 
ATOM   219  N NH2 . ARG A 1 27  ? 2.412   -21.483 -16.568 1.00 55.25 ? 27  ARG A NH2 1 
ATOM   220  N N   . GLU A 1 28  ? 5.790   -15.396 -13.610 1.00 31.73 ? 28  GLU A N   1 
ATOM   221  C CA  . GLU A 1 28  ? 7.052   -15.345 -12.876 1.00 25.99 ? 28  GLU A CA  1 
ATOM   222  C C   . GLU A 1 28  ? 7.028   -14.277 -11.796 1.00 27.99 ? 28  GLU A C   1 
ATOM   223  O O   . GLU A 1 28  ? 6.625   -13.134 -12.037 1.00 26.00 ? 28  GLU A O   1 
ATOM   224  C CB  . GLU A 1 28  ? 8.220   -15.118 -13.838 1.00 27.28 ? 28  GLU A CB  1 
ATOM   225  C CG  . GLU A 1 28  ? 9.592   -14.997 -13.194 1.00 31.41 ? 28  GLU A CG  1 
ATOM   226  C CD  . GLU A 1 28  ? 10.665  -14.453 -14.161 1.00 38.91 ? 28  GLU A CD  1 
ATOM   227  O OE1 . GLU A 1 28  ? 10.318  -14.004 -15.272 1.00 42.52 ? 28  GLU A OE1 1 
ATOM   228  O OE2 . GLU A 1 28  ? 11.860  -14.466 -13.804 1.00 48.37 ? 28  GLU A OE2 1 
ATOM   229  N N   . ILE A 1 29  ? 7.466   -14.647 -10.600 1.00 25.32 ? 29  ILE A N   1 
ATOM   230  C CA  . ILE A 1 29  ? 7.608   -13.686 -9.503  1.00 25.96 ? 29  ILE A CA  1 
ATOM   231  C C   . ILE A 1 29  ? 8.847   -12.835 -9.765  1.00 28.47 ? 29  ILE A C   1 
ATOM   232  O O   . ILE A 1 29  ? 9.933   -13.350 -10.083 1.00 26.51 ? 29  ILE A O   1 
ATOM   233  C CB  . ILE A 1 29  ? 7.676   -14.408 -8.147  1.00 24.64 ? 29  ILE A CB  1 
ATOM   234  C CG1 . ILE A 1 29  ? 6.410   -15.248 -7.937  1.00 23.05 ? 29  ILE A CG1 1 
ATOM   235  C CG2 . ILE A 1 29  ? 7.935   -13.414 -6.977  1.00 23.64 ? 29  ILE A CG2 1 
ATOM   236  C CD1 . ILE A 1 29  ? 6.624   -16.436 -6.928  1.00 24.93 ? 29  ILE A CD1 1 
ATOM   237  N N   . VAL A 1 30  ? 8.666   -11.523 -9.687  1.00 28.64 ? 30  VAL A N   1 
ATOM   238  C CA  . VAL A 1 30  ? 9.706   -10.591 -10.093 1.00 23.09 ? 30  VAL A CA  1 
ATOM   239  C C   . VAL A 1 30  ? 10.126  -9.744  -8.922  1.00 23.62 ? 30  VAL A C   1 
ATOM   240  O O   . VAL A 1 30  ? 11.180  -9.109  -8.959  1.00 23.95 ? 30  VAL A O   1 
ATOM   241  C CB  . VAL A 1 30  ? 9.278   -9.682  -11.323 1.00 27.87 ? 30  VAL A CB  1 
ATOM   242  C CG1 . VAL A 1 30  ? 9.068   -10.526 -12.577 1.00 27.84 ? 30  VAL A CG1 1 
ATOM   243  C CG2 . VAL A 1 30  ? 8.002   -8.856  -11.038 1.00 19.34 ? 30  VAL A CG2 1 
ATOM   244  N N   . GLN A 1 31  ? 9.300   -9.734  -7.875  1.00 22.61 ? 31  GLN A N   1 
ATOM   245  C CA  . GLN A 1 31  ? 9.627   -8.990  -6.660  1.00 20.27 ? 31  GLN A CA  1 
ATOM   246  C C   . GLN A 1 31  ? 8.882   -9.557  -5.459  1.00 18.55 ? 31  GLN A C   1 
ATOM   247  O O   . GLN A 1 31  ? 7.777   -10.083 -5.613  1.00 17.45 ? 31  GLN A O   1 
ATOM   248  C CB  . GLN A 1 31  ? 9.337   -7.490  -6.847  1.00 25.14 ? 31  GLN A CB  1 
ATOM   249  C CG  . GLN A 1 31  ? 9.828   -6.596  -5.713  1.00 21.48 ? 31  GLN A CG  1 
ATOM   250  C CD  . GLN A 1 31  ? 9.626   -5.129  -6.008  1.00 27.75 ? 31  GLN A CD  1 
ATOM   251  O OE1 . GLN A 1 31  ? 10.420  -4.504  -6.728  1.00 19.78 ? 31  GLN A OE1 1 
ATOM   252  N NE2 . GLN A 1 31  ? 8.572   -4.555  -5.434  1.00 20.61 ? 31  GLN A NE2 1 
ATOM   253  N N   . THR A 1 32  ? 9.502   -9.479  -4.273  1.00 20.91 ? 32  THR A N   1 
ATOM   254  C CA  . THR A 1 32  ? 8.830   -9.788  -2.987  1.00 23.08 ? 32  THR A CA  1 
ATOM   255  C C   . THR A 1 32  ? 9.213   -8.786  -1.903  1.00 24.52 ? 32  THR A C   1 
ATOM   256  O O   . THR A 1 32  ? 10.266  -8.148  -1.981  1.00 25.08 ? 32  THR A O   1 
ATOM   257  C CB  . THR A 1 32  ? 9.192   -11.215 -2.412  1.00 25.05 ? 32  THR A CB  1 
ATOM   258  O OG1 . THR A 1 32  ? 10.596  -11.274 -2.105  1.00 30.18 ? 32  THR A OG1 1 
ATOM   259  C CG2 . THR A 1 32  ? 8.839   -12.322 -3.398  1.00 23.05 ? 32  THR A CG2 1 
ATOM   260  N N   . GLY A 1 33  ? 8.372   -8.673  -0.879  1.00 24.48 ? 33  GLY A N   1 
ATOM   261  C CA  . GLY A 1 33  ? 8.729   -7.910  0.320   1.00 29.74 ? 33  GLY A CA  1 
ATOM   262  C C   . GLY A 1 33  ? 9.777   -8.637  1.145   1.00 31.55 ? 33  GLY A C   1 
ATOM   263  O O   . GLY A 1 33  ? 9.980   -9.833  0.965   1.00 28.87 ? 33  GLY A O   1 
ATOM   264  N N   . GLU A 1 34  ? 10.442  -7.908  2.044   1.00 37.07 ? 34  GLU A N   1 
ATOM   265  C CA  . GLU A 1 34  ? 11.593  -8.433  2.807   1.00 44.20 ? 34  GLU A CA  1 
ATOM   266  C C   . GLU A 1 34  ? 11.333  -9.691  3.642   1.00 37.81 ? 34  GLU A C   1 
ATOM   267  O O   . GLU A 1 34  ? 12.142  -10.612 3.623   1.00 40.60 ? 34  GLU A O   1 
ATOM   268  C CB  . GLU A 1 34  ? 12.228  -7.340  3.674   1.00 46.13 ? 34  GLU A CB  1 
ATOM   269  C CG  . GLU A 1 34  ? 11.233  -6.436  4.408   1.00 55.49 ? 34  GLU A CG  1 
ATOM   270  C CD  . GLU A 1 34  ? 11.902  -5.454  5.379   1.00 57.30 ? 34  GLU A CD  1 
ATOM   271  O OE1 . GLU A 1 34  ? 13.000  -4.936  5.058   1.00 62.62 ? 34  GLU A OE1 1 
ATOM   272  O OE2 . GLU A 1 34  ? 11.314  -5.191  6.461   1.00 62.28 ? 34  GLU A OE2 1 
ATOM   273  N N   . VAL A 1 35  ? 10.214  -9.734  4.360   1.00 33.24 ? 35  VAL A N   1 
ATOM   274  C CA  . VAL A 1 35  ? 9.918   -10.871 5.228   1.00 31.96 ? 35  VAL A CA  1 
ATOM   275  C C   . VAL A 1 35  ? 9.595   -12.126 4.407   1.00 33.29 ? 35  VAL A C   1 
ATOM   276  O O   . VAL A 1 35  ? 10.178  -13.184 4.626   1.00 29.13 ? 35  VAL A O   1 
ATOM   277  C CB  . VAL A 1 35  ? 8.785   -10.568 6.257   1.00 32.79 ? 35  VAL A CB  1 
ATOM   278  C CG1 . VAL A 1 35  ? 8.494   -11.787 7.071   1.00 24.71 ? 35  VAL A CG1 1 
ATOM   279  C CG2 . VAL A 1 35  ? 9.195   -9.416  7.201   1.00 31.54 ? 35  VAL A CG2 1 
ATOM   280  N N   . LEU A 1 36  ? 8.678   -11.997 3.451   1.00 32.58 ? 36  LEU A N   1 
ATOM   281  C CA  . LEU A 1 36  ? 8.320   -13.114 2.585   1.00 36.00 ? 36  LEU A CA  1 
ATOM   282  C C   . LEU A 1 36  ? 9.514   -13.876 1.960   1.00 39.44 ? 36  LEU A C   1 
ATOM   283  O O   . LEU A 1 36  ? 9.527   -15.107 1.990   1.00 41.40 ? 36  LEU A O   1 
ATOM   284  C CB  . LEU A 1 36  ? 7.342   -12.658 1.516   1.00 35.07 ? 36  LEU A CB  1 
ATOM   285  C CG  . LEU A 1 36  ? 6.764   -13.712 0.583   1.00 35.32 ? 36  LEU A CG  1 
ATOM   286  C CD1 . LEU A 1 36  ? 5.864   -14.707 1.331   1.00 40.02 ? 36  LEU A CD1 1 
ATOM   287  C CD2 . LEU A 1 36  ? 5.995   -12.987 -0.501  1.00 28.93 ? 36  LEU A CD2 1 
ATOM   288  N N   . GLU A 1 37  ? 10.502  -13.179 1.398   1.00 40.58 ? 37  GLU A N   1 
ATOM   289  C CA  . GLU A 1 37  ? 11.669  -13.897 0.870   1.00 48.40 ? 37  GLU A CA  1 
ATOM   290  C C   . GLU A 1 37  ? 12.557  -14.483 1.973   1.00 48.57 ? 37  GLU A C   1 
ATOM   291  O O   . GLU A 1 37  ? 13.127  -15.572 1.801   1.00 48.61 ? 37  GLU A O   1 
ATOM   292  C CB  . GLU A 1 37  ? 12.499  -13.072 -0.119  1.00 47.40 ? 37  GLU A CB  1 
ATOM   293  C CG  . GLU A 1 37  ? 12.910  -11.701 0.344   1.00 53.52 ? 37  GLU A CG  1 
ATOM   294  C CD  . GLU A 1 37  ? 14.035  -11.113 -0.512  1.00 58.26 ? 37  GLU A CD  1 
ATOM   295  O OE1 . GLU A 1 37  ? 13.760  -10.202 -1.345  1.00 53.18 ? 37  GLU A OE1 1 
ATOM   296  O OE2 . GLU A 1 37  ? 15.199  -11.572 -0.350  1.00 63.36 ? 37  GLU A OE2 1 
ATOM   297  N N   . ARG A 1 38  ? 12.652  -13.779 3.103   1.00 45.12 ? 38  ARG A N   1 
ATOM   298  C CA  . ARG A 1 38  ? 13.414  -14.272 4.252   1.00 45.17 ? 38  ARG A CA  1 
ATOM   299  C C   . ARG A 1 38  ? 12.897  -15.622 4.764   1.00 42.14 ? 38  ARG A C   1 
ATOM   300  O O   . ARG A 1 38  ? 13.696  -16.484 5.087   1.00 38.81 ? 38  ARG A O   1 
ATOM   301  C CB  . ARG A 1 38  ? 13.467  -13.240 5.389   1.00 45.92 ? 38  ARG A CB  1 
ATOM   302  C CG  . ARG A 1 38  ? 14.104  -13.770 6.673   1.00 49.67 ? 38  ARG A CG  1 
ATOM   303  C CD  . ARG A 1 38  ? 14.416  -12.696 7.714   1.00 50.18 ? 38  ARG A CD  1 
ATOM   304  N NE  . ARG A 1 38  ? 13.238  -12.122 8.382   1.00 56.46 ? 38  ARG A NE  1 
ATOM   305  C CZ  . ARG A 1 38  ? 12.362  -12.795 9.132   1.00 54.70 ? 38  ARG A CZ  1 
ATOM   306  N NH1 . ARG A 1 38  ? 12.477  -14.106 9.307   1.00 55.27 ? 38  ARG A NH1 1 
ATOM   307  N NH2 . ARG A 1 38  ? 11.348  -12.151 9.693   1.00 54.63 ? 38  ARG A NH2 1 
ATOM   308  N N   . ILE A 1 39  ? 11.577  -15.807 4.814   1.00 41.16 ? 39  ILE A N   1 
ATOM   309  C CA  . ILE A 1 39  ? 10.998  -17.040 5.380   1.00 41.83 ? 39  ILE A CA  1 
ATOM   310  C C   . ILE A 1 39  ? 10.817  -18.202 4.391   1.00 43.24 ? 39  ILE A C   1 
ATOM   311  O O   . ILE A 1 39  ? 10.585  -19.345 4.783   1.00 40.49 ? 39  ILE A O   1 
ATOM   312  C CB  . ILE A 1 39  ? 9.689   -16.783 6.183   1.00 44.20 ? 39  ILE A CB  1 
ATOM   313  C CG1 . ILE A 1 39  ? 8.528   -16.402 5.260   1.00 42.19 ? 39  ILE A CG1 1 
ATOM   314  C CG2 . ILE A 1 39  ? 9.930   -15.751 7.316   1.00 38.76 ? 39  ILE A CG2 1 
ATOM   315  C CD1 . ILE A 1 39  ? 7.207   -16.312 5.975   1.00 38.44 ? 39  ILE A CD1 1 
ATOM   316  N N   . SER A 1 40  ? 10.900  -17.898 3.105   1.00 42.64 ? 40  SER A N   1 
ATOM   317  C CA  . SER A 1 40  ? 10.850  -18.929 2.089   1.00 42.32 ? 40  SER A CA  1 
ATOM   318  C C   . SER A 1 40  ? 12.161  -19.729 2.146   1.00 43.89 ? 40  SER A C   1 
ATOM   319  O O   . SER A 1 40  ? 13.229  -19.128 2.273   1.00 43.42 ? 40  SER A O   1 
ATOM   320  C CB  . SER A 1 40  ? 10.657  -18.280 0.719   1.00 37.88 ? 40  SER A CB  1 
ATOM   321  O OG  . SER A 1 40  ? 10.591  -19.251 -0.301  1.00 39.98 ? 40  SER A OG  1 
ATOM   322  N N   . PRO A 1 41  ? 12.082  -21.078 2.102   1.00 45.50 ? 41  PRO A N   1 
ATOM   323  C CA  . PRO A 1 41  ? 13.279  -21.924 1.920   1.00 48.47 ? 41  PRO A CA  1 
ATOM   324  C C   . PRO A 1 41  ? 13.954  -21.692 0.583   1.00 50.79 ? 41  PRO A C   1 
ATOM   325  O O   . PRO A 1 41  ? 15.180  -21.577 0.534   1.00 54.76 ? 41  PRO A O   1 
ATOM   326  C CB  . PRO A 1 41  ? 12.732  -23.355 1.969   1.00 46.07 ? 41  PRO A CB  1 
ATOM   327  C CG  . PRO A 1 41  ? 11.436  -23.247 2.653   1.00 49.83 ? 41  PRO A CG  1 
ATOM   328  C CD  . PRO A 1 41  ? 10.870  -21.898 2.270   1.00 47.86 ? 41  PRO A CD  1 
ATOM   329  N N   . GLU A 1 42  ? 13.166  -21.624 -0.487  1.00 51.77 ? 42  GLU A N   1 
ATOM   330  C CA  . GLU A 1 42  ? 13.707  -21.357 -1.814  1.00 56.90 ? 42  GLU A CA  1 
ATOM   331  C C   . GLU A 1 42  ? 13.575  -19.873 -2.153  1.00 53.98 ? 42  GLU A C   1 
ATOM   332  O O   . GLU A 1 42  ? 12.622  -19.225 -1.710  1.00 55.49 ? 42  GLU A O   1 
ATOM   333  C CB  . GLU A 1 42  ? 12.993  -22.218 -2.858  1.00 59.59 ? 42  GLU A CB  1 
ATOM   334  C CG  . GLU A 1 42  ? 13.507  -22.038 -4.284  1.00 66.94 ? 42  GLU A CG  1 
ATOM   335  C CD  . GLU A 1 42  ? 13.032  -23.128 -5.225  1.00 69.52 ? 42  GLU A CD  1 
ATOM   336  O OE1 . GLU A 1 42  ? 13.635  -24.228 -5.216  1.00 77.74 ? 42  GLU A OE1 1 
ATOM   337  O OE2 . GLU A 1 42  ? 12.068  -22.883 -5.986  1.00 74.15 ? 42  GLU A OE2 1 
ATOM   338  N N   . PRO A 1 43  ? 14.555  -19.313 -2.895  1.00 51.42 ? 43  PRO A N   1 
ATOM   339  C CA  . PRO A 1 43  ? 14.351  -17.998 -3.529  1.00 49.28 ? 43  PRO A CA  1 
ATOM   340  C C   . PRO A 1 43  ? 13.040  -17.949 -4.325  1.00 44.38 ? 43  PRO A C   1 
ATOM   341  O O   . PRO A 1 43  ? 12.730  -18.884 -5.055  1.00 46.19 ? 43  PRO A O   1 
ATOM   342  C CB  . PRO A 1 43  ? 15.559  -17.863 -4.479  1.00 51.79 ? 43  PRO A CB  1 
ATOM   343  C CG  . PRO A 1 43  ? 16.265  -19.215 -4.457  1.00 51.68 ? 43  PRO A CG  1 
ATOM   344  C CD  . PRO A 1 43  ? 15.912  -19.834 -3.144  1.00 50.57 ? 43  PRO A CD  1 
ATOM   345  N N   . LEU A 1 44  ? 12.273  -16.877 -4.178  1.00 39.11 ? 44  LEU A N   1 
ATOM   346  C CA  . LEU A 1 44  ? 10.976  -16.802 -4.845  1.00 34.36 ? 44  LEU A CA  1 
ATOM   347  C C   . LEU A 1 44  ? 11.054  -16.089 -6.197  1.00 30.25 ? 44  LEU A C   1 
ATOM   348  O O   . LEU A 1 44  ? 10.328  -16.423 -7.125  1.00 25.45 ? 44  LEU A O   1 
ATOM   349  C CB  . LEU A 1 44  ? 9.965   -16.105 -3.937  1.00 35.51 ? 44  LEU A CB  1 
ATOM   350  C CG  . LEU A 1 44  ? 9.657   -16.766 -2.591  1.00 35.91 ? 44  LEU A CG  1 
ATOM   351  C CD1 . LEU A 1 44  ? 8.960   -15.775 -1.676  1.00 31.63 ? 44  LEU A CD1 1 
ATOM   352  C CD2 . LEU A 1 44  ? 8.801   -17.970 -2.821  1.00 38.59 ? 44  LEU A CD2 1 
ATOM   353  N N   . VAL A 1 45  ? 11.934  -15.100 -6.293  1.00 26.02 ? 45  VAL A N   1 
ATOM   354  C CA  . VAL A 1 45  ? 12.097  -14.311 -7.507  1.00 31.90 ? 45  VAL A CA  1 
ATOM   355  C C   . VAL A 1 45  ? 12.592  -15.227 -8.626  1.00 35.13 ? 45  VAL A C   1 
ATOM   356  O O   . VAL A 1 45  ? 13.604  -15.900 -8.463  1.00 36.47 ? 45  VAL A O   1 
ATOM   357  C CB  . VAL A 1 45  ? 13.080  -13.119 -7.254  1.00 34.14 ? 45  VAL A CB  1 
ATOM   358  C CG1 . VAL A 1 45  ? 13.416  -12.353 -8.550  1.00 34.19 ? 45  VAL A CG1 1 
ATOM   359  C CG2 . VAL A 1 45  ? 12.501  -12.170 -6.201  1.00 33.88 ? 45  VAL A CG2 1 
ATOM   360  N N   . GLY A 1 46  ? 11.868  -15.257 -9.745  1.00 32.92 ? 46  GLY A N   1 
ATOM   361  C CA  . GLY A 1 46  ? 12.240  -16.084 -10.901 1.00 33.90 ? 46  GLY A CA  1 
ATOM   362  C C   . GLY A 1 46  ? 11.468  -17.385 -10.998 1.00 34.62 ? 46  GLY A C   1 
ATOM   363  O O   . GLY A 1 46  ? 11.556  -18.108 -12.002 1.00 31.99 ? 46  GLY A O   1 
ATOM   364  N N   . LYS A 1 47  ? 10.695  -17.667 -9.951  1.00 31.35 ? 47  LYS A N   1 
ATOM   365  C CA  . LYS A 1 47  ? 9.897   -18.874 -9.852  1.00 29.59 ? 47  LYS A CA  1 
ATOM   366  C C   . LYS A 1 47  ? 8.479   -18.573 -10.296 1.00 33.43 ? 47  LYS A C   1 
ATOM   367  O O   . LYS A 1 47  ? 8.090   -17.408 -10.356 1.00 35.75 ? 47  LYS A O   1 
ATOM   368  C CB  . LYS A 1 47  ? 9.898   -19.376 -8.405  1.00 31.68 ? 47  LYS A CB  1 
ATOM   369  C CG  . LYS A 1 47  ? 10.996  -20.391 -8.090  1.00 37.65 ? 47  LYS A CG  1 
ATOM   370  C CD  . LYS A 1 47  ? 12.373  -19.886 -8.398  1.00 43.13 ? 47  LYS A CD  1 
ATOM   371  C CE  . LYS A 1 47  ? 13.414  -20.794 -7.794  1.00 49.41 ? 47  LYS A CE  1 
ATOM   372  N NZ  . LYS A 1 47  ? 14.736  -20.134 -7.740  1.00 53.54 ? 47  LYS A NZ  1 
ATOM   373  N N   . LEU A 1 48  ? 7.719   -19.619 -10.618 1.00 27.72 ? 48  LEU A N   1 
ATOM   374  C CA  . LEU A 1 48  ? 6.345   -19.469 -11.062 1.00 33.09 ? 48  LEU A CA  1 
ATOM   375  C C   . LEU A 1 48  ? 5.456   -19.424 -9.829  1.00 32.17 ? 48  LEU A C   1 
ATOM   376  O O   . LEU A 1 48  ? 5.652   -20.207 -8.887  1.00 27.58 ? 48  LEU A O   1 
ATOM   377  C CB  . LEU A 1 48  ? 5.941   -20.610 -11.992 1.00 33.31 ? 48  LEU A CB  1 
ATOM   378  C CG  . LEU A 1 48  ? 6.549   -20.694 -13.401 1.00 37.31 ? 48  LEU A CG  1 
ATOM   379  C CD1 . LEU A 1 48  ? 6.450   -22.113 -13.910 1.00 37.95 ? 48  LEU A CD1 1 
ATOM   380  C CD2 . LEU A 1 48  ? 5.839   -19.771 -14.365 1.00 42.43 ? 48  LEU A CD2 1 
ATOM   381  N N   . ILE A 1 49  ? 4.500   -18.503 -9.831  1.00 28.22 ? 49  ILE A N   1 
ATOM   382  C CA  . ILE A 1 49  ? 3.680   -18.257 -8.642  1.00 32.14 ? 49  ILE A CA  1 
ATOM   383  C C   . ILE A 1 49  ? 3.102   -19.542 -8.075  1.00 32.57 ? 49  ILE A C   1 
ATOM   384  O O   . ILE A 1 49  ? 3.133   -19.761 -6.864  1.00 23.86 ? 49  ILE A O   1 
ATOM   385  C CB  . ILE A 1 49  ? 2.485   -17.322 -8.892  1.00 34.38 ? 49  ILE A CB  1 
ATOM   386  C CG1 . ILE A 1 49  ? 2.561   -16.651 -10.253 1.00 42.47 ? 49  ILE A CG1 1 
ATOM   387  C CG2 . ILE A 1 49  ? 2.380   -16.301 -7.773  1.00 40.07 ? 49  ILE A CG2 1 
ATOM   388  C CD1 . ILE A 1 49  ? 1.206   -16.315 -10.826 1.00 48.54 ? 49  ILE A CD1 1 
ATOM   389  N N   . GLU A 1 50  ? 2.572   -20.387 -8.951  1.00 28.64 ? 50  GLU A N   1 
ATOM   390  C CA  . GLU A 1 50  ? 1.788   -21.535 -8.491  1.00 33.69 ? 50  GLU A CA  1 
ATOM   391  C C   . GLU A 1 50  ? 2.619   -22.691 -7.908  1.00 35.48 ? 50  GLU A C   1 
ATOM   392  O O   . GLU A 1 50  ? 2.063   -23.672 -7.402  1.00 37.96 ? 50  GLU A O   1 
ATOM   393  C CB  . GLU A 1 50  ? 0.823   -21.999 -9.586  1.00 33.17 ? 50  GLU A CB  1 
ATOM   394  C CG  . GLU A 1 50  ? 1.456   -22.744 -10.754 1.00 40.76 ? 50  GLU A CG  1 
ATOM   395  C CD  . GLU A 1 50  ? 2.159   -21.841 -11.757 1.00 47.20 ? 50  GLU A CD  1 
ATOM   396  O OE1 . GLU A 1 50  ? 2.037   -20.595 -11.665 1.00 47.13 ? 50  GLU A OE1 1 
ATOM   397  O OE2 . GLU A 1 50  ? 2.842   -22.395 -12.646 1.00 43.70 ? 50  GLU A OE2 1 
ATOM   398  N N   . GLN A 1 51  ? 3.947   -22.569 -7.973  1.00 35.27 ? 51  GLN A N   1 
ATOM   399  C CA  . GLN A 1 51  ? 4.834   -23.455 -7.220  1.00 35.97 ? 51  GLN A CA  1 
ATOM   400  C C   . GLN A 1 51  ? 4.920   -22.990 -5.771  1.00 33.80 ? 51  GLN A C   1 
ATOM   401  O O   . GLN A 1 51  ? 5.465   -23.693 -4.914  1.00 32.19 ? 51  GLN A O   1 
ATOM   402  C CB  . GLN A 1 51  ? 6.243   -23.473 -7.823  1.00 38.22 ? 51  GLN A CB  1 
ATOM   403  C CG  . GLN A 1 51  ? 6.280   -23.557 -9.352  1.00 43.96 ? 51  GLN A CG  1 
ATOM   404  C CD  . GLN A 1 51  ? 7.700   -23.515 -9.920  1.00 49.08 ? 51  GLN A CD  1 
ATOM   405  O OE1 . GLN A 1 51  ? 8.290   -22.434 -10.128 1.00 50.13 ? 51  GLN A OE1 1 
ATOM   406  N NE2 . GLN A 1 51  ? 8.251   -24.703 -10.193 1.00 53.21 ? 51  GLN A NE2 1 
ATOM   407  N N   . HIS A 1 52  ? 4.411   -21.791 -5.495  1.00 28.30 ? 52  HIS A N   1 
ATOM   408  C CA  . HIS A 1 52  ? 4.554   -21.221 -4.168  1.00 28.16 ? 52  HIS A CA  1 
ATOM   409  C C   . HIS A 1 52  ? 3.273   -20.746 -3.507  1.00 26.95 ? 52  HIS A C   1 
ATOM   410  O O   . HIS A 1 52  ? 3.226   -20.693 -2.292  1.00 31.12 ? 52  HIS A O   1 
ATOM   411  C CB  . HIS A 1 52  ? 5.658   -20.161 -4.154  1.00 28.63 ? 52  HIS A CB  1 
ATOM   412  C CG  . HIS A 1 52  ? 6.992   -20.718 -4.555  1.00 37.80 ? 52  HIS A CG  1 
ATOM   413  N ND1 . HIS A 1 52  ? 7.409   -20.777 -5.869  1.00 35.47 ? 52  HIS A ND1 1 
ATOM   414  C CD2 . HIS A 1 52  ? 7.970   -21.298 -3.823  1.00 31.68 ? 52  HIS A CD2 1 
ATOM   415  C CE1 . HIS A 1 52  ? 8.596   -21.355 -5.923  1.00 35.67 ? 52  HIS A CE1 1 
ATOM   416  N NE2 . HIS A 1 52  ? 8.959   -21.679 -4.697  1.00 32.73 ? 52  HIS A NE2 1 
ATOM   417  N N   . PHE A 1 53  ? 2.240   -20.423 -4.287  1.00 26.57 ? 53  PHE A N   1 
ATOM   418  C CA  . PHE A 1 53  ? 0.950   -19.972 -3.712  1.00 29.71 ? 53  PHE A CA  1 
ATOM   419  C C   . PHE A 1 53  ? -0.221  -20.708 -4.290  1.00 29.32 ? 53  PHE A C   1 
ATOM   420  O O   . PHE A 1 53  ? -0.176  -21.180 -5.414  1.00 36.18 ? 53  PHE A O   1 
ATOM   421  C CB  . PHE A 1 53  ? 0.734   -18.450 -3.907  1.00 24.82 ? 53  PHE A CB  1 
ATOM   422  C CG  . PHE A 1 53  ? 1.834   -17.629 -3.348  1.00 23.58 ? 53  PHE A CG  1 
ATOM   423  C CD1 . PHE A 1 53  ? 1.756   -17.134 -2.070  1.00 25.86 ? 53  PHE A CD1 1 
ATOM   424  C CD2 . PHE A 1 53  ? 2.987   -17.403 -4.089  1.00 26.96 ? 53  PHE A CD2 1 
ATOM   425  C CE1 . PHE A 1 53  ? 2.788   -16.406 -1.543  1.00 21.71 ? 53  PHE A CE1 1 
ATOM   426  C CE2 . PHE A 1 53  ? 4.027   -16.693 -3.558  1.00 24.05 ? 53  PHE A CE2 1 
ATOM   427  C CZ  . PHE A 1 53  ? 3.918   -16.180 -2.296  1.00 26.21 ? 53  PHE A CZ  1 
ATOM   428  N N   . GLN A 1 54  ? -1.282  -20.783 -3.506  1.00 33.46 ? 54  GLN A N   1 
ATOM   429  C CA  . GLN A 1 54  ? -2.586  -21.233 -3.962  1.00 35.76 ? 54  GLN A CA  1 
ATOM   430  C C   . GLN A 1 54  ? -3.523  -20.063 -3.697  1.00 32.04 ? 54  GLN A C   1 
ATOM   431  O O   . GLN A 1 54  ? -3.321  -19.331 -2.725  1.00 25.95 ? 54  GLN A O   1 
ATOM   432  C CB  . GLN A 1 54  ? -3.008  -22.436 -3.124  1.00 36.78 ? 54  GLN A CB  1 
ATOM   433  C CG  . GLN A 1 54  ? -4.101  -23.301 -3.699  1.00 47.40 ? 54  GLN A CG  1 
ATOM   434  C CD  . GLN A 1 54  ? -4.388  -24.502 -2.808  1.00 49.07 ? 54  GLN A CD  1 
ATOM   435  O OE1 . GLN A 1 54  ? -3.695  -24.729 -1.807  1.00 56.98 ? 54  GLN A OE1 1 
ATOM   436  N NE2 . GLN A 1 54  ? -5.410  -25.277 -3.165  1.00 56.72 ? 54  GLN A NE2 1 
ATOM   437  N N   . ILE A 1 55  ? -4.518  -19.869 -4.568  1.00 28.76 ? 55  ILE A N   1 
ATOM   438  C CA  . ILE A 1 55  ? -5.579  -18.879 -4.334  1.00 28.77 ? 55  ILE A CA  1 
ATOM   439  C C   . ILE A 1 55  ? -6.784  -19.549 -3.661  1.00 27.83 ? 55  ILE A C   1 
ATOM   440  O O   . ILE A 1 55  ? -7.354  -20.471 -4.209  1.00 29.74 ? 55  ILE A O   1 
ATOM   441  C CB  . ILE A 1 55  ? -6.016  -18.171 -5.632  1.00 27.34 ? 55  ILE A CB  1 
ATOM   442  C CG1 . ILE A 1 55  ? -4.839  -17.377 -6.210  1.00 32.98 ? 55  ILE A CG1 1 
ATOM   443  C CG2 . ILE A 1 55  ? -7.206  -17.244 -5.378  1.00 24.22 ? 55  ILE A CG2 1 
ATOM   444  C CD1 . ILE A 1 55  ? -5.117  -16.666 -7.546  1.00 30.63 ? 55  ILE A CD1 1 
ATOM   445  N N   . ASN A 1 56  ? -7.124  -19.104 -2.456  1.00 26.93 ? 56  ASN A N   1 
ATOM   446  C CA  . ASN A 1 56  ? -8.248  -19.663 -1.703  1.00 28.01 ? 56  ASN A CA  1 
ATOM   447  C C   . ASN A 1 56  ? -9.569  -18.964 -2.074  1.00 30.63 ? 56  ASN A C   1 
ATOM   448  O O   . ASN A 1 56  ? -10.589 -19.630 -2.316  1.00 30.69 ? 56  ASN A O   1 
ATOM   449  C CB  . ASN A 1 56  ? -7.976  -19.552 -0.192  1.00 29.96 ? 56  ASN A CB  1 
ATOM   450  C CG  . ASN A 1 56  ? -6.792  -20.387 0.256   1.00 28.37 ? 56  ASN A CG  1 
ATOM   451  O OD1 . ASN A 1 56  ? -6.005  -19.966 1.102   1.00 34.16 ? 56  ASN A OD1 1 
ATOM   452  N ND2 . ASN A 1 56  ? -6.660  -21.586 -0.305  1.00 33.21 ? 56  ASN A ND2 1 
ATOM   453  N N   . ARG A 1 57  ? -9.524  -17.628 -2.135  1.00 26.19 ? 57  ARG A N   1 
ATOM   454  C CA  . ARG A 1 57  ? -10.650 -16.770 -2.555  1.00 31.41 ? 57  ARG A CA  1 
ATOM   455  C C   . ARG A 1 57  ? -10.151 -15.619 -3.433  1.00 30.76 ? 57  ARG A C   1 
ATOM   456  O O   . ARG A 1 57  ? -9.101  -15.062 -3.146  1.00 29.07 ? 57  ARG A O   1 
ATOM   457  C CB  . ARG A 1 57  ? -11.384 -16.173 -1.356  1.00 33.68 ? 57  ARG A CB  1 
ATOM   458  C CG  . ARG A 1 57  ? -12.112 -17.184 -0.460  1.00 35.92 ? 57  ARG A CG  1 
ATOM   459  C CD  . ARG A 1 57  ? -13.253 -17.925 -1.178  1.00 38.30 ? 57  ARG A CD  1 
ATOM   460  N NE  . ARG A 1 57  ? -13.995 -18.741 -0.215  1.00 42.81 ? 57  ARG A NE  1 
ATOM   461  C CZ  . ARG A 1 57  ? -13.595 -19.928 0.245   1.00 47.81 ? 57  ARG A CZ  1 
ATOM   462  N NH1 . ARG A 1 57  ? -14.350 -20.578 1.143   1.00 40.18 ? 57  ARG A NH1 1 
ATOM   463  N NH2 . ARG A 1 57  ? -12.446 -20.470 -0.176  1.00 37.53 ? 57  ARG A NH2 1 
ATOM   464  N N   . PRO A 1 58  ? -10.873 -15.299 -4.527  1.00 33.60 ? 58  PRO A N   1 
ATOM   465  C CA  . PRO A 1 58  ? -12.073 -15.988 -5.014  1.00 33.77 ? 58  PRO A CA  1 
ATOM   466  C C   . PRO A 1 58  ? -11.712 -17.337 -5.636  1.00 36.50 ? 58  PRO A C   1 
ATOM   467  O O   . PRO A 1 58  ? -10.535 -17.647 -5.783  1.00 38.74 ? 58  PRO A O   1 
ATOM   468  C CB  . PRO A 1 58  ? -12.629 -15.021 -6.063  1.00 38.18 ? 58  PRO A CB  1 
ATOM   469  C CG  . PRO A 1 58  ? -11.448 -14.240 -6.542  1.00 34.25 ? 58  PRO A CG  1 
ATOM   470  C CD  . PRO A 1 58  ? -10.479 -14.175 -5.402  1.00 37.50 ? 58  PRO A CD  1 
ATOM   471  N N   . LYS A 1 59  ? -12.707 -18.135 -5.995  1.00 40.16 ? 59  LYS A N   1 
ATOM   472  C CA  . LYS A 1 59  ? -12.471 -19.512 -6.409  1.00 42.78 ? 59  LYS A CA  1 
ATOM   473  C C   . LYS A 1 59  ? -12.072 -19.584 -7.878  1.00 42.35 ? 59  LYS A C   1 
ATOM   474  O O   . LYS A 1 59  ? -12.793 -20.147 -8.714  1.00 44.36 ? 59  LYS A O   1 
ATOM   475  C CB  . LYS A 1 59  ? -13.724 -20.367 -6.148  1.00 48.17 ? 59  LYS A CB  1 
ATOM   476  C CG  . LYS A 1 59  ? -14.352 -20.197 -4.760  1.00 51.33 ? 59  LYS A CG  1 
ATOM   477  C CD  . LYS A 1 59  ? -13.520 -20.849 -3.678  1.00 56.49 ? 59  LYS A CD  1 
ATOM   478  C CE  . LYS A 1 59  ? -14.080 -22.211 -3.312  1.00 59.97 ? 59  LYS A CE  1 
ATOM   479  N NZ  . LYS A 1 59  ? -13.287 -22.868 -2.229  1.00 64.06 ? 59  LYS A NZ  1 
ATOM   480  N N   . ILE A 1 60  ? -10.924 -18.997 -8.192  1.00 40.43 ? 60  ILE A N   1 
ATOM   481  C CA  . ILE A 1 60  ? -10.430 -18.948 -9.565  1.00 39.49 ? 60  ILE A CA  1 
ATOM   482  C C   . ILE A 1 60  ? -9.068  -19.619 -9.677  1.00 39.41 ? 60  ILE A C   1 
ATOM   483  O O   . ILE A 1 60  ? -8.394  -19.860 -8.675  1.00 38.69 ? 60  ILE A O   1 
ATOM   484  C CB  . ILE A 1 60  ? -10.337 -17.491 -10.104 1.00 39.89 ? 60  ILE A CB  1 
ATOM   485  C CG1 . ILE A 1 60  ? -9.490  -16.618 -9.172  1.00 40.56 ? 60  ILE A CG1 1 
ATOM   486  C CG2 . ILE A 1 60  ? -11.732 -16.900 -10.281 1.00 40.18 ? 60  ILE A CG2 1 
ATOM   487  C CD1 . ILE A 1 60  ? -8.737  -15.509 -9.877  1.00 44.50 ? 60  ILE A CD1 1 
ATOM   488  N N   . LEU A 1 61  ? -8.690  -19.939 -10.907 1.00 40.78 ? 61  LEU A N   1 
ATOM   489  C CA  . LEU A 1 61  ? -7.365  -20.438 -11.200 1.00 45.91 ? 61  LEU A CA  1 
ATOM   490  C C   . LEU A 1 61  ? -6.370  -19.292 -11.097 1.00 48.78 ? 61  LEU A C   1 
ATOM   491  O O   . LEU A 1 61  ? -6.710  -18.123 -11.298 1.00 42.86 ? 61  LEU A O   1 
ATOM   492  C CB  . LEU A 1 61  ? -7.312  -21.063 -12.594 1.00 45.01 ? 61  LEU A CB  1 
ATOM   493  C CG  . LEU A 1 61  ? -7.252  -22.590 -12.691 1.00 47.53 ? 61  LEU A CG  1 
ATOM   494  C CD1 . LEU A 1 61  ? -7.957  -23.287 -11.517 1.00 49.08 ? 61  LEU A CD1 1 
ATOM   495  C CD2 . LEU A 1 61  ? -7.808  -23.072 -14.041 1.00 43.78 ? 61  LEU A CD2 1 
ATOM   496  N N   . ILE A 1 62  ? -5.143  -19.644 -10.750 1.00 52.91 ? 62  ILE A N   1 
ATOM   497  C CA  . ILE A 1 62  ? -4.059  -18.685 -10.693 1.00 57.65 ? 62  ILE A CA  1 
ATOM   498  C C   . ILE A 1 62  ? -3.591  -18.388 -12.143 1.00 56.04 ? 62  ILE A C   1 
ATOM   499  O O   . ILE A 1 62  ? -2.670  -19.013 -12.684 1.00 57.26 ? 62  ILE A O   1 
ATOM   500  C CB  . ILE A 1 62  ? -2.972  -19.173 -9.673  1.00 61.25 ? 62  ILE A CB  1 
ATOM   501  C CG1 . ILE A 1 62  ? -1.793  -18.199 -9.576  1.00 64.98 ? 62  ILE A CG1 1 
ATOM   502  C CG2 . ILE A 1 62  ? -2.572  -20.641 -9.933  1.00 62.41 ? 62  ILE A CG2 1 
ATOM   503  C CD1 . ILE A 1 62  ? -1.084  -18.274 -8.223  1.00 69.07 ? 62  ILE A CD1 1 
ATOM   504  N N   . ASP A 1 63  ? -4.296  -17.443 -12.761 1.00 52.15 ? 63  ASP A N   1 
ATOM   505  C CA  . ASP A 1 63  ? -4.123  -17.075 -14.161 1.00 50.95 ? 63  ASP A CA  1 
ATOM   506  C C   . ASP A 1 63  ? -4.119  -15.545 -14.264 1.00 49.99 ? 63  ASP A C   1 
ATOM   507  O O   . ASP A 1 63  ? -4.980  -14.883 -13.682 1.00 45.55 ? 63  ASP A O   1 
ATOM   508  C CB  . ASP A 1 63  ? -5.253  -17.679 -14.999 1.00 52.15 ? 63  ASP A CB  1 
ATOM   509  C CG  . ASP A 1 63  ? -5.303  -17.126 -16.427 1.00 55.56 ? 63  ASP A CG  1 
ATOM   510  O OD1 . ASP A 1 63  ? -4.569  -17.636 -17.306 1.00 59.08 ? 63  ASP A OD1 1 
ATOM   511  O OD2 . ASP A 1 63  ? -6.110  -16.202 -16.674 1.00 54.59 ? 63  ASP A OD2 1 
ATOM   512  N N   . PHE A 1 64  ? -3.150  -15.000 -15.004 1.00 46.11 ? 64  PHE A N   1 
ATOM   513  C CA  . PHE A 1 64  ? -2.857  -13.564 -14.993 1.00 43.98 ? 64  PHE A CA  1 
ATOM   514  C C   . PHE A 1 64  ? -4.016  -12.682 -15.450 1.00 47.95 ? 64  PHE A C   1 
ATOM   515  O O   . PHE A 1 64  ? -4.289  -11.647 -14.839 1.00 48.40 ? 64  PHE A O   1 
ATOM   516  C CB  . PHE A 1 64  ? -1.609  -13.270 -15.833 1.00 41.60 ? 64  PHE A CB  1 
ATOM   517  C CG  . PHE A 1 64  ? -1.163  -11.824 -15.788 1.00 39.21 ? 64  PHE A CG  1 
ATOM   518  C CD1 . PHE A 1 64  ? -0.082  -11.439 -14.998 1.00 36.47 ? 64  PHE A CD1 1 
ATOM   519  C CD2 . PHE A 1 64  ? -1.809  -10.854 -16.545 1.00 35.63 ? 64  PHE A CD2 1 
ATOM   520  C CE1 . PHE A 1 64  ? 0.352   -10.125 -14.970 1.00 29.90 ? 64  PHE A CE1 1 
ATOM   521  C CE2 . PHE A 1 64  ? -1.387  -9.535  -16.515 1.00 37.95 ? 64  PHE A CE2 1 
ATOM   522  C CZ  . PHE A 1 64  ? -0.304  -9.173  -15.732 1.00 37.34 ? 64  PHE A CZ  1 
ATOM   523  N N   . ASP A 1 65  ? -4.675  -13.061 -16.538 1.00 51.51 ? 65  ASP A N   1 
ATOM   524  C CA  . ASP A 1 65  ? -5.799  -12.272 -17.039 1.00 58.53 ? 65  ASP A CA  1 
ATOM   525  C C   . ASP A 1 65  ? -7.036  -12.380 -16.140 1.00 60.18 ? 65  ASP A C   1 
ATOM   526  O O   . ASP A 1 65  ? -7.695  -11.372 -15.854 1.00 61.86 ? 65  ASP A O   1 
ATOM   527  C CB  . ASP A 1 65  ? -6.109  -12.635 -18.490 1.00 62.20 ? 65  ASP A CB  1 
ATOM   528  C CG  . ASP A 1 65  ? -5.196  -11.920 -19.464 1.00 67.43 ? 65  ASP A CG  1 
ATOM   529  O OD1 . ASP A 1 65  ? -5.173  -10.670 -19.440 1.00 71.27 ? 65  ASP A OD1 1 
ATOM   530  O OD2 . ASP A 1 65  ? -4.492  -12.594 -20.245 1.00 70.15 ? 65  ASP A OD2 1 
ATOM   531  N N   . ALA A 1 66  ? -7.318  -13.599 -15.675 1.00 62.24 ? 66  ALA A N   1 
ATOM   532  C CA  . ALA A 1 66  ? -8.379  -13.856 -14.685 1.00 62.23 ? 66  ALA A CA  1 
ATOM   533  C C   . ALA A 1 66  ? -8.259  -12.969 -13.434 1.00 61.19 ? 66  ALA A C   1 
ATOM   534  O O   . ALA A 1 66  ? -9.247  -12.374 -12.993 1.00 64.38 ? 66  ALA A O   1 
ATOM   535  C CB  . ALA A 1 66  ? -8.403  -15.342 -14.291 1.00 61.52 ? 66  ALA A CB  1 
ATOM   536  N N   . ILE A 1 67  ? -7.051  -12.890 -12.874 1.00 56.63 ? 67  ILE A N   1 
ATOM   537  C CA  . ILE A 1 67  ? -6.768  -12.043 -11.712 1.00 50.84 ? 67  ILE A CA  1 
ATOM   538  C C   . ILE A 1 67  ? -6.866  -10.556 -12.041 1.00 54.55 ? 67  ILE A C   1 
ATOM   539  O O   . ILE A 1 67  ? -7.391  -9.774  -11.243 1.00 55.59 ? 67  ILE A O   1 
ATOM   540  C CB  . ILE A 1 67  ? -5.383  -12.361 -11.121 1.00 47.75 ? 67  ILE A CB  1 
ATOM   541  C CG1 . ILE A 1 67  ? -5.400  -13.739 -10.454 1.00 46.03 ? 67  ILE A CG1 1 
ATOM   542  C CG2 . ILE A 1 67  ? -4.955  -11.285 -10.131 1.00 41.99 ? 67  ILE A CG2 1 
ATOM   543  C CD1 . ILE A 1 67  ? -4.021  -14.420 -10.329 1.00 44.20 ? 67  ILE A CD1 1 
ATOM   544  N N   . SER A 1 68  ? -6.374  -10.170 -13.218 1.00 59.28 ? 68  SER A N   1 
ATOM   545  C CA  . SER A 1 68  ? -6.343  -8.769  -13.647 1.00 62.13 ? 68  SER A CA  1 
ATOM   546  C C   . SER A 1 68  ? -7.726  -8.230  -13.962 1.00 65.86 ? 68  SER A C   1 
ATOM   547  O O   . SER A 1 68  ? -7.942  -7.014  -13.914 1.00 63.77 ? 68  SER A O   1 
ATOM   548  C CB  . SER A 1 68  ? -5.450  -8.593  -14.874 1.00 64.34 ? 68  SER A CB  1 
ATOM   549  O OG  . SER A 1 68  ? -5.986  -9.282  -15.994 1.00 61.66 ? 68  SER A OG  1 
ATOM   550  N N   . LYS A 1 69  ? -8.651  -9.131  -14.302 1.00 71.33 ? 69  LYS A N   1 
ATOM   551  C CA  . LYS A 1 69  ? -10.047 -8.745  -14.538 1.00 77.38 ? 69  LYS A CA  1 
ATOM   552  C C   . LYS A 1 69  ? -10.909 -8.813  -13.257 1.00 76.85 ? 69  LYS A C   1 
ATOM   553  O O   . LYS A 1 69  ? -12.118 -9.047  -13.314 1.00 78.68 ? 69  LYS A O   1 
ATOM   554  C CB  . LYS A 1 69  ? -10.667 -9.527  -15.720 1.00 78.89 ? 69  LYS A CB  1 
ATOM   555  C CG  . LYS A 1 69  ? -10.819 -11.042 -15.523 1.00 80.82 ? 69  LYS A CG  1 
ATOM   556  C CD  . LYS A 1 69  ? -11.583 -11.715 -16.678 1.00 81.08 ? 69  LYS A CD  1 
ATOM   557  C CE  . LYS A 1 69  ? -10.661 -12.379 -17.715 1.00 81.60 ? 69  LYS A CE  1 
ATOM   558  N NZ  . LYS A 1 69  ? -10.249 -11.479 -18.832 1.00 78.38 ? 69  LYS A NZ  1 
ATOM   559  N N   . GLN A 1 70  ? -10.269 -8.584  -12.108 1.00 75.00 ? 70  GLN A N   1 
ATOM   560  C CA  . GLN A 1 70  ? -10.937 -8.553  -10.804 1.00 73.37 ? 70  GLN A CA  1 
ATOM   561  C C   . GLN A 1 70  ? -10.225 -7.626  -9.802  1.00 74.10 ? 70  GLN A C   1 
ATOM   562  O O   . GLN A 1 70  ? -9.740  -8.094  -8.757  1.00 71.72 ? 70  GLN A O   1 
ATOM   563  C CB  . GLN A 1 70  ? -11.028 -9.960  -10.221 1.00 71.95 ? 70  GLN A CB  1 
ATOM   564  C CG  . GLN A 1 70  ? -12.176 -10.776 -10.748 1.00 71.82 ? 70  GLN A CG  1 
ATOM   565  C CD  . GLN A 1 70  ? -12.518 -11.922 -9.840  1.00 69.57 ? 70  GLN A CD  1 
ATOM   566  O OE1 . GLN A 1 70  ? -12.487 -11.785 -8.616  1.00 68.57 ? 70  GLN A OE1 1 
ATOM   567  N NE2 . GLN A 1 70  ? -12.855 -13.064 -10.428 1.00 68.01 ? 70  GLN A NE2 1 
ATOM   568  N N   . PRO A 1 71  ? -10.178 -6.307  -10.103 1.00 75.18 ? 71  PRO A N   1 
ATOM   569  C CA  . PRO A 1 71  ? -9.396  -5.343  -9.307  1.00 75.63 ? 71  PRO A CA  1 
ATOM   570  C C   . PRO A 1 71  ? -9.933  -5.078  -7.890  1.00 75.55 ? 71  PRO A C   1 
ATOM   571  O O   . PRO A 1 71  ? -9.159  -4.708  -7.004  1.00 76.11 ? 71  PRO A O   1 
ATOM   572  C CB  . PRO A 1 71  ? -9.466  -4.054  -10.145 1.00 75.43 ? 71  PRO A CB  1 
ATOM   573  C CG  . PRO A 1 71  ? -9.996  -4.473  -11.493 1.00 75.57 ? 71  PRO A CG  1 
ATOM   574  C CD  . PRO A 1 71  ? -10.873 -5.640  -11.219 1.00 74.87 ? 71  PRO A CD  1 
ATOM   575  N N   . ARG A 1 72  ? -11.237 -5.268  -7.690  1.00 75.71 ? 72  ARG A N   1 
ATOM   576  C CA  . ARG A 1 72  ? -11.905 -4.943  -6.422  1.00 74.15 ? 72  ARG A CA  1 
ATOM   577  C C   . ARG A 1 72  ? -12.023 -6.129  -5.460  1.00 70.87 ? 72  ARG A C   1 
ATOM   578  O O   . ARG A 1 72  ? -12.328 -5.948  -4.278  1.00 71.40 ? 72  ARG A O   1 
ATOM   579  C CB  . ARG A 1 72  ? -13.282 -4.318  -6.690  1.00 77.32 ? 72  ARG A CB  1 
ATOM   580  C CG  . ARG A 1 72  ? -13.219 -2.812  -6.907  1.00 81.14 ? 72  ARG A CG  1 
ATOM   581  C CD  . ARG A 1 72  ? -14.059 -2.352  -8.091  1.00 83.61 ? 72  ARG A CD  1 
ATOM   582  N NE  . ARG A 1 72  ? -13.635 -1.023  -8.537  1.00 88.70 ? 72  ARG A NE  1 
ATOM   583  C CZ  . ARG A 1 72  ? -12.639 -0.783  -9.394  1.00 89.46 ? 72  ARG A CZ  1 
ATOM   584  N NH1 . ARG A 1 72  ? -11.946 -1.782  -9.931  1.00 87.48 ? 72  ARG A NH1 1 
ATOM   585  N NH2 . ARG A 1 72  ? -12.336 0.469   -9.718  1.00 91.50 ? 72  ARG A NH2 1 
ATOM   586  N N   . ALA A 1 73  ? -11.777 -7.332  -5.971  1.00 64.81 ? 73  ALA A N   1 
ATOM   587  C CA  . ALA A 1 73  ? -11.825 -8.545  -5.164  1.00 57.86 ? 73  ALA A CA  1 
ATOM   588  C C   . ALA A 1 73  ? -10.783 -8.526  -4.058  1.00 54.67 ? 73  ALA A C   1 
ATOM   589  O O   . ALA A 1 73  ? -9.673  -8.029  -4.233  1.00 49.74 ? 73  ALA A O   1 
ATOM   590  C CB  . ALA A 1 73  ? -11.636 -9.773  -6.036  1.00 57.28 ? 73  ALA A CB  1 
ATOM   591  N N   . LEU A 1 74  ? -11.172 -9.058  -2.910  1.00 51.10 ? 74  LEU A N   1 
ATOM   592  C CA  . LEU A 1 74  ? -10.256 -9.290  -1.826  1.00 45.76 ? 74  LEU A CA  1 
ATOM   593  C C   . LEU A 1 74  ? -9.708  -10.702 -2.007  1.00 42.65 ? 74  LEU A C   1 
ATOM   594  O O   . LEU A 1 74  ? -10.427 -11.694 -1.867  1.00 41.39 ? 74  LEU A O   1 
ATOM   595  C CB  . LEU A 1 74  ? -10.975 -9.141  -0.492  1.00 47.38 ? 74  LEU A CB  1 
ATOM   596  C CG  . LEU A 1 74  ? -10.131 -8.912  0.760   1.00 53.13 ? 74  LEU A CG  1 
ATOM   597  C CD1 . LEU A 1 74  ? -10.647 -7.699  1.542   1.00 53.99 ? 74  LEU A CD1 1 
ATOM   598  C CD2 . LEU A 1 74  ? -10.139 -10.164 1.621   1.00 54.30 ? 74  LEU A CD2 1 
ATOM   599  N N   . PHE A 1 75  ? -8.430  -10.785 -2.342  1.00 30.66 ? 75  PHE A N   1 
ATOM   600  C CA  . PHE A 1 75  ? -7.803  -12.082 -2.547  1.00 31.04 ? 75  PHE A CA  1 
ATOM   601  C C   . PHE A 1 75  ? -7.345  -12.709 -1.245  1.00 30.02 ? 75  PHE A C   1 
ATOM   602  O O   . PHE A 1 75  ? -6.848  -12.012 -0.352  1.00 27.68 ? 75  PHE A O   1 
ATOM   603  C CB  . PHE A 1 75  ? -6.652  -11.964 -3.541  1.00 31.06 ? 75  PHE A CB  1 
ATOM   604  C CG  . PHE A 1 75  ? -7.115  -11.868 -4.959  1.00 26.97 ? 75  PHE A CG  1 
ATOM   605  C CD1 . PHE A 1 75  ? -7.075  -12.977 -5.782  1.00 27.61 ? 75  PHE A CD1 1 
ATOM   606  C CD2 . PHE A 1 75  ? -7.622  -10.679 -5.457  1.00 29.38 ? 75  PHE A CD2 1 
ATOM   607  C CE1 . PHE A 1 75  ? -7.517  -12.895 -7.105  1.00 28.48 ? 75  PHE A CE1 1 
ATOM   608  C CE2 . PHE A 1 75  ? -8.048  -10.579 -6.777  1.00 31.33 ? 75  PHE A CE2 1 
ATOM   609  C CZ  . PHE A 1 75  ? -8.003  -11.693 -7.604  1.00 31.59 ? 75  PHE A CZ  1 
ATOM   610  N N   . ILE A 1 76  ? -7.565  -14.020 -1.133  1.00 25.85 ? 76  ILE A N   1 
ATOM   611  C CA  . ILE A 1 76  ? -6.985  -14.821 -0.059  1.00 25.49 ? 76  ILE A CA  1 
ATOM   612  C C   . ILE A 1 76  ? -6.050  -15.845 -0.675  1.00 26.52 ? 76  ILE A C   1 
ATOM   613  O O   . ILE A 1 76  ? -6.472  -16.703 -1.443  1.00 26.30 ? 76  ILE A O   1 
ATOM   614  C CB  . ILE A 1 76  ? -8.032  -15.573 0.801   1.00 26.28 ? 76  ILE A CB  1 
ATOM   615  C CG1 . ILE A 1 76  ? -9.200  -14.667 1.246   1.00 28.39 ? 76  ILE A CG1 1 
ATOM   616  C CG2 . ILE A 1 76  ? -7.359  -16.214 2.008   1.00 30.53 ? 76  ILE A CG2 1 
ATOM   617  C CD1 . ILE A 1 76  ? -8.825  -13.543 2.186   1.00 28.17 ? 76  ILE A CD1 1 
ATOM   618  N N   . LEU A 1 77  ? -4.782  -15.754 -0.310  1.00 25.55 ? 77  LEU A N   1 
ATOM   619  C CA  . LEU A 1 77  ? -3.764  -16.644 -0.833  1.00 33.05 ? 77  LEU A CA  1 
ATOM   620  C C   . LEU A 1 77  ? -3.190  -17.477 0.277   1.00 32.50 ? 77  LEU A C   1 
ATOM   621  O O   . LEU A 1 77  ? -3.115  -17.035 1.415   1.00 32.58 ? 77  LEU A O   1 
ATOM   622  C CB  . LEU A 1 77  ? -2.639  -15.850 -1.522  1.00 30.77 ? 77  LEU A CB  1 
ATOM   623  C CG  . LEU A 1 77  ? -2.851  -15.547 -3.004  1.00 31.19 ? 77  LEU A CG  1 
ATOM   624  C CD1 . LEU A 1 77  ? -4.047  -14.698 -3.255  1.00 37.87 ? 77  LEU A CD1 1 
ATOM   625  C CD2 . LEU A 1 77  ? -1.624  -14.901 -3.609  1.00 34.58 ? 77  LEU A CD2 1 
ATOM   626  N N   . GLU A 1 78  ? -2.775  -18.687 -0.075  1.00 35.59 ? 78  GLU A N   1 
ATOM   627  C CA  . GLU A 1 78  ? -2.078  -19.564 0.828   1.00 32.20 ? 78  GLU A CA  1 
ATOM   628  C C   . GLU A 1 78  ? -0.638  -19.707 0.335   1.00 31.72 ? 78  GLU A C   1 
ATOM   629  O O   . GLU A 1 78  ? -0.412  -20.014 -0.829  1.00 31.86 ? 78  GLU A O   1 
ATOM   630  C CB  . GLU A 1 78  ? -2.778  -20.908 0.798   1.00 37.03 ? 78  GLU A CB  1 
ATOM   631  C CG  . GLU A 1 78  ? -2.459  -21.889 1.921   1.00 40.73 ? 78  GLU A CG  1 
ATOM   632  C CD  . GLU A 1 78  ? -3.245  -23.210 1.768   1.00 46.65 ? 78  GLU A CD  1 
ATOM   633  O OE1 . GLU A 1 78  ? -4.114  -23.336 0.857   1.00 43.61 ? 78  GLU A OE1 1 
ATOM   634  O OE2 . GLU A 1 78  ? -2.995  -24.141 2.574   1.00 63.35 ? 78  GLU A OE2 1 
ATOM   635  N N   . PHE A 1 79  ? 0.315   -19.460 1.229   1.00 23.78 ? 79  PHE A N   1 
ATOM   636  C CA  . PHE A 1 79  ? 1.731   -19.661 0.993   1.00 30.41 ? 79  PHE A CA  1 
ATOM   637  C C   . PHE A 1 79  ? 2.013   -21.151 1.218   1.00 33.96 ? 79  PHE A C   1 
ATOM   638  O O   . PHE A 1 79  ? 1.899   -21.642 2.341   1.00 31.92 ? 79  PHE A O   1 
ATOM   639  C CB  . PHE A 1 79  ? 2.527   -18.797 1.973   1.00 23.82 ? 79  PHE A CB  1 
ATOM   640  C CG  . PHE A 1 79  ? 4.011   -18.776 1.722   1.00 29.54 ? 79  PHE A CG  1 
ATOM   641  C CD1 . PHE A 1 79  ? 4.525   -18.674 0.424   1.00 30.94 ? 79  PHE A CD1 1 
ATOM   642  C CD2 . PHE A 1 79  ? 4.906   -18.783 2.799   1.00 33.99 ? 79  PHE A CD2 1 
ATOM   643  C CE1 . PHE A 1 79  ? 5.904   -18.641 0.210   1.00 32.90 ? 79  PHE A CE1 1 
ATOM   644  C CE2 . PHE A 1 79  ? 6.283   -18.748 2.593   1.00 35.52 ? 79  PHE A CE2 1 
ATOM   645  C CZ  . PHE A 1 79  ? 6.782   -18.678 1.295   1.00 28.09 ? 79  PHE A CZ  1 
ATOM   646  N N   . LEU A 1 80  ? 2.333   -21.875 0.147   1.00 35.70 ? 80  LEU A N   1 
ATOM   647  C CA  . LEU A 1 80  ? 2.346   -23.343 0.200   1.00 38.99 ? 80  LEU A CA  1 
ATOM   648  C C   . LEU A 1 80  ? 3.359   -23.942 1.176   1.00 42.49 ? 80  LEU A C   1 
ATOM   649  O O   . LEU A 1 80  ? 3.134   -25.036 1.695   1.00 46.42 ? 80  LEU A O   1 
ATOM   650  C CB  . LEU A 1 80  ? 2.529   -23.956 -1.189  1.00 36.77 ? 80  LEU A CB  1 
ATOM   651  C CG  . LEU A 1 80  ? 1.363   -23.819 -2.164  1.00 37.63 ? 80  LEU A CG  1 
ATOM   652  C CD1 . LEU A 1 80  ? 1.734   -24.463 -3.473  1.00 37.49 ? 80  LEU A CD1 1 
ATOM   653  C CD2 . LEU A 1 80  ? 0.047   -24.403 -1.601  1.00 32.77 ? 80  LEU A CD2 1 
ATOM   654  N N   . HIS A 1 81  ? 4.457   -23.233 1.432   1.00 44.87 ? 81  HIS A N   1 
ATOM   655  C CA  . HIS A 1 81  ? 5.518   -23.758 2.283   1.00 48.64 ? 81  HIS A CA  1 
ATOM   656  C C   . HIS A 1 81  ? 5.077   -24.039 3.725   1.00 48.46 ? 81  HIS A C   1 
ATOM   657  O O   . HIS A 1 81  ? 5.459   -25.062 4.306   1.00 47.49 ? 81  HIS A O   1 
ATOM   658  C CB  . HIS A 1 81  ? 6.746   -22.848 2.275   1.00 53.68 ? 81  HIS A CB  1 
ATOM   659  C CG  . HIS A 1 81  ? 7.720   -23.161 3.367   1.00 62.83 ? 81  HIS A CG  1 
ATOM   660  N ND1 . HIS A 1 81  ? 8.074   -22.244 4.335   1.00 68.80 ? 81  HIS A ND1 1 
ATOM   661  C CD2 . HIS A 1 81  ? 8.379   -24.306 3.672   1.00 66.09 ? 81  HIS A CD2 1 
ATOM   662  C CE1 . HIS A 1 81  ? 8.928   -22.803 5.175   1.00 71.59 ? 81  HIS A CE1 1 
ATOM   663  N NE2 . HIS A 1 81  ? 9.126   -24.056 4.798   1.00 71.21 ? 81  HIS A NE2 1 
ATOM   664  N N   . ASN A 1 82  ? 4.282   -23.131 4.291   1.00 47.74 ? 82  ASN A N   1 
ATOM   665  C CA  . ASN A 1 82  ? 3.853   -23.236 5.686   1.00 42.30 ? 82  ASN A CA  1 
ATOM   666  C C   . ASN A 1 82  ? 2.345   -23.119 5.886   1.00 40.22 ? 82  ASN A C   1 
ATOM   667  O O   . ASN A 1 82  ? 1.873   -23.040 7.014   1.00 42.41 ? 82  ASN A O   1 
ATOM   668  C CB  . ASN A 1 82  ? 4.573   -22.188 6.531   1.00 42.36 ? 82  ASN A CB  1 
ATOM   669  C CG  . ASN A 1 82  ? 4.278   -20.777 6.075   1.00 43.67 ? 82  ASN A CG  1 
ATOM   670  O OD1 . ASN A 1 82  ? 3.402   -20.563 5.240   1.00 48.31 ? 82  ASN A OD1 1 
ATOM   671  N ND2 . ASN A 1 82  ? 5.003   -19.805 6.615   1.00 45.38 ? 82  ASN A ND2 1 
ATOM   672  N N   . GLY A 1 83  ? 1.582   -23.095 4.800   1.00 39.55 ? 83  GLY A N   1 
ATOM   673  C CA  . GLY A 1 83  ? 0.130   -22.916 4.903   1.00 39.44 ? 83  GLY A CA  1 
ATOM   674  C C   . GLY A 1 83  ? -0.363  -21.585 5.482   1.00 41.23 ? 83  GLY A C   1 
ATOM   675  O O   . GLY A 1 83  ? -1.563  -21.421 5.714   1.00 45.01 ? 83  GLY A O   1 
ATOM   676  N N   . MET A 1 84  ? 0.528   -20.624 5.708   1.00 38.69 ? 84  MET A N   1 
ATOM   677  C CA  . MET A 1 84  ? 0.080   -19.293 6.122   1.00 40.04 ? 84  MET A CA  1 
ATOM   678  C C   . MET A 1 84  ? -0.802  -18.652 5.039   1.00 36.26 ? 84  MET A C   1 
ATOM   679  O O   . MET A 1 84  ? -0.543  -18.795 3.857   1.00 33.17 ? 84  MET A O   1 
ATOM   680  C CB  . MET A 1 84  ? 1.257   -18.390 6.538   1.00 40.48 ? 84  MET A CB  1 
ATOM   681  C CG  . MET A 1 84  ? 1.972   -17.637 5.423   1.00 44.35 ? 84  MET A CG  1 
ATOM   682  S SD  . MET A 1 84  ? 2.930   -16.165 5.933   1.00 49.97 ? 84  MET A SD  1 
ATOM   683  C CE  . MET A 1 84  ? 2.246   -15.745 7.531   1.00 42.84 ? 84  MET A CE  1 
ATOM   684  N N   . GLN A 1 85  ? -1.877  -17.994 5.456   1.00 34.44 ? 85  GLN A N   1 
ATOM   685  C CA  . GLN A 1 85  ? -2.787  -17.355 4.519   1.00 35.09 ? 85  GLN A CA  1 
ATOM   686  C C   . GLN A 1 85  ? -2.491  -15.863 4.465   1.00 32.50 ? 85  GLN A C   1 
ATOM   687  O O   . GLN A 1 85  ? -2.270  -15.232 5.494   1.00 29.43 ? 85  GLN A O   1 
ATOM   688  C CB  . GLN A 1 85  ? -4.246  -17.573 4.927   1.00 31.18 ? 85  GLN A CB  1 
ATOM   689  C CG  . GLN A 1 85  ? -4.817  -18.918 4.563   1.00 34.46 ? 85  GLN A CG  1 
ATOM   690  C CD  . GLN A 1 85  ? -6.293  -18.989 4.891   1.00 33.78 ? 85  GLN A CD  1 
ATOM   691  O OE1 . GLN A 1 85  ? -6.694  -18.722 6.026   1.00 36.07 ? 85  GLN A OE1 1 
ATOM   692  N NE2 . GLN A 1 85  ? -7.116  -19.315 3.897   1.00 30.17 ? 85  GLN A NE2 1 
ATOM   693  N N   . LEU A 1 86  ? -2.479  -15.303 3.263   1.00 29.92 ? 86  LEU A N   1 
ATOM   694  C CA  . LEU A 1 86  ? -2.301  -13.860 3.118   1.00 26.51 ? 86  LEU A CA  1 
ATOM   695  C C   . LEU A 1 86  ? -3.573  -13.288 2.540   1.00 26.54 ? 86  LEU A C   1 
ATOM   696  O O   . LEU A 1 86  ? -4.218  -13.932 1.715   1.00 30.02 ? 86  LEU A O   1 
ATOM   697  C CB  . LEU A 1 86  ? -1.114  -13.552 2.215   1.00 25.69 ? 86  LEU A CB  1 
ATOM   698  C CG  . LEU A 1 86  ? 0.225   -14.228 2.542   1.00 27.46 ? 86  LEU A CG  1 
ATOM   699  C CD1 . LEU A 1 86  ? 1.213   -14.097 1.383   1.00 32.54 ? 86  LEU A CD1 1 
ATOM   700  C CD2 . LEU A 1 86  ? 0.847   -13.678 3.818   1.00 26.23 ? 86  LEU A CD2 1 
ATOM   701  N N   . LYS A 1 87  ? -3.959  -12.095 2.983   1.00 27.91 ? 87  LYS A N   1 
ATOM   702  C CA  . LYS A 1 87  ? -5.107  -11.431 2.369   1.00 30.07 ? 87  LYS A CA  1 
ATOM   703  C C   . LYS A 1 87  ? -4.763  -10.061 1.805   1.00 27.81 ? 87  LYS A C   1 
ATOM   704  O O   . LYS A 1 87  ? -3.979  -9.320  2.412   1.00 27.61 ? 87  LYS A O   1 
ATOM   705  C CB  . LYS A 1 87  ? -6.289  -11.340 3.345   1.00 33.25 ? 87  LYS A CB  1 
ATOM   706  C CG  . LYS A 1 87  ? -6.248  -10.224 4.328   1.00 39.77 ? 87  LYS A CG  1 
ATOM   707  C CD  . LYS A 1 87  ? -7.687  -9.848  4.701   1.00 51.44 ? 87  LYS A CD  1 
ATOM   708  C CE  . LYS A 1 87  ? -7.722  -8.628  5.621   1.00 56.37 ? 87  LYS A CE  1 
ATOM   709  N NZ  . LYS A 1 87  ? -9.123  -8.154  5.874   1.00 62.07 ? 87  LYS A NZ  1 
ATOM   710  N N   . GLY A 1 88  ? -5.353  -9.726  0.657   1.00 24.37 ? 88  GLY A N   1 
ATOM   711  C CA  . GLY A 1 88  ? -5.212  -8.382  0.095   1.00 24.65 ? 88  GLY A CA  1 
ATOM   712  C C   . GLY A 1 88  ? -5.615  -8.204  -1.348  1.00 28.89 ? 88  GLY A C   1 
ATOM   713  O O   . GLY A 1 88  ? -6.228  -9.068  -1.942  1.00 31.00 ? 88  GLY A O   1 
ATOM   714  N N   . GLN A 1 89  ? -5.249  -7.067  -1.926  1.00 30.87 ? 89  GLN A N   1 
ATOM   715  C CA  . GLN A 1 89  ? -5.689  -6.706  -3.273  1.00 30.91 ? 89  GLN A CA  1 
ATOM   716  C C   . GLN A 1 89  ? -4.676  -7.119  -4.323  1.00 30.40 ? 89  GLN A C   1 
ATOM   717  O O   . GLN A 1 89  ? -3.477  -7.158  -4.063  1.00 28.93 ? 89  GLN A O   1 
ATOM   718  C CB  . GLN A 1 89  ? -5.864  -5.196  -3.380  1.00 34.74 ? 89  GLN A CB  1 
ATOM   719  C CG  . GLN A 1 89  ? -6.510  -4.522  -2.182  1.00 41.32 ? 89  GLN A CG  1 
ATOM   720  C CD  . GLN A 1 89  ? -6.646  -3.025  -2.390  1.00 43.86 ? 89  GLN A CD  1 
ATOM   721  O OE1 . GLN A 1 89  ? -7.317  -2.581  -3.320  1.00 45.09 ? 89  GLN A OE1 1 
ATOM   722  N NE2 . GLN A 1 89  ? -5.997  -2.239  -1.525  1.00 48.48 ? 89  GLN A NE2 1 
ATOM   723  N N   . MET A 1 90  ? -5.169  -7.380  -5.523  1.00 28.96 ? 90  MET A N   1 
ATOM   724  C CA  . MET A 1 90  ? -4.339  -7.649  -6.674  1.00 32.04 ? 90  MET A CA  1 
ATOM   725  C C   . MET A 1 90  ? -4.491  -6.439  -7.602  1.00 32.06 ? 90  MET A C   1 
ATOM   726  O O   . MET A 1 90  ? -5.556  -6.220  -8.171  1.00 35.47 ? 90  MET A O   1 
ATOM   727  C CB  . MET A 1 90  ? -4.826  -8.908  -7.400  1.00 31.65 ? 90  MET A CB  1 
ATOM   728  C CG  . MET A 1 90  ? -4.521  -10.224 -6.707  1.00 33.01 ? 90  MET A CG  1 
ATOM   729  S SD  . MET A 1 90  ? -2.825  -10.737 -7.004  1.00 33.47 ? 90  MET A SD  1 
ATOM   730  C CE  . MET A 1 90  ? -2.788  -12.397 -6.278  1.00 32.36 ? 90  MET A CE  1 
ATOM   731  N N   . MET A 1 91  ? -3.414  -5.687  -7.778  1.00 30.93 ? 91  MET A N   1 
ATOM   732  C CA  . MET A 1 91  ? -3.448  -4.466  -8.568  1.00 32.35 ? 91  MET A CA  1 
ATOM   733  C C   . MET A 1 91  ? -2.603  -4.531  -9.827  1.00 31.61 ? 91  MET A C   1 
ATOM   734  O O   . MET A 1 91  ? -1.370  -4.683  -9.761  1.00 26.03 ? 91  MET A O   1 
ATOM   735  C CB  . MET A 1 91  ? -2.990  -3.298  -7.716  1.00 38.03 ? 91  MET A CB  1 
ATOM   736  C CG  . MET A 1 91  ? -4.000  -2.896  -6.643  1.00 53.40 ? 91  MET A CG  1 
ATOM   737  S SD  . MET A 1 91  ? -3.138  -2.982  -5.071  1.00 68.16 ? 91  MET A SD  1 
ATOM   738  C CE  . MET A 1 91  ? -1.457  -2.688  -5.624  1.00 67.16 ? 91  MET A CE  1 
ATOM   739  N N   . TYR A 1 92  ? -3.261  -4.370  -10.970 1.00 27.99 ? 92  TYR A N   1 
ATOM   740  C CA  . TYR A 1 92  ? -2.594  -4.488  -12.250 1.00 28.42 ? 92  TYR A CA  1 
ATOM   741  C C   . TYR A 1 92  ? -1.847  -3.201  -12.644 1.00 28.79 ? 92  TYR A C   1 
ATOM   742  O O   . TYR A 1 92  ? -2.420  -2.115  -12.612 1.00 30.87 ? 92  TYR A O   1 
ATOM   743  C CB  . TYR A 1 92  ? -3.581  -4.984  -13.325 1.00 32.78 ? 92  TYR A CB  1 
ATOM   744  C CG  . TYR A 1 92  ? -3.025  -4.972  -14.730 1.00 39.20 ? 92  TYR A CG  1 
ATOM   745  C CD1 . TYR A 1 92  ? -1.995  -5.840  -15.109 1.00 39.98 ? 92  TYR A CD1 1 
ATOM   746  C CD2 . TYR A 1 92  ? -3.529  -4.088  -15.686 1.00 44.52 ? 92  TYR A CD2 1 
ATOM   747  C CE1 . TYR A 1 92  ? -1.471  -5.823  -16.404 1.00 39.53 ? 92  TYR A CE1 1 
ATOM   748  C CE2 . TYR A 1 92  ? -3.014  -4.055  -16.981 1.00 43.90 ? 92  TYR A CE2 1 
ATOM   749  C CZ  . TYR A 1 92  ? -1.985  -4.928  -17.336 1.00 44.17 ? 92  TYR A CZ  1 
ATOM   750  O OH  . TYR A 1 92  ? -1.478  -4.898  -18.626 1.00 47.40 ? 92  TYR A OH  1 
ATOM   751  N N   . GLN A 1 93  ? -0.555  -3.329  -12.973 1.00 29.45 ? 93  GLN A N   1 
ATOM   752  C CA  . GLN A 1 93  ? 0.274   -2.200  -13.424 1.00 34.19 ? 93  GLN A CA  1 
ATOM   753  C C   . GLN A 1 93  ? 0.595   -2.331  -14.930 1.00 40.31 ? 93  GLN A C   1 
ATOM   754  O O   . GLN A 1 93  ? 1.582   -2.986  -15.301 1.00 37.30 ? 93  GLN A O   1 
ATOM   755  C CB  . GLN A 1 93  ? 1.557   -2.124  -12.595 1.00 37.24 ? 93  GLN A CB  1 
ATOM   756  C CG  . GLN A 1 93  ? 2.465   -0.938  -12.914 1.00 41.18 ? 93  GLN A CG  1 
ATOM   757  C CD  . GLN A 1 93  ? 2.001   0.325   -12.239 1.00 45.59 ? 93  GLN A CD  1 
ATOM   758  O OE1 . GLN A 1 93  ? 2.310   0.575   -11.073 1.00 47.98 ? 93  GLN A OE1 1 
ATOM   759  N NE2 . GLN A 1 93  ? 1.249   1.138   -12.970 1.00 49.27 ? 93  GLN A NE2 1 
ATOM   760  N N   . PRO A 1 94  ? -0.267  -1.755  -15.802 1.00 44.89 ? 94  PRO A N   1 
ATOM   761  C CA  . PRO A 1 94  ? -0.112  -1.872  -17.261 1.00 48.78 ? 94  PRO A CA  1 
ATOM   762  C C   . PRO A 1 94  ? 1.228   -1.426  -17.845 1.00 49.94 ? 94  PRO A C   1 
ATOM   763  O O   . PRO A 1 94  ? 1.774   -2.145  -18.673 1.00 52.78 ? 94  PRO A O   1 
ATOM   764  C CB  . PRO A 1 94  ? -1.269  -1.039  -17.832 1.00 51.80 ? 94  PRO A CB  1 
ATOM   765  C CG  . PRO A 1 94  ? -1.925  -0.362  -16.672 1.00 49.78 ? 94  PRO A CG  1 
ATOM   766  C CD  . PRO A 1 94  ? -1.493  -1.024  -15.423 1.00 47.80 ? 94  PRO A CD  1 
ATOM   767  N N   . GLU A 1 95  ? 1.772   -0.287  -17.430 1.00 54.40 ? 95  GLU A N   1 
ATOM   768  C CA  . GLU A 1 95  ? 3.038   0.174   -18.034 1.00 59.81 ? 95  GLU A CA  1 
ATOM   769  C C   . GLU A 1 95  ? 4.132   -0.891  -17.950 1.00 56.80 ? 95  GLU A C   1 
ATOM   770  O O   . GLU A 1 95  ? 4.756   -1.217  -18.963 1.00 57.50 ? 95  GLU A O   1 
ATOM   771  C CB  . GLU A 1 95  ? 3.505   1.557   -17.513 1.00 62.11 ? 95  GLU A CB  1 
ATOM   772  C CG  . GLU A 1 95  ? 3.535   1.757   -15.987 1.00 69.26 ? 95  GLU A CG  1 
ATOM   773  C CD  . GLU A 1 95  ? 4.074   3.138   -15.552 1.00 71.51 ? 95  GLU A CD  1 
ATOM   774  O OE1 . GLU A 1 95  ? 5.204   3.510   -15.955 1.00 74.68 ? 95  GLU A OE1 1 
ATOM   775  O OE2 . GLU A 1 95  ? 3.373   3.846   -14.788 1.00 75.35 ? 95  GLU A OE2 1 
ATOM   776  N N   . GLU A 1 96  ? 4.318   -1.463  -16.757 1.00 51.77 ? 96  GLU A N   1 
ATOM   777  C CA  . GLU A 1 96  ? 5.287   -2.535  -16.532 1.00 46.09 ? 96  GLU A CA  1 
ATOM   778  C C   . GLU A 1 96  ? 4.763   -3.955  -16.786 1.00 41.07 ? 96  GLU A C   1 
ATOM   779  O O   . GLU A 1 96  ? 5.546   -4.897  -16.821 1.00 42.09 ? 96  GLU A O   1 
ATOM   780  C CB  . GLU A 1 96  ? 5.844   -2.468  -15.111 1.00 49.68 ? 96  GLU A CB  1 
ATOM   781  C CG  . GLU A 1 96  ? 6.837   -1.355  -14.865 1.00 57.01 ? 96  GLU A CG  1 
ATOM   782  C CD  . GLU A 1 96  ? 6.265   -0.258  -13.994 1.00 62.13 ? 96  GLU A CD  1 
ATOM   783  O OE1 . GLU A 1 96  ? 5.142   0.213   -14.286 1.00 61.11 ? 96  GLU A OE1 1 
ATOM   784  O OE2 . GLU A 1 96  ? 6.939   0.126   -13.005 1.00 66.45 ? 96  GLU A OE2 1 
ATOM   785  N N   . GLU A 1 97  ? 3.450   -4.115  -16.942 1.00 38.86 ? 97  GLU A N   1 
ATOM   786  C CA  . GLU A 1 97  ? 2.828   -5.436  -17.154 1.00 39.88 ? 97  GLU A CA  1 
ATOM   787  C C   . GLU A 1 97  ? 3.018   -6.445  -15.995 1.00 35.94 ? 97  GLU A C   1 
ATOM   788  O O   . GLU A 1 97  ? 3.289   -7.637  -16.210 1.00 29.52 ? 97  GLU A O   1 
ATOM   789  C CB  . GLU A 1 97  ? 3.258   -6.040  -18.495 1.00 47.11 ? 97  GLU A CB  1 
ATOM   790  C CG  . GLU A 1 97  ? 2.486   -5.495  -19.692 1.00 60.96 ? 97  GLU A CG  1 
ATOM   791  C CD  . GLU A 1 97  ? 2.601   -6.394  -20.913 1.00 70.77 ? 97  GLU A CD  1 
ATOM   792  O OE1 . GLU A 1 97  ? 3.737   -6.584  -21.418 1.00 77.32 ? 97  GLU A OE1 1 
ATOM   793  O OE2 . GLU A 1 97  ? 1.551   -6.907  -21.370 1.00 75.41 ? 97  GLU A OE2 1 
ATOM   794  N N   . VAL A 1 98  ? 2.866   -5.951  -14.772 1.00 29.85 ? 98  VAL A N   1 
ATOM   795  C CA  . VAL A 1 98  ? 2.888   -6.795  -13.596 1.00 29.52 ? 98  VAL A CA  1 
ATOM   796  C C   . VAL A 1 98  ? 1.670   -6.552  -12.695 1.00 24.51 ? 98  VAL A C   1 
ATOM   797  O O   . VAL A 1 98  ? 1.046   -5.487  -12.732 1.00 23.44 ? 98  VAL A O   1 
ATOM   798  C CB  . VAL A 1 98  ? 4.184   -6.615  -12.764 1.00 28.75 ? 98  VAL A CB  1 
ATOM   799  C CG1 . VAL A 1 98  ? 5.431   -6.779  -13.638 1.00 38.28 ? 98  VAL A CG1 1 
ATOM   800  C CG2 . VAL A 1 98  ? 4.201   -5.297  -12.078 1.00 28.40 ? 98  VAL A CG2 1 
ATOM   801  N N   . ILE A 1 99  ? 1.361   -7.555  -11.882 1.00 19.50 ? 99  ILE A N   1 
ATOM   802  C CA  . ILE A 1 99  ? 0.361   -7.452  -10.819 1.00 19.96 ? 99  ILE A CA  1 
ATOM   803  C C   . ILE A 1 99  ? 1.067   -7.456  -9.471  1.00 24.39 ? 99  ILE A C   1 
ATOM   804  O O   . ILE A 1 99  ? 1.944   -8.323  -9.199  1.00 25.75 ? 99  ILE A O   1 
ATOM   805  C CB  . ILE A 1 99  ? -0.663  -8.602  -10.938 1.00 20.99 ? 99  ILE A CB  1 
ATOM   806  C CG1 . ILE A 1 99  ? -1.468  -8.430  -12.245 1.00 24.35 ? 99  ILE A CG1 1 
ATOM   807  C CG2 . ILE A 1 99  ? -1.589  -8.692  -9.711  1.00 16.25 ? 99  ILE A CG2 1 
ATOM   808  C CD1 . ILE A 1 99  ? -2.487  -9.541  -12.508 1.00 26.81 ? 99  ILE A CD1 1 
ATOM   809  N N   . PHE A 1 100 ? 0.737   -6.472  -8.638  1.00 20.07 ? 100 PHE A N   1 
ATOM   810  C CA  . PHE A 1 100 ? 1.189   -6.505  -7.259  1.00 23.63 ? 100 PHE A CA  1 
ATOM   811  C C   . PHE A 1 100 ? 0.131   -7.174  -6.392  1.00 25.36 ? 100 PHE A C   1 
ATOM   812  O O   . PHE A 1 100 ? -1.029  -6.782  -6.414  1.00 24.56 ? 100 PHE A O   1 
ATOM   813  C CB  . PHE A 1 100 ? 1.476   -5.104  -6.700  1.00 18.58 ? 100 PHE A CB  1 
ATOM   814  C CG  . PHE A 1 100 ? 2.586   -4.390  -7.392  1.00 20.93 ? 100 PHE A CG  1 
ATOM   815  C CD1 . PHE A 1 100 ? 3.871   -4.369  -6.844  1.00 21.15 ? 100 PHE A CD1 1 
ATOM   816  C CD2 . PHE A 1 100 ? 2.353   -3.735  -8.587  1.00 20.68 ? 100 PHE A CD2 1 
ATOM   817  C CE1 . PHE A 1 100 ? 4.909   -3.690  -7.506  1.00 20.16 ? 100 PHE A CE1 1 
ATOM   818  C CE2 . PHE A 1 100 ? 3.377   -3.070  -9.248  1.00 20.52 ? 100 PHE A CE2 1 
ATOM   819  C CZ  . PHE A 1 100 ? 4.648   -3.046  -8.709  1.00 14.56 ? 100 PHE A CZ  1 
ATOM   820  N N   . PHE A 1 101 ? 0.536   -8.168  -5.617  1.00 21.82 ? 101 PHE A N   1 
ATOM   821  C CA  . PHE A 1 101 ? -0.312  -8.606  -4.515  1.00 22.70 ? 101 PHE A CA  1 
ATOM   822  C C   . PHE A 1 101 ? 0.133   -7.840  -3.306  1.00 23.06 ? 101 PHE A C   1 
ATOM   823  O O   . PHE A 1 101 ? 1.228   -8.060  -2.832  1.00 23.17 ? 101 PHE A O   1 
ATOM   824  C CB  . PHE A 1 101 ? -0.170  -10.094 -4.254  1.00 25.31 ? 101 PHE A CB  1 
ATOM   825  C CG  . PHE A 1 101 ? -0.920  -10.560 -3.028  1.00 25.10 ? 101 PHE A CG  1 
ATOM   826  C CD1 . PHE A 1 101 ? -2.319  -10.630 -3.035  1.00 20.92 ? 101 PHE A CD1 1 
ATOM   827  C CD2 . PHE A 1 101 ? -0.223  -10.866 -1.860  1.00 26.01 ? 101 PHE A CD2 1 
ATOM   828  C CE1 . PHE A 1 101 ? -3.018  -11.057 -1.911  1.00 25.93 ? 101 PHE A CE1 1 
ATOM   829  C CE2 . PHE A 1 101 ? -0.914  -11.292 -0.702  1.00 35.73 ? 101 PHE A CE2 1 
ATOM   830  C CZ  . PHE A 1 101 ? -2.307  -11.395 -0.729  1.00 27.92 ? 101 PHE A CZ  1 
ATOM   831  N N   . LEU A 1 102 ? -0.695  -6.911  -2.821  1.00 24.12 ? 102 LEU A N   1 
ATOM   832  C CA  . LEU A 1 102 ? -0.349  -6.189  -1.603  1.00 27.00 ? 102 LEU A CA  1 
ATOM   833  C C   . LEU A 1 102 ? -1.066  -6.881  -0.459  1.00 31.82 ? 102 LEU A C   1 
ATOM   834  O O   . LEU A 1 102 ? -2.228  -6.619  -0.181  1.00 33.13 ? 102 LEU A O   1 
ATOM   835  C CB  . LEU A 1 102 ? -0.717  -4.700  -1.689  1.00 27.00 ? 102 LEU A CB  1 
ATOM   836  C CG  . LEU A 1 102 ? 0.019   -3.853  -2.731  1.00 27.96 ? 102 LEU A CG  1 
ATOM   837  C CD1 . LEU A 1 102 ? -0.314  -2.377  -2.537  1.00 32.96 ? 102 LEU A CD1 1 
ATOM   838  C CD2 . LEU A 1 102 ? 1.503   -4.048  -2.593  1.00 19.15 ? 102 LEU A CD2 1 
ATOM   839  N N   . GLY A 1 103 ? -0.363  -7.810  0.157   1.00 35.99 ? 103 GLY A N   1 
ATOM   840  C CA  . GLY A 1 103 ? -0.977  -8.726  1.095   1.00 38.16 ? 103 GLY A CA  1 
ATOM   841  C C   . GLY A 1 103 ? -0.279  -8.730  2.419   1.00 34.49 ? 103 GLY A C   1 
ATOM   842  O O   . GLY A 1 103 ? 0.873   -8.317  2.528   1.00 36.01 ? 103 GLY A O   1 
ATOM   843  N N   . SER A 1 104 ? -1.015  -9.171  3.431   1.00 33.07 ? 104 SER A N   1 
ATOM   844  C CA  . SER A 1 104 ? -0.505  -9.322  4.770   1.00 33.59 ? 104 SER A CA  1 
ATOM   845  C C   . SER A 1 104 ? -1.216  -10.518 5.385   1.00 29.15 ? 104 SER A C   1 
ATOM   846  O O   . SER A 1 104 ? -2.324  -10.881 4.941   1.00 21.55 ? 104 SER A O   1 
ATOM   847  C CB  . SER A 1 104 ? -0.754  -8.046  5.585   1.00 34.37 ? 104 SER A CB  1 
ATOM   848  O OG  . SER A 1 104 ? -2.028  -7.505  5.272   1.00 46.06 ? 104 SER A OG  1 
ATOM   849  N N   . PRO A 1 105 ? -0.580  -11.164 6.376   1.00 30.91 ? 105 PRO A N   1 
ATOM   850  C CA  . PRO A 1 105 ? -1.199  -12.313 7.065   1.00 37.71 ? 105 PRO A CA  1 
ATOM   851  C C   . PRO A 1 105 ? -2.523  -11.912 7.663   1.00 40.38 ? 105 PRO A C   1 
ATOM   852  O O   . PRO A 1 105 ? -2.583  -10.882 8.316   1.00 42.86 ? 105 PRO A O   1 
ATOM   853  C CB  . PRO A 1 105 ? -0.208  -12.622 8.189   1.00 34.13 ? 105 PRO A CB  1 
ATOM   854  C CG  . PRO A 1 105 ? 1.087   -12.165 7.675   1.00 33.50 ? 105 PRO A CG  1 
ATOM   855  C CD  . PRO A 1 105 ? 0.761   -10.883 6.910   1.00 35.60 ? 105 PRO A CD  1 
ATOM   856  N N   . TRP A 1 106 ? -3.591  -12.665 7.420   1.00 48.91 ? 106 TRP A N   1 
ATOM   857  C CA  . TRP A 1 106 ? -4.827  -12.349 8.133   1.00 56.46 ? 106 TRP A CA  1 
ATOM   858  C C   . TRP A 1 106 ? -5.016  -13.246 9.343   1.00 61.62 ? 106 TRP A C   1 
ATOM   859  O O   . TRP A 1 106 ? -4.561  -14.387 9.345   1.00 63.58 ? 106 TRP A O   1 
ATOM   860  C CB  . TRP A 1 106 ? -6.048  -12.299 7.216   1.00 56.40 ? 106 TRP A CB  1 
ATOM   861  C CG  . TRP A 1 106 ? -6.670  -13.595 6.841   1.00 56.56 ? 106 TRP A CG  1 
ATOM   862  C CD1 . TRP A 1 106 ? -6.042  -14.786 6.619   1.00 58.21 ? 106 TRP A CD1 1 
ATOM   863  C CD2 . TRP A 1 106 ? -8.057  -13.817 6.578   1.00 56.09 ? 106 TRP A CD2 1 
ATOM   864  N NE1 . TRP A 1 106 ? -6.959  -15.747 6.255   1.00 56.68 ? 106 TRP A NE1 1 
ATOM   865  C CE2 . TRP A 1 106 ? -8.203  -15.179 6.218   1.00 55.50 ? 106 TRP A CE2 1 
ATOM   866  C CE3 . TRP A 1 106 ? -9.194  -12.999 6.619   1.00 52.01 ? 106 TRP A CE3 1 
ATOM   867  C CZ2 . TRP A 1 106 ? -9.439  -15.744 5.902   1.00 54.31 ? 106 TRP A CZ2 1 
ATOM   868  C CZ3 . TRP A 1 106 ? -10.422 -13.560 6.306   1.00 56.61 ? 106 TRP A CZ3 1 
ATOM   869  C CH2 . TRP A 1 106 ? -10.534 -14.925 5.952   1.00 57.20 ? 106 TRP A CH2 1 
ATOM   870  N N   . ILE A 1 107 ? -5.653  -12.697 10.377  1.00 67.97 ? 107 ILE A N   1 
ATOM   871  C CA  . ILE A 1 107 ? -5.767  -13.361 11.675  1.00 71.87 ? 107 ILE A CA  1 
ATOM   872  C C   . ILE A 1 107 ? -7.221  -13.420 12.131  1.00 73.41 ? 107 ILE A C   1 
ATOM   873  O O   . ILE A 1 107 ? -7.757  -14.502 12.375  1.00 75.50 ? 107 ILE A O   1 
ATOM   874  C CB  . ILE A 1 107 ? -4.898  -12.663 12.764  1.00 73.09 ? 107 ILE A CB  1 
ATOM   875  C CG1 . ILE A 1 107 ? -3.436  -12.548 12.309  1.00 72.12 ? 107 ILE A CG1 1 
ATOM   876  C CG2 . ILE A 1 107 ? -4.971  -13.430 14.091  1.00 74.05 ? 107 ILE A CG2 1 
ATOM   877  C CD1 . ILE A 1 107 ? -2.620  -11.513 13.076  1.00 72.50 ? 107 ILE A CD1 1 
ATOM   878  N N   . MET B 1 1   ? 23.693  -6.603  -2.243  1.00 59.29 ? 1   MET B N   1 
ATOM   879  C CA  . MET B 1 1   ? 22.227  -6.289  -2.231  1.00 56.80 ? 1   MET B CA  1 
ATOM   880  C C   . MET B 1 1   ? 21.485  -6.786  -3.486  1.00 55.10 ? 1   MET B C   1 
ATOM   881  O O   . MET B 1 1   ? 22.036  -6.772  -4.601  1.00 52.54 ? 1   MET B O   1 
ATOM   882  C CB  . MET B 1 1   ? 21.982  -4.784  -2.013  1.00 58.46 ? 1   MET B CB  1 
ATOM   883  C CG  . MET B 1 1   ? 21.804  -4.366  -0.536  1.00 65.22 ? 1   MET B CG  1 
ATOM   884  S SD  . MET B 1 1   ? 20.099  -4.251  0.096   1.00 67.31 ? 1   MET B SD  1 
ATOM   885  C CE  . MET B 1 1   ? 19.660  -5.972  0.409   1.00 71.02 ? 1   MET B CE  1 
ATOM   886  N N   . ALA B 1 2   ? 20.243  -7.244  -3.272  1.00 47.60 ? 2   ALA B N   1 
ATOM   887  C CA  . ALA B 1 2   ? 19.257  -7.446  -4.343  1.00 43.47 ? 2   ALA B CA  1 
ATOM   888  C C   . ALA B 1 2   ? 17.992  -6.618  -4.046  1.00 38.28 ? 2   ALA B C   1 
ATOM   889  O O   . ALA B 1 2   ? 16.938  -7.179  -3.744  1.00 38.33 ? 2   ALA B O   1 
ATOM   890  C CB  . ALA B 1 2   ? 18.915  -8.926  -4.503  1.00 43.81 ? 2   ALA B CB  1 
ATOM   891  N N   . PRO B 1 3   ? 18.105  -5.274  -4.108  1.00 32.52 ? 3   PRO B N   1 
ATOM   892  C CA  . PRO B 1 3   ? 17.013  -4.404  -3.695  1.00 28.04 ? 3   PRO B CA  1 
ATOM   893  C C   . PRO B 1 3   ? 15.763  -4.546  -4.565  1.00 30.83 ? 3   PRO B C   1 
ATOM   894  O O   . PRO B 1 3   ? 15.854  -5.025  -5.707  1.00 27.44 ? 3   PRO B O   1 
ATOM   895  C CB  . PRO B 1 3   ? 17.597  -2.991  -3.842  1.00 31.57 ? 3   PRO B CB  1 
ATOM   896  C CG  . PRO B 1 3   ? 18.687  -3.112  -4.819  1.00 29.25 ? 3   PRO B CG  1 
ATOM   897  C CD  . PRO B 1 3   ? 19.259  -4.507  -4.612  1.00 30.01 ? 3   PRO B CD  1 
ATOM   898  N N   . PRO B 1 4   ? 14.586  -4.150  -4.026  1.00 28.22 ? 4   PRO B N   1 
ATOM   899  C CA  . PRO B 1 4   ? 13.371  -4.163  -4.840  1.00 26.52 ? 4   PRO B CA  1 
ATOM   900  C C   . PRO B 1 4   ? 13.456  -3.045  -5.886  1.00 28.55 ? 4   PRO B C   1 
ATOM   901  O O   . PRO B 1 4   ? 14.093  -2.018  -5.634  1.00 23.96 ? 4   PRO B O   1 
ATOM   902  C CB  . PRO B 1 4   ? 12.263  -3.882  -3.822  1.00 25.44 ? 4   PRO B CB  1 
ATOM   903  C CG  . PRO B 1 4   ? 12.926  -3.099  -2.750  1.00 31.59 ? 4   PRO B CG  1 
ATOM   904  C CD  . PRO B 1 4   ? 14.334  -3.657  -2.660  1.00 27.96 ? 4   PRO B CD  1 
ATOM   905  N N   . HIS B 1 5   ? 12.857  -3.245  -7.054  1.00 27.54 ? 5   HIS B N   1 
ATOM   906  C CA  . HIS B 1 5   ? 13.012  -2.258  -8.100  1.00 27.50 ? 5   HIS B CA  1 
ATOM   907  C C   . HIS B 1 5   ? 11.703  -1.724  -8.663  1.00 25.53 ? 5   HIS B C   1 
ATOM   908  O O   . HIS B 1 5   ? 11.722  -0.772  -9.423  1.00 21.06 ? 5   HIS B O   1 
ATOM   909  C CB  . HIS B 1 5   ? 13.959  -2.770  -9.217  1.00 27.15 ? 5   HIS B CB  1 
ATOM   910  C CG  . HIS B 1 5   ? 13.359  -3.830  -10.087 1.00 25.58 ? 5   HIS B CG  1 
ATOM   911  N ND1 . HIS B 1 5   ? 13.026  -5.079  -9.615  1.00 22.24 ? 5   HIS B ND1 1 
ATOM   912  C CD2 . HIS B 1 5   ? 13.042  -3.827  -11.402 1.00 28.52 ? 5   HIS B CD2 1 
ATOM   913  C CE1 . HIS B 1 5   ? 12.498  -5.791  -10.592 1.00 26.34 ? 5   HIS B CE1 1 
ATOM   914  N NE2 . HIS B 1 5   ? 12.501  -5.056  -11.690 1.00 28.01 ? 5   HIS B NE2 1 
ATOM   915  N N   . LEU B 1 6   ? 10.575  -2.289  -8.233  1.00 24.59 ? 6   LEU B N   1 
ATOM   916  C CA  . LEU B 1 6   ? 9.256   -1.928  -8.760  1.00 21.21 ? 6   LEU B CA  1 
ATOM   917  C C   . LEU B 1 6   ? 8.359   -1.382  -7.679  1.00 21.52 ? 6   LEU B C   1 
ATOM   918  O O   . LEU B 1 6   ? 8.422   -1.816  -6.515  1.00 16.20 ? 6   LEU B O   1 
ATOM   919  C CB  . LEU B 1 6   ? 8.556   -3.147  -9.360  1.00 23.80 ? 6   LEU B CB  1 
ATOM   920  C CG  . LEU B 1 6   ? 9.197   -3.910  -10.514 1.00 31.55 ? 6   LEU B CG  1 
ATOM   921  C CD1 . LEU B 1 6   ? 8.638   -5.314  -10.519 1.00 31.01 ? 6   LEU B CD1 1 
ATOM   922  C CD2 . LEU B 1 6   ? 8.957   -3.208  -11.864 1.00 31.00 ? 6   LEU B CD2 1 
ATOM   923  N N   . THR B 1 7   ? 7.506   -0.438  -8.071  1.00 19.41 ? 7   THR B N   1 
ATOM   924  C CA  . THR B 1 7   ? 6.532   0.124   -7.154  1.00 23.24 ? 7   THR B CA  1 
ATOM   925  C C   . THR B 1 7   ? 5.278   0.523   -7.902  1.00 24.62 ? 7   THR B C   1 
ATOM   926  O O   . THR B 1 7   ? 5.280   0.529   -9.131  1.00 22.88 ? 7   THR B O   1 
ATOM   927  C CB  . THR B 1 7   ? 7.070   1.305   -6.402  1.00 27.20 ? 7   THR B CB  1 
ATOM   928  O OG1 . THR B 1 7   ? 6.146   1.625   -5.342  1.00 27.03 ? 7   THR B OG1 1 
ATOM   929  C CG2 . THR B 1 7   ? 7.287   2.523   -7.365  1.00 22.21 ? 7   THR B CG2 1 
ATOM   930  N N   . LEU B 1 8   ? 4.208   0.821   -7.165  1.00 21.95 ? 8   LEU B N   1 
ATOM   931  C CA  . LEU B 1 8   ? 2.957   1.242   -7.791  1.00 27.04 ? 8   LEU B CA  1 
ATOM   932  C C   . LEU B 1 8   ? 3.171   2.652   -8.326  1.00 26.47 ? 8   LEU B C   1 
ATOM   933  O O   . LEU B 1 8   ? 3.739   3.487   -7.622  1.00 30.38 ? 8   LEU B O   1 
ATOM   934  C CB  . LEU B 1 8   ? 1.824   1.285   -6.765  1.00 25.39 ? 8   LEU B CB  1 
ATOM   935  C CG  . LEU B 1 8   ? 1.185   0.033   -6.147  1.00 28.80 ? 8   LEU B CG  1 
ATOM   936  C CD1 . LEU B 1 8   ? 2.205   -0.864  -5.479  1.00 31.97 ? 8   LEU B CD1 1 
ATOM   937  C CD2 . LEU B 1 8   ? 0.164   0.485   -5.113  1.00 29.03 ? 8   LEU B CD2 1 
ATOM   938  N N   . SER B 1 9   ? 2.718   2.930   -9.541  1.00 22.09 ? 9   SER B N   1 
ATOM   939  C CA  . SER B 1 9   ? 2.658   4.319   -10.022 1.00 21.83 ? 9   SER B CA  1 
ATOM   940  C C   . SER B 1 9   ? 1.725   5.151   -9.120  1.00 23.20 ? 9   SER B C   1 
ATOM   941  O O   . SER B 1 9   ? 0.867   4.598   -8.442  1.00 18.31 ? 9   SER B O   1 
ATOM   942  C CB  . SER B 1 9   ? 2.153   4.348   -11.462 1.00 27.04 ? 9   SER B CB  1 
ATOM   943  O OG  . SER B 1 9   ? 0.756   4.089   -11.519 1.00 33.08 ? 9   SER B OG  1 
ATOM   944  N N   . PRO B 1 10  ? 1.948   6.476   -9.033  1.00 24.62 ? 10  PRO B N   1 
ATOM   945  C CA  . PRO B 1 10  ? 1.080   7.368   -8.259  1.00 23.22 ? 10  PRO B CA  1 
ATOM   946  C C   . PRO B 1 10  ? -0.408  7.174   -8.487  1.00 25.62 ? 10  PRO B C   1 
ATOM   947  O O   . PRO B 1 10  ? -1.200  7.316   -7.544  1.00 28.99 ? 10  PRO B O   1 
ATOM   948  C CB  . PRO B 1 10  ? 1.527   8.753   -8.733  1.00 26.37 ? 10  PRO B CB  1 
ATOM   949  C CG  . PRO B 1 10  ? 2.982   8.553   -8.944  1.00 26.83 ? 10  PRO B CG  1 
ATOM   950  C CD  . PRO B 1 10  ? 3.109   7.203   -9.572  1.00 20.33 ? 10  PRO B CD  1 
ATOM   951  N N   . GLU B 1 11  ? -0.777  6.862   -9.722  1.00 29.00 ? 11  GLU B N   1 
ATOM   952  C CA  . GLU B 1 11  ? -2.158  6.638   -10.115 1.00 38.06 ? 11  GLU B CA  1 
ATOM   953  C C   . GLU B 1 11  ? -2.688  5.328   -9.538  1.00 35.79 ? 11  GLU B C   1 
ATOM   954  O O   . GLU B 1 11  ? -3.832  5.246   -9.099  1.00 36.57 ? 11  GLU B O   1 
ATOM   955  C CB  . GLU B 1 11  ? -2.263  6.628   -11.639 1.00 37.79 ? 11  GLU B CB  1 
ATOM   956  C CG  . GLU B 1 11  ? -3.667  6.337   -12.169 1.00 46.51 ? 11  GLU B CG  1 
ATOM   957  C CD  . GLU B 1 11  ? -3.746  6.335   -13.703 1.00 50.15 ? 11  GLU B CD  1 
ATOM   958  O OE1 . GLU B 1 11  ? -2.939  7.042   -14.366 1.00 53.78 ? 11  GLU B OE1 1 
ATOM   959  O OE2 . GLU B 1 11  ? -4.621  5.618   -14.246 1.00 53.61 ? 11  GLU B OE2 1 
ATOM   960  N N   . LEU B 1 12  ? -1.849  4.300   -9.519  1.00 37.09 ? 12  LEU B N   1 
ATOM   961  C CA  . LEU B 1 12  ? -2.277  3.021   -8.985  1.00 32.58 ? 12  LEU B CA  1 
ATOM   962  C C   . LEU B 1 12  ? -2.418  3.076   -7.473  1.00 31.76 ? 12  LEU B C   1 
ATOM   963  O O   . LEU B 1 12  ? -3.255  2.400   -6.896  1.00 34.42 ? 12  LEU B O   1 
ATOM   964  C CB  . LEU B 1 12  ? -1.298  1.943   -9.396  1.00 35.86 ? 12  LEU B CB  1 
ATOM   965  C CG  . LEU B 1 12  ? -1.787  0.514   -9.272  1.00 35.98 ? 12  LEU B CG  1 
ATOM   966  C CD1 . LEU B 1 12  ? -2.952  0.318   -10.183 1.00 40.62 ? 12  LEU B CD1 1 
ATOM   967  C CD2 . LEU B 1 12  ? -0.656  -0.456  -9.625  1.00 36.17 ? 12  LEU B CD2 1 
ATOM   968  N N   . LEU B 1 13  ? -1.591  3.892   -6.839  1.00 30.02 ? 13  LEU B N   1 
ATOM   969  C CA  . LEU B 1 13  ? -1.617  4.050   -5.401  1.00 27.63 ? 13  LEU B CA  1 
ATOM   970  C C   . LEU B 1 13  ? -2.913  4.718   -4.948  1.00 27.09 ? 13  LEU B C   1 
ATOM   971  O O   . LEU B 1 13  ? -3.481  4.339   -3.937  1.00 21.94 ? 13  LEU B O   1 
ATOM   972  C CB  . LEU B 1 13  ? -0.408  4.874   -4.936  1.00 22.43 ? 13  LEU B CB  1 
ATOM   973  C CG  . LEU B 1 13  ? -0.261  5.089   -3.424  1.00 28.55 ? 13  LEU B CG  1 
ATOM   974  C CD1 . LEU B 1 13  ? 0.219   3.766   -2.804  1.00 34.33 ? 13  LEU B CD1 1 
ATOM   975  C CD2 . LEU B 1 13  ? 0.664   6.274   -3.065  1.00 23.48 ? 13  LEU B CD2 1 
ATOM   976  N N   . ALA B 1 14  ? -3.371  5.710   -5.702  1.00 28.74 ? 14  ALA B N   1 
ATOM   977  C CA  . ALA B 1 14  ? -4.601  6.412   -5.387  1.00 31.81 ? 14  ALA B CA  1 
ATOM   978  C C   . ALA B 1 14  ? -5.818  5.506   -5.555  1.00 32.81 ? 14  ALA B C   1 
ATOM   979  O O   . ALA B 1 14  ? -6.848  5.712   -4.924  1.00 39.98 ? 14  ALA B O   1 
ATOM   980  C CB  . ALA B 1 14  ? -4.733  7.669   -6.259  1.00 29.60 ? 14  ALA B CB  1 
ATOM   981  N N   . LYS B 1 15  ? -5.708  4.520   -6.432  1.00 29.14 ? 15  LYS B N   1 
ATOM   982  C CA  . LYS B 1 15  ? -6.749  3.515   -6.564  1.00 36.40 ? 15  LYS B CA  1 
ATOM   983  C C   . LYS B 1 15  ? -6.652  2.414   -5.501  1.00 36.31 ? 15  LYS B C   1 
ATOM   984  O O   . LYS B 1 15  ? -7.671  1.988   -4.967  1.00 35.71 ? 15  LYS B O   1 
ATOM   985  C CB  . LYS B 1 15  ? -6.746  2.910   -7.967  1.00 36.62 ? 15  LYS B CB  1 
ATOM   986  C CG  . LYS B 1 15  ? -7.391  3.790   -9.024  1.00 46.74 ? 15  LYS B CG  1 
ATOM   987  C CD  . LYS B 1 15  ? -7.201  3.164   -10.395 1.00 51.24 ? 15  LYS B CD  1 
ATOM   988  C CE  . LYS B 1 15  ? -7.180  4.205   -11.505 1.00 57.14 ? 15  LYS B CE  1 
ATOM   989  N NZ  . LYS B 1 15  ? -8.553  4.689   -11.857 1.00 66.06 ? 15  LYS B NZ  1 
ATOM   990  N N   . ALA B 1 16  ? -5.439  1.951   -5.193  1.00 30.22 ? 16  ALA B N   1 
ATOM   991  C CA  . ALA B 1 16  ? -5.254  0.884   -4.186  1.00 27.99 ? 16  ALA B CA  1 
ATOM   992  C C   . ALA B 1 16  ? -5.578  1.386   -2.788  1.00 29.16 ? 16  ALA B C   1 
ATOM   993  O O   . ALA B 1 16  ? -6.127  0.648   -1.975  1.00 30.57 ? 16  ALA B O   1 
ATOM   994  C CB  . ALA B 1 16  ? -3.828  0.355   -4.220  1.00 28.52 ? 16  ALA B CB  1 
ATOM   995  N N   . PHE B 1 17  ? -5.231  2.644   -2.507  1.00 25.86 ? 17  PHE B N   1 
ATOM   996  C CA  . PHE B 1 17  ? -5.533  3.253   -1.224  1.00 22.02 ? 17  PHE B CA  1 
ATOM   997  C C   . PHE B 1 17  ? -6.328  4.541   -1.457  1.00 23.67 ? 17  PHE B C   1 
ATOM   998  O O   . PHE B 1 17  ? -5.759  5.611   -1.477  1.00 18.34 ? 17  PHE B O   1 
ATOM   999  C CB  . PHE B 1 17  ? -4.251  3.519   -0.423  1.00 28.81 ? 17  PHE B CB  1 
ATOM   1000 C CG  . PHE B 1 17  ? -3.377  2.305   -0.264  1.00 30.95 ? 17  PHE B CG  1 
ATOM   1001 C CD1 . PHE B 1 17  ? -3.542  1.451   0.814   1.00 33.75 ? 17  PHE B CD1 1 
ATOM   1002 C CD2 . PHE B 1 17  ? -2.408  2.007   -1.221  1.00 37.02 ? 17  PHE B CD2 1 
ATOM   1003 C CE1 . PHE B 1 17  ? -2.758  0.324   0.942   1.00 37.12 ? 17  PHE B CE1 1 
ATOM   1004 C CE2 . PHE B 1 17  ? -1.617  0.887   -1.107  1.00 34.09 ? 17  PHE B CE2 1 
ATOM   1005 C CZ  . PHE B 1 17  ? -1.790  0.045   -0.022  1.00 38.69 ? 17  PHE B CZ  1 
ATOM   1006 N N   . PRO B 1 18  ? -7.661  4.429   -1.656  1.00 24.71 ? 18  PRO B N   1 
ATOM   1007 C CA  . PRO B 1 18  ? -8.447  5.614   -1.988  1.00 26.52 ? 18  PRO B CA  1 
ATOM   1008 C C   . PRO B 1 18  ? -8.628  6.623   -0.846  1.00 25.98 ? 18  PRO B C   1 
ATOM   1009 O O   . PRO B 1 18  ? -9.092  7.738   -1.095  1.00 28.46 ? 18  PRO B O   1 
ATOM   1010 C CB  . PRO B 1 18  ? -9.798  5.042   -2.471  1.00 24.53 ? 18  PRO B CB  1 
ATOM   1011 C CG  . PRO B 1 18  ? -9.901  3.701   -1.884  1.00 26.87 ? 18  PRO B CG  1 
ATOM   1012 C CD  . PRO B 1 18  ? -8.476  3.199   -1.636  1.00 24.43 ? 18  PRO B CD  1 
ATOM   1013 N N   . PHE B 1 19  ? -8.236  6.267   0.373   1.00 23.11 ? 19  PHE B N   1 
ATOM   1014 C CA  . PHE B 1 19  ? -8.300  7.201   1.501   1.00 19.70 ? 19  PHE B CA  1 
ATOM   1015 C C   . PHE B 1 19  ? -6.943  7.716   1.944   1.00 21.97 ? 19  PHE B C   1 
ATOM   1016 O O   . PHE B 1 19  ? -6.857  8.444   2.954   1.00 22.37 ? 19  PHE B O   1 
ATOM   1017 C CB  . PHE B 1 19  ? -8.995  6.590   2.737   1.00 23.67 ? 19  PHE B CB  1 
ATOM   1018 C CG  . PHE B 1 19  ? -10.432 6.276   2.529   1.00 27.15 ? 19  PHE B CG  1 
ATOM   1019 C CD1 . PHE B 1 19  ? -11.404 7.221   2.822   1.00 25.56 ? 19  PHE B CD1 1 
ATOM   1020 C CD2 . PHE B 1 19  ? -10.818 5.023   2.053   1.00 26.22 ? 19  PHE B CD2 1 
ATOM   1021 C CE1 . PHE B 1 19  ? -12.744 6.923   2.647   1.00 32.63 ? 19  PHE B CE1 1 
ATOM   1022 C CE2 . PHE B 1 19  ? -12.150 4.721   1.858   1.00 35.68 ? 19  PHE B CE2 1 
ATOM   1023 C CZ  . PHE B 1 19  ? -13.119 5.670   2.147   1.00 27.14 ? 19  PHE B CZ  1 
ATOM   1024 N N   . HIS B 1 20  ? -5.888  7.391   1.201   1.00 19.45 ? 20  HIS B N   1 
ATOM   1025 C CA  . HIS B 1 20  ? -4.576  7.878   1.589   1.00 18.49 ? 20  HIS B CA  1 
ATOM   1026 C C   . HIS B 1 20  ? -4.441  9.394   1.401   1.00 19.55 ? 20  HIS B C   1 
ATOM   1027 O O   . HIS B 1 20  ? -5.176  9.996   0.635   1.00 24.72 ? 20  HIS B O   1 
ATOM   1028 C CB  . HIS B 1 20  ? -3.481  7.104   0.832   1.00 21.49 ? 20  HIS B CB  1 
ATOM   1029 C CG  . HIS B 1 20  ? -3.024  7.752   -0.439  1.00 15.59 ? 20  HIS B CG  1 
ATOM   1030 N ND1 . HIS B 1 20  ? -3.572  7.452   -1.665  1.00 18.24 ? 20  HIS B ND1 1 
ATOM   1031 C CD2 . HIS B 1 20  ? -2.038  8.655   -0.677  1.00 21.35 ? 20  HIS B CD2 1 
ATOM   1032 C CE1 . HIS B 1 20  ? -2.960  8.153   -2.607  1.00 22.58 ? 20  HIS B CE1 1 
ATOM   1033 N NE2 . HIS B 1 20  ? -2.019  8.888   -2.032  1.00 22.26 ? 20  HIS B NE2 1 
ATOM   1034 N N   . PHE B 1 21  ? -3.512  9.995   2.129   1.00 24.92 ? 21  PHE B N   1 
ATOM   1035 C CA  . PHE B 1 21  ? -2.912  11.273  1.742   1.00 20.46 ? 21  PHE B CA  1 
ATOM   1036 C C   . PHE B 1 21  ? -1.422  11.281  2.045   1.00 21.76 ? 21  PHE B C   1 
ATOM   1037 O O   . PHE B 1 21  ? -0.932  10.440  2.817   1.00 19.91 ? 21  PHE B O   1 
ATOM   1038 C CB  . PHE B 1 21  ? -3.618  12.479  2.392   1.00 24.76 ? 21  PHE B CB  1 
ATOM   1039 C CG  . PHE B 1 21  ? -3.572  12.488  3.878   1.00 17.84 ? 21  PHE B CG  1 
ATOM   1040 C CD1 . PHE B 1 21  ? -2.643  13.263  4.542   1.00 21.83 ? 21  PHE B CD1 1 
ATOM   1041 C CD2 . PHE B 1 21  ? -4.502  11.753  4.620   1.00 22.21 ? 21  PHE B CD2 1 
ATOM   1042 C CE1 . PHE B 1 21  ? -2.611  13.294  5.923   1.00 28.90 ? 21  PHE B CE1 1 
ATOM   1043 C CE2 . PHE B 1 21  ? -4.477  11.752  6.004   1.00 23.02 ? 21  PHE B CE2 1 
ATOM   1044 C CZ  . PHE B 1 21  ? -3.538  12.527  6.662   1.00 26.72 ? 21  PHE B CZ  1 
ATOM   1045 N N   . ALA B 1 22  ? -0.708  12.196  1.391   1.00 20.66 ? 22  ALA B N   1 
ATOM   1046 C CA  . ALA B 1 22  ? 0.690   12.485  1.682   1.00 22.01 ? 22  ALA B CA  1 
ATOM   1047 C C   . ALA B 1 22  ? 0.825   13.957  2.054   1.00 19.46 ? 22  ALA B C   1 
ATOM   1048 O O   . ALA B 1 22  ? 0.077   14.806  1.568   1.00 23.74 ? 22  ALA B O   1 
ATOM   1049 C CB  . ALA B 1 22  ? 1.575   12.165  0.464   1.00 20.79 ? 22  ALA B CB  1 
ATOM   1050 N N   . PHE B 1 23  ? 1.782   14.267  2.908   1.00 19.80 ? 23  PHE B N   1 
ATOM   1051 C CA  . PHE B 1 23  ? 2.055   15.649  3.259   1.00 23.65 ? 23  PHE B CA  1 
ATOM   1052 C C   . PHE B 1 23  ? 3.534   15.881  3.432   1.00 24.40 ? 23  PHE B C   1 
ATOM   1053 O O   . PHE B 1 23  ? 4.271   14.958  3.729   1.00 25.98 ? 23  PHE B O   1 
ATOM   1054 C CB  . PHE B 1 23  ? 1.321   16.067  4.537   1.00 28.20 ? 23  PHE B CB  1 
ATOM   1055 C CG  . PHE B 1 23  ? 1.543   15.140  5.709   1.00 29.44 ? 23  PHE B CG  1 
ATOM   1056 C CD1 . PHE B 1 23  ? 2.408   15.496  6.733   1.00 28.86 ? 23  PHE B CD1 1 
ATOM   1057 C CD2 . PHE B 1 23  ? 0.862   13.927  5.797   1.00 28.88 ? 23  PHE B CD2 1 
ATOM   1058 C CE1 . PHE B 1 23  ? 2.611   14.651  7.824   1.00 25.20 ? 23  PHE B CE1 1 
ATOM   1059 C CE2 . PHE B 1 23  ? 1.050   13.060  6.897   1.00 29.08 ? 23  PHE B CE2 1 
ATOM   1060 C CZ  . PHE B 1 23  ? 1.922   13.425  7.903   1.00 23.18 ? 23  PHE B CZ  1 
ATOM   1061 N N   . SER B 1 24  ? 3.939   17.145  3.281   1.00 27.65 ? 24  SER B N   1 
ATOM   1062 C CA  . SER B 1 24  ? 5.333   17.552  3.372   1.00 29.13 ? 24  SER B CA  1 
ATOM   1063 C C   . SER B 1 24  ? 5.680   18.124  4.746   1.00 31.02 ? 24  SER B C   1 
ATOM   1064 O O   . SER B 1 24  ? 4.811   18.200  5.636   1.00 26.47 ? 24  SER B O   1 
ATOM   1065 C CB  . SER B 1 24  ? 5.658   18.530  2.233   1.00 29.63 ? 24  SER B CB  1 
ATOM   1066 O OG  . SER B 1 24  ? 4.549   19.364  1.978   1.00 40.76 ? 24  SER B OG  1 
ATOM   1067 N N   . ARG B 1 25  ? 6.951   18.509  4.913   1.00 29.07 ? 25  ARG B N   1 
ATOM   1068 C CA  . ARG B 1 25  ? 7.475   19.052  6.179   1.00 32.84 ? 25  ARG B CA  1 
ATOM   1069 C C   . ARG B 1 25  ? 6.776   20.321  6.652   1.00 31.79 ? 25  ARG B C   1 
ATOM   1070 O O   . ARG B 1 25  ? 6.716   20.584  7.843   1.00 32.00 ? 25  ARG B O   1 
ATOM   1071 C CB  . ARG B 1 25  ? 8.973   19.320  6.080   1.00 32.15 ? 25  ARG B CB  1 
ATOM   1072 C CG  . ARG B 1 25  ? 9.773   18.100  5.805   1.00 39.73 ? 25  ARG B CG  1 
ATOM   1073 C CD  . ARG B 1 25  ? 11.254  18.315  6.061   1.00 44.81 ? 25  ARG B CD  1 
ATOM   1074 N NE  . ARG B 1 25  ? 11.882  17.043  6.394   1.00 47.43 ? 25  ARG B NE  1 
ATOM   1075 C CZ  . ARG B 1 25  ? 11.889  16.514  7.611   1.00 52.15 ? 25  ARG B CZ  1 
ATOM   1076 N NH1 . ARG B 1 25  ? 11.316  17.162  8.620   1.00 54.39 ? 25  ARG B NH1 1 
ATOM   1077 N NH2 . ARG B 1 25  ? 12.470  15.336  7.819   1.00 54.17 ? 25  ARG B NH2 1 
ATOM   1078 N N   . ASN B 1 26  ? 6.249   21.097  5.717   1.00 31.05 ? 26  ASN B N   1 
ATOM   1079 C CA  . ASN B 1 26  ? 5.427   22.251  6.061   1.00 34.57 ? 26  ASN B CA  1 
ATOM   1080 C C   . ASN B 1 26  ? 3.982   21.891  6.445   1.00 33.61 ? 26  ASN B C   1 
ATOM   1081 O O   . ASN B 1 26  ? 3.151   22.773  6.640   1.00 31.27 ? 26  ASN B O   1 
ATOM   1082 C CB  . ASN B 1 26  ? 5.437   23.272  4.922   1.00 35.55 ? 26  ASN B CB  1 
ATOM   1083 C CG  . ASN B 1 26  ? 4.831   22.743  3.642   1.00 42.21 ? 26  ASN B CG  1 
ATOM   1084 O OD1 . ASN B 1 26  ? 4.706   21.527  3.429   1.00 42.73 ? 26  ASN B OD1 1 
ATOM   1085 N ND2 . ASN B 1 26  ? 4.464   23.668  2.758   1.00 43.35 ? 26  ASN B ND2 1 
ATOM   1086 N N   . ARG B 1 27  ? 3.704   20.591  6.533   1.00 34.02 ? 27  ARG B N   1 
ATOM   1087 C CA  . ARG B 1 27  ? 2.390   20.053  6.927   1.00 32.97 ? 27  ARG B CA  1 
ATOM   1088 C C   . ARG B 1 27  ? 1.290   20.290  5.915   1.00 31.15 ? 27  ARG B C   1 
ATOM   1089 O O   . ARG B 1 27  ? 0.126   20.022  6.214   1.00 30.77 ? 27  ARG B O   1 
ATOM   1090 C CB  . ARG B 1 27  ? 1.928   20.584  8.281   1.00 36.92 ? 27  ARG B CB  1 
ATOM   1091 C CG  . ARG B 1 27  ? 2.587   19.967  9.485   1.00 44.18 ? 27  ARG B CG  1 
ATOM   1092 C CD  . ARG B 1 27  ? 2.187   20.740  10.748  1.00 50.37 ? 27  ARG B CD  1 
ATOM   1093 N NE  . ARG B 1 27  ? 2.907   22.008  10.820  1.00 57.64 ? 27  ARG B NE  1 
ATOM   1094 C CZ  . ARG B 1 27  ? 2.371   23.199  10.580  1.00 57.21 ? 27  ARG B CZ  1 
ATOM   1095 N NH1 . ARG B 1 27  ? 1.090   23.314  10.273  1.00 59.90 ? 27  ARG B NH1 1 
ATOM   1096 N NH2 . ARG B 1 27  ? 3.122   24.278  10.656  1.00 58.64 ? 27  ARG B NH2 1 
ATOM   1097 N N   . GLU B 1 28  ? 1.618   20.794  4.728   1.00 27.13 ? 28  GLU B N   1 
ATOM   1098 C CA  . GLU B 1 28  ? 0.560   20.900  3.743   1.00 32.34 ? 28  GLU B CA  1 
ATOM   1099 C C   . GLU B 1 28  ? 0.330   19.570  3.015   1.00 29.64 ? 28  GLU B C   1 
ATOM   1100 O O   . GLU B 1 28  ? 1.263   18.797  2.797   1.00 32.01 ? 28  GLU B O   1 
ATOM   1101 C CB  . GLU B 1 28  ? 0.737   22.101  2.818   1.00 32.51 ? 28  GLU B CB  1 
ATOM   1102 C CG  . GLU B 1 28  ? 1.758   21.969  1.724   1.00 43.31 ? 28  GLU B CG  1 
ATOM   1103 C CD  . GLU B 1 28  ? 1.751   23.192  0.809   1.00 46.01 ? 28  GLU B CD  1 
ATOM   1104 O OE1 . GLU B 1 28  ? 1.656   24.323  1.362   1.00 50.39 ? 28  GLU B OE1 1 
ATOM   1105 O OE2 . GLU B 1 28  ? 1.822   23.017  -0.445  1.00 45.28 ? 28  GLU B OE2 1 
ATOM   1106 N N   . ILE B 1 29  ? -0.927  19.289  2.699   1.00 29.19 ? 29  ILE B N   1 
ATOM   1107 C CA  . ILE B 1 29  ? -1.288  18.045  2.022   1.00 27.62 ? 29  ILE B CA  1 
ATOM   1108 C C   . ILE B 1 29  ? -0.912  18.177  0.554   1.00 30.38 ? 29  ILE B C   1 
ATOM   1109 O O   . ILE B 1 29  ? -1.291  19.141  -0.096  1.00 31.39 ? 29  ILE B O   1 
ATOM   1110 C CB  . ILE B 1 29  ? -2.791  17.757  2.146   1.00 24.02 ? 29  ILE B CB  1 
ATOM   1111 C CG1 . ILE B 1 29  ? -3.140  17.361  3.591   1.00 24.49 ? 29  ILE B CG1 1 
ATOM   1112 C CG2 . ILE B 1 29  ? -3.192  16.697  1.182   1.00 19.10 ? 29  ILE B CG2 1 
ATOM   1113 C CD1 . ILE B 1 29  ? -4.643  17.477  3.945   1.00 23.85 ? 29  ILE B CD1 1 
ATOM   1114 N N   . VAL B 1 30  ? -0.180  17.192  0.033   1.00 31.30 ? 30  VAL B N   1 
ATOM   1115 C CA  . VAL B 1 30  ? 0.320   17.256  -1.333  1.00 26.14 ? 30  VAL B CA  1 
ATOM   1116 C C   . VAL B 1 30  ? -0.412  16.316  -2.310  1.00 28.32 ? 30  VAL B C   1 
ATOM   1117 O O   . VAL B 1 30  ? -0.476  16.605  -3.494  1.00 31.49 ? 30  VAL B O   1 
ATOM   1118 C CB  . VAL B 1 30  ? 1.859   17.111  -1.370  1.00 27.29 ? 30  VAL B CB  1 
ATOM   1119 C CG1 . VAL B 1 30  ? 2.505   18.258  -0.584  1.00 28.23 ? 30  VAL B CG1 1 
ATOM   1120 C CG2 . VAL B 1 30  ? 2.294   15.805  -0.774  1.00 23.20 ? 30  VAL B CG2 1 
ATOM   1121 N N   . GLN B 1 31  ? -0.973  15.211  -1.811  1.00 26.02 ? 31  GLN B N   1 
ATOM   1122 C CA  . GLN B 1 31  ? -1.906  14.385  -2.589  1.00 25.05 ? 31  GLN B CA  1 
ATOM   1123 C C   . GLN B 1 31  ? -2.820  13.586  -1.663  1.00 22.86 ? 31  GLN B C   1 
ATOM   1124 O O   . GLN B 1 31  ? -2.503  13.392  -0.482  1.00 21.94 ? 31  GLN B O   1 
ATOM   1125 C CB  . GLN B 1 31  ? -1.207  13.474  -3.632  1.00 27.48 ? 31  GLN B CB  1 
ATOM   1126 C CG  . GLN B 1 31  ? -0.532  12.216  -3.116  1.00 30.48 ? 31  GLN B CG  1 
ATOM   1127 C CD  . GLN B 1 31  ? 0.041   11.303  -4.226  1.00 30.73 ? 31  GLN B CD  1 
ATOM   1128 O OE1 . GLN B 1 31  ? 0.566   11.772  -5.229  1.00 30.59 ? 31  GLN B OE1 1 
ATOM   1129 N NE2 . GLN B 1 31  ? -0.031  9.989   -4.009  1.00 28.68 ? 31  GLN B NE2 1 
ATOM   1130 N N   . THR B 1 32  ? -3.951  13.149  -2.213  1.00 18.28 ? 32  THR B N   1 
ATOM   1131 C CA  . THR B 1 32  ? -4.915  12.327  -1.507  1.00 24.63 ? 32  THR B CA  1 
ATOM   1132 C C   . THR B 1 32  ? -5.363  11.230  -2.462  1.00 24.70 ? 32  THR B C   1 
ATOM   1133 O O   . THR B 1 32  ? -5.115  11.320  -3.670  1.00 29.02 ? 32  THR B O   1 
ATOM   1134 C CB  . THR B 1 32  ? -6.171  13.129  -0.976  1.00 25.95 ? 32  THR B CB  1 
ATOM   1135 O OG1 . THR B 1 32  ? -6.983  13.528  -2.073  1.00 30.40 ? 32  THR B OG1 1 
ATOM   1136 C CG2 . THR B 1 32  ? -5.791  14.366  -0.172  1.00 25.40 ? 32  THR B CG2 1 
ATOM   1137 N N   . GLY B 1 33  ? -5.980  10.181  -1.914  1.00 25.75 ? 33  GLY B N   1 
ATOM   1138 C CA  . GLY B 1 33  ? -6.616  9.151   -2.720  1.00 24.80 ? 33  GLY B CA  1 
ATOM   1139 C C   . GLY B 1 33  ? -7.931  9.675   -3.260  1.00 31.26 ? 33  GLY B C   1 
ATOM   1140 O O   . GLY B 1 33  ? -8.419  10.721  -2.816  1.00 29.67 ? 33  GLY B O   1 
ATOM   1141 N N   . GLU B 1 34  ? -8.517  8.948   -4.203  1.00 35.62 ? 34  GLU B N   1 
ATOM   1142 C CA  . GLU B 1 34  ? -9.707  9.428   -4.915  1.00 44.78 ? 34  GLU B CA  1 
ATOM   1143 C C   . GLU B 1 34  ? -10.879 9.718   -3.985  1.00 43.37 ? 34  GLU B C   1 
ATOM   1144 O O   . GLU B 1 34  ? -11.411 10.837  -3.963  1.00 45.84 ? 34  GLU B O   1 
ATOM   1145 C CB  . GLU B 1 34  ? -10.146 8.415   -5.975  1.00 47.92 ? 34  GLU B CB  1 
ATOM   1146 C CG  . GLU B 1 34  ? -9.133  8.186   -7.071  1.00 51.70 ? 34  GLU B CG  1 
ATOM   1147 C CD  . GLU B 1 34  ? -9.534  7.068   -8.027  1.00 55.02 ? 34  GLU B CD  1 
ATOM   1148 O OE1 . GLU B 1 34  ? -10.263 6.134   -7.606  1.00 58.68 ? 34  GLU B OE1 1 
ATOM   1149 O OE2 . GLU B 1 34  ? -9.101  7.118   -9.203  1.00 59.06 ? 34  GLU B OE2 1 
ATOM   1150 N N   . VAL B 1 35  ? -11.266 8.710   -3.210  1.00 39.34 ? 35  VAL B N   1 
ATOM   1151 C CA  . VAL B 1 35  ? -12.443 8.781   -2.350  1.00 34.79 ? 35  VAL B CA  1 
ATOM   1152 C C   . VAL B 1 35  ? -12.331 9.877   -1.292  1.00 33.46 ? 35  VAL B C   1 
ATOM   1153 O O   . VAL B 1 35  ? -13.315 10.528  -0.943  1.00 29.04 ? 35  VAL B O   1 
ATOM   1154 C CB  . VAL B 1 35  ? -12.706 7.425   -1.672  1.00 36.29 ? 35  VAL B CB  1 
ATOM   1155 C CG1 . VAL B 1 35  ? -13.795 7.548   -0.650  1.00 35.68 ? 35  VAL B CG1 1 
ATOM   1156 C CG2 . VAL B 1 35  ? -13.067 6.371   -2.728  1.00 38.32 ? 35  VAL B CG2 1 
ATOM   1157 N N   . LEU B 1 36  ? -11.129 10.076  -0.780  1.00 29.92 ? 36  LEU B N   1 
ATOM   1158 C CA  . LEU B 1 36  ? -10.890 11.100  0.216   1.00 32.09 ? 36  LEU B CA  1 
ATOM   1159 C C   . LEU B 1 36  ? -11.300 12.499  -0.261  1.00 35.90 ? 36  LEU B C   1 
ATOM   1160 O O   . LEU B 1 36  ? -11.941 13.241  0.482   1.00 38.89 ? 36  LEU B O   1 
ATOM   1161 C CB  . LEU B 1 36  ? -9.423  11.074  0.653   1.00 29.46 ? 36  LEU B CB  1 
ATOM   1162 C CG  . LEU B 1 36  ? -9.062  11.910  1.873   1.00 26.84 ? 36  LEU B CG  1 
ATOM   1163 C CD1 . LEU B 1 36  ? -9.909  11.525  3.092   1.00 36.40 ? 36  LEU B CD1 1 
ATOM   1164 C CD2 . LEU B 1 36  ? -7.610  11.715  2.173   1.00 30.12 ? 36  LEU B CD2 1 
ATOM   1165 N N   . GLU B 1 37  ? -10.936 12.865  -1.489  1.00 37.44 ? 37  GLU B N   1 
ATOM   1166 C CA  . GLU B 1 37  ? -11.324 14.183  -2.037  1.00 41.74 ? 37  GLU B CA  1 
ATOM   1167 C C   . GLU B 1 37  ? -12.832 14.325  -2.265  1.00 40.63 ? 37  GLU B C   1 
ATOM   1168 O O   . GLU B 1 37  ? -13.378 15.419  -2.171  1.00 44.10 ? 37  GLU B O   1 
ATOM   1169 C CB  . GLU B 1 37  ? -10.566 14.495  -3.323  1.00 45.55 ? 37  GLU B CB  1 
ATOM   1170 C CG  . GLU B 1 37  ? -9.146  15.066  -3.115  1.00 56.96 ? 37  GLU B CG  1 
ATOM   1171 C CD  . GLU B 1 37  ? -9.091  16.497  -2.537  1.00 65.32 ? 37  GLU B CD  1 
ATOM   1172 O OE1 . GLU B 1 37  ? -10.134 17.037  -2.095  1.00 68.98 ? 37  GLU B OE1 1 
ATOM   1173 O OE2 . GLU B 1 37  ? -7.982  17.085  -2.517  1.00 70.07 ? 37  GLU B OE2 1 
ATOM   1174 N N   . ARG B 1 38  ? -13.484 13.196  -2.519  1.00 36.56 ? 38  ARG B N   1 
ATOM   1175 C CA  . ARG B 1 38  ? -14.913 13.080  -2.756  1.00 39.38 ? 38  ARG B CA  1 
ATOM   1176 C C   . ARG B 1 38  ? -15.808 13.302  -1.528  1.00 43.17 ? 38  ARG B C   1 
ATOM   1177 O O   . ARG B 1 38  ? -16.898 13.867  -1.660  1.00 40.49 ? 38  ARG B O   1 
ATOM   1178 C CB  . ARG B 1 38  ? -15.184 11.696  -3.344  1.00 39.58 ? 38  ARG B CB  1 
ATOM   1179 C CG  . ARG B 1 38  ? -16.458 11.563  -4.130  1.00 45.67 ? 38  ARG B CG  1 
ATOM   1180 C CD  . ARG B 1 38  ? -16.670 10.132  -4.562  1.00 45.79 ? 38  ARG B CD  1 
ATOM   1181 N NE  . ARG B 1 38  ? -15.532 9.626   -5.321  1.00 48.87 ? 38  ARG B NE  1 
ATOM   1182 C CZ  . ARG B 1 38  ? -15.239 8.334   -5.431  1.00 48.34 ? 38  ARG B CZ  1 
ATOM   1183 N NH1 . ARG B 1 38  ? -16.007 7.430   -4.826  1.00 48.33 ? 38  ARG B NH1 1 
ATOM   1184 N NH2 . ARG B 1 38  ? -14.181 7.950   -6.136  1.00 47.22 ? 38  ARG B NH2 1 
ATOM   1185 N N   . ILE B 1 39  ? -15.361 12.857  -0.347  1.00 42.08 ? 39  ILE B N   1 
ATOM   1186 C CA  . ILE B 1 39  ? -16.135 13.035  0.891   1.00 42.48 ? 39  ILE B CA  1 
ATOM   1187 C C   . ILE B 1 39  ? -15.693 14.248  1.709   1.00 44.62 ? 39  ILE B C   1 
ATOM   1188 O O   . ILE B 1 39  ? -16.117 14.432  2.857   1.00 47.62 ? 39  ILE B O   1 
ATOM   1189 C CB  . ILE B 1 39  ? -16.124 11.777  1.777   1.00 43.03 ? 39  ILE B CB  1 
ATOM   1190 C CG1 . ILE B 1 39  ? -14.691 11.411  2.176   1.00 46.19 ? 39  ILE B CG1 1 
ATOM   1191 C CG2 . ILE B 1 39  ? -16.846 10.612  1.067   1.00 41.31 ? 39  ILE B CG2 1 
ATOM   1192 C CD1 . ILE B 1 39  ? -14.610 10.366  3.262   1.00 46.85 ? 39  ILE B CD1 1 
ATOM   1193 N N   . SER B 1 40  ? -14.842 15.073  1.111   1.00 40.49 ? 40  SER B N   1 
ATOM   1194 C CA  . SER B 1 40  ? -14.361 16.275  1.767   1.00 42.99 ? 40  SER B CA  1 
ATOM   1195 C C   . SER B 1 40  ? -15.063 17.527  1.209   1.00 45.07 ? 40  SER B C   1 
ATOM   1196 O O   . SER B 1 40  ? -14.972 17.810  0.008   1.00 40.82 ? 40  SER B O   1 
ATOM   1197 C CB  . SER B 1 40  ? -12.845 16.404  1.587   1.00 42.06 ? 40  SER B CB  1 
ATOM   1198 O OG  . SER B 1 40  ? -12.367 17.590  2.191   1.00 36.84 ? 40  SER B OG  1 
ATOM   1199 N N   . PRO B 1 41  ? -15.723 18.300  2.089   1.00 47.19 ? 41  PRO B N   1 
ATOM   1200 C CA  . PRO B 1 41  ? -16.446 19.512  1.702   1.00 49.88 ? 41  PRO B CA  1 
ATOM   1201 C C   . PRO B 1 41  ? -15.567 20.480  0.911   1.00 52.07 ? 41  PRO B C   1 
ATOM   1202 O O   . PRO B 1 41  ? -16.050 21.121  -0.020  1.00 55.85 ? 41  PRO B O   1 
ATOM   1203 C CB  . PRO B 1 41  ? -16.842 20.126  3.049   1.00 49.42 ? 41  PRO B CB  1 
ATOM   1204 C CG  . PRO B 1 41  ? -15.928 19.456  4.063   1.00 50.47 ? 41  PRO B CG  1 
ATOM   1205 C CD  . PRO B 1 41  ? -15.782 18.082  3.543   1.00 47.83 ? 41  PRO B CD  1 
ATOM   1206 N N   . GLU B 1 42  ? -14.286 20.565  1.266   1.00 54.61 ? 42  GLU B N   1 
ATOM   1207 C CA  . GLU B 1 42  ? -13.341 21.436  0.561   1.00 55.12 ? 42  GLU B CA  1 
ATOM   1208 C C   . GLU B 1 42  ? -12.098 20.698  0.073   1.00 51.25 ? 42  GLU B C   1 
ATOM   1209 O O   . GLU B 1 42  ? -11.676 19.729  0.694   1.00 48.06 ? 42  GLU B O   1 
ATOM   1210 C CB  . GLU B 1 42  ? -12.955 22.644  1.425   1.00 58.59 ? 42  GLU B CB  1 
ATOM   1211 C CG  . GLU B 1 42  ? -12.809 22.363  2.914   1.00 66.52 ? 42  GLU B CG  1 
ATOM   1212 C CD  . GLU B 1 42  ? -13.020 23.616  3.769   1.00 74.03 ? 42  GLU B CD  1 
ATOM   1213 O OE1 . GLU B 1 42  ? -14.125 24.208  3.709   1.00 75.20 ? 42  GLU B OE1 1 
ATOM   1214 O OE2 . GLU B 1 42  ? -12.083 24.007  4.509   1.00 75.01 ? 42  GLU B OE2 1 
ATOM   1215 N N   . PRO B 1 43  ? -11.526 21.136  -1.066  1.00 48.20 ? 43  PRO B N   1 
ATOM   1216 C CA  . PRO B 1 43  ? -10.248 20.599  -1.548  1.00 44.78 ? 43  PRO B CA  1 
ATOM   1217 C C   . PRO B 1 43  ? -9.156  20.538  -0.458  1.00 44.34 ? 43  PRO B C   1 
ATOM   1218 O O   . PRO B 1 43  ? -8.946  21.511  0.284   1.00 39.08 ? 43  PRO B O   1 
ATOM   1219 C CB  . PRO B 1 43  ? -9.858  21.578  -2.664  1.00 46.22 ? 43  PRO B CB  1 
ATOM   1220 C CG  . PRO B 1 43  ? -11.188 22.041  -3.215  1.00 48.57 ? 43  PRO B CG  1 
ATOM   1221 C CD  . PRO B 1 43  ? -12.083 22.143  -1.994  1.00 46.34 ? 43  PRO B CD  1 
ATOM   1222 N N   . LEU B 1 44  ? -8.469  19.395  -0.388  1.00 37.37 ? 44  LEU B N   1 
ATOM   1223 C CA  . LEU B 1 44  ? -7.512  19.131  0.671   1.00 30.88 ? 44  LEU B CA  1 
ATOM   1224 C C   . LEU B 1 44  ? -6.107  19.471  0.251   1.00 29.76 ? 44  LEU B C   1 
ATOM   1225 O O   . LEU B 1 44  ? -5.327  19.973  1.044   1.00 26.29 ? 44  LEU B O   1 
ATOM   1226 C CB  . LEU B 1 44  ? -7.600  17.655  1.107   1.00 32.09 ? 44  LEU B CB  1 
ATOM   1227 C CG  . LEU B 1 44  ? -8.872  17.216  1.847   1.00 31.30 ? 44  LEU B CG  1 
ATOM   1228 C CD1 . LEU B 1 44  ? -8.835  15.724  2.214   1.00 24.90 ? 44  LEU B CD1 1 
ATOM   1229 C CD2 . LEU B 1 44  ? -9.036  18.051  3.086   1.00 31.90 ? 44  LEU B CD2 1 
ATOM   1230 N N   . VAL B 1 45  ? -5.765  19.193  -1.002  1.00 28.54 ? 45  VAL B N   1 
ATOM   1231 C CA  . VAL B 1 45  ? -4.409  19.470  -1.473  1.00 30.24 ? 45  VAL B CA  1 
ATOM   1232 C C   . VAL B 1 45  ? -4.078  20.954  -1.306  1.00 31.83 ? 45  VAL B C   1 
ATOM   1233 O O   . VAL B 1 45  ? -4.875  21.807  -1.663  1.00 28.74 ? 45  VAL B O   1 
ATOM   1234 C CB  . VAL B 1 45  ? -4.192  18.964  -2.917  1.00 29.57 ? 45  VAL B CB  1 
ATOM   1235 C CG1 . VAL B 1 45  ? -2.852  19.435  -3.469  1.00 34.20 ? 45  VAL B CG1 1 
ATOM   1236 C CG2 . VAL B 1 45  ? -4.259  17.452  -2.935  1.00 32.30 ? 45  VAL B CG2 1 
ATOM   1237 N N   . GLY B 1 46  ? -2.909  21.243  -0.734  1.00 30.82 ? 46  GLY B N   1 
ATOM   1238 C CA  . GLY B 1 46  ? -2.483  22.610  -0.474  1.00 30.10 ? 46  GLY B CA  1 
ATOM   1239 C C   . GLY B 1 46  ? -2.968  23.123  0.878   1.00 31.87 ? 46  GLY B C   1 
ATOM   1240 O O   . GLY B 1 46  ? -2.579  24.215  1.306   1.00 29.10 ? 46  GLY B O   1 
ATOM   1241 N N   . LYS B 1 47  ? -3.811  22.346  1.563   1.00 28.28 ? 47  LYS B N   1 
ATOM   1242 C CA  . LYS B 1 47  ? -4.269  22.739  2.893   1.00 30.73 ? 47  LYS B CA  1 
ATOM   1243 C C   . LYS B 1 47  ? -3.418  22.098  3.969   1.00 32.02 ? 47  LYS B C   1 
ATOM   1244 O O   . LYS B 1 47  ? -2.816  21.045  3.761   1.00 36.92 ? 47  LYS B O   1 
ATOM   1245 C CB  . LYS B 1 47  ? -5.737  22.381  3.107   1.00 29.09 ? 47  LYS B CB  1 
ATOM   1246 C CG  . LYS B 1 47  ? -6.673  22.824  2.012   1.00 33.58 ? 47  LYS B CG  1 
ATOM   1247 C CD  . LYS B 1 47  ? -6.822  24.345  1.898   1.00 40.93 ? 47  LYS B CD  1 
ATOM   1248 C CE  . LYS B 1 47  ? -8.152  24.694  1.209   1.00 44.54 ? 47  LYS B CE  1 
ATOM   1249 N NZ  . LYS B 1 47  ? -8.295  24.107  -0.167  1.00 43.27 ? 47  LYS B NZ  1 
ATOM   1250 N N   . LEU B 1 48  ? -3.362  22.745  5.121   1.00 31.69 ? 48  LEU B N   1 
ATOM   1251 C CA  . LEU B 1 48  ? -2.634  22.199  6.247   1.00 32.97 ? 48  LEU B CA  1 
ATOM   1252 C C   . LEU B 1 48  ? -3.425  21.037  6.831   1.00 32.31 ? 48  LEU B C   1 
ATOM   1253 O O   . LEU B 1 48  ? -4.652  21.090  6.912   1.00 28.75 ? 48  LEU B O   1 
ATOM   1254 C CB  . LEU B 1 48  ? -2.368  23.258  7.310   1.00 30.01 ? 48  LEU B CB  1 
ATOM   1255 C CG  . LEU B 1 48  ? -1.502  24.472  6.921   1.00 39.50 ? 48  LEU B CG  1 
ATOM   1256 C CD1 . LEU B 1 48  ? -1.454  25.488  8.073   1.00 38.01 ? 48  LEU B CD1 1 
ATOM   1257 C CD2 . LEU B 1 48  ? -0.108  24.038  6.541   1.00 32.52 ? 48  LEU B CD2 1 
ATOM   1258 N N   . ILE B 1 49  ? -2.707  19.981  7.201   1.00 32.10 ? 49  ILE B N   1 
ATOM   1259 C CA  . ILE B 1 49  ? -3.325  18.787  7.765   1.00 34.50 ? 49  ILE B CA  1 
ATOM   1260 C C   . ILE B 1 49  ? -4.184  19.082  9.012   1.00 32.16 ? 49  ILE B C   1 
ATOM   1261 O O   . ILE B 1 49  ? -5.287  18.566  9.137   1.00 32.83 ? 49  ILE B O   1 
ATOM   1262 C CB  . ILE B 1 49  ? -2.281  17.680  8.051   1.00 30.61 ? 49  ILE B CB  1 
ATOM   1263 C CG1 . ILE B 1 49  ? -1.146  18.193  8.912   1.00 37.41 ? 49  ILE B CG1 1 
ATOM   1264 C CG2 . ILE B 1 49  ? -1.700  17.164  6.760   1.00 29.62 ? 49  ILE B CG2 1 
ATOM   1265 C CD1 . ILE B 1 49  ? 0.032   17.201  9.029   1.00 41.82 ? 49  ILE B CD1 1 
ATOM   1266 N N   . GLU B 1 50  ? -3.691  19.922  9.915   1.00 34.79 ? 50  GLU B N   1 
ATOM   1267 C CA  . GLU B 1 50  ? -4.380  20.135  11.187  1.00 39.26 ? 50  GLU B CA  1 
ATOM   1268 C C   . GLU B 1 50  ? -5.652  20.964  11.037  1.00 40.49 ? 50  GLU B C   1 
ATOM   1269 O O   . GLU B 1 50  ? -6.386  21.156  12.000  1.00 42.12 ? 50  GLU B O   1 
ATOM   1270 C CB  . GLU B 1 50  ? -3.449  20.728  12.240  1.00 36.91 ? 50  GLU B CB  1 
ATOM   1271 C CG  . GLU B 1 50  ? -3.143  22.188  12.057  1.00 43.65 ? 50  GLU B CG  1 
ATOM   1272 C CD  . GLU B 1 50  ? -1.894  22.443  11.234  1.00 48.41 ? 50  GLU B CD  1 
ATOM   1273 O OE1 . GLU B 1 50  ? -1.475  21.556  10.444  1.00 46.94 ? 50  GLU B OE1 1 
ATOM   1274 O OE2 . GLU B 1 50  ? -1.330  23.552  11.392  1.00 50.22 ? 50  GLU B OE2 1 
ATOM   1275 N N   . GLN B 1 51  ? -5.921  21.425  9.818   1.00 43.06 ? 51  GLN B N   1 
ATOM   1276 C CA  . GLN B 1 51  ? -7.196  22.079  9.520   1.00 44.68 ? 51  GLN B CA  1 
ATOM   1277 C C   . GLN B 1 51  ? -8.278  21.070  9.115   1.00 44.37 ? 51  GLN B C   1 
ATOM   1278 O O   . GLN B 1 51  ? -9.443  21.439  8.936   1.00 41.23 ? 51  GLN B O   1 
ATOM   1279 C CB  . GLN B 1 51  ? -7.020  23.146  8.436   1.00 45.73 ? 51  GLN B CB  1 
ATOM   1280 C CG  . GLN B 1 51  ? -6.369  24.421  8.943   1.00 53.26 ? 51  GLN B CG  1 
ATOM   1281 C CD  . GLN B 1 51  ? -5.755  25.267  7.839   1.00 59.12 ? 51  GLN B CD  1 
ATOM   1282 O OE1 . GLN B 1 51  ? -5.839  24.942  6.642   1.00 63.01 ? 51  GLN B OE1 1 
ATOM   1283 N NE2 . GLN B 1 51  ? -5.117  26.361  8.239   1.00 59.12 ? 51  GLN B NE2 1 
ATOM   1284 N N   . HIS B 1 52  ? -7.900  19.800  8.974   1.00 39.70 ? 52  HIS B N   1 
ATOM   1285 C CA  . HIS B 1 52  ? -8.827  18.823  8.451   1.00 36.45 ? 52  HIS B CA  1 
ATOM   1286 C C   . HIS B 1 52  ? -8.857  17.514  9.205   1.00 36.23 ? 52  HIS B C   1 
ATOM   1287 O O   . HIS B 1 52  ? -9.837  16.778  9.116   1.00 35.27 ? 52  HIS B O   1 
ATOM   1288 C CB  . HIS B 1 52  ? -8.563  18.592  6.961   1.00 36.78 ? 52  HIS B CB  1 
ATOM   1289 C CG  . HIS B 1 52  ? -8.779  19.818  6.138   1.00 41.75 ? 52  HIS B CG  1 
ATOM   1290 N ND1 . HIS B 1 52  ? -9.968  20.081  5.492   1.00 40.09 ? 52  HIS B ND1 1 
ATOM   1291 C CD2 . HIS B 1 52  ? -7.973  20.880  5.896   1.00 42.65 ? 52  HIS B CD2 1 
ATOM   1292 C CE1 . HIS B 1 52  ? -9.875  21.240  4.867   1.00 39.92 ? 52  HIS B CE1 1 
ATOM   1293 N NE2 . HIS B 1 52  ? -8.679  21.750  5.103   1.00 39.60 ? 52  HIS B NE2 1 
ATOM   1294 N N   . PHE B 1 53  ? -7.776  17.229  9.925   1.00 29.76 ? 53  PHE B N   1 
ATOM   1295 C CA  . PHE B 1 53  ? -7.614  15.976  10.615  1.00 30.73 ? 53  PHE B CA  1 
ATOM   1296 C C   . PHE B 1 53  ? -7.108  16.253  12.019  1.00 34.04 ? 53  PHE B C   1 
ATOM   1297 O O   . PHE B 1 53  ? -6.457  17.258  12.260  1.00 40.41 ? 53  PHE B O   1 
ATOM   1298 C CB  . PHE B 1 53  ? -6.615  15.062  9.883   1.00 25.63 ? 53  PHE B CB  1 
ATOM   1299 C CG  . PHE B 1 53  ? -7.045  14.658  8.500   1.00 27.87 ? 53  PHE B CG  1 
ATOM   1300 C CD1 . PHE B 1 53  ? -7.918  13.603  8.300   1.00 28.94 ? 53  PHE B CD1 1 
ATOM   1301 C CD2 . PHE B 1 53  ? -6.555  15.338  7.387   1.00 28.63 ? 53  PHE B CD2 1 
ATOM   1302 C CE1 . PHE B 1 53  ? -8.308  13.243  7.019   1.00 31.43 ? 53  PHE B CE1 1 
ATOM   1303 C CE2 . PHE B 1 53  ? -6.944  14.992  6.107   1.00 28.81 ? 53  PHE B CE2 1 
ATOM   1304 C CZ  . PHE B 1 53  ? -7.808  13.950  5.908   1.00 24.92 ? 53  PHE B CZ  1 
ATOM   1305 N N   . GLN B 1 54  ? -7.407  15.368  12.957  1.00 33.30 ? 54  GLN B N   1 
ATOM   1306 C CA  . GLN B 1 54  ? -6.666  15.381  14.204  1.00 33.67 ? 54  GLN B CA  1 
ATOM   1307 C C   . GLN B 1 54  ? -6.171  13.974  14.506  1.00 29.76 ? 54  GLN B C   1 
ATOM   1308 O O   . GLN B 1 54  ? -6.713  12.992  14.004  1.00 27.67 ? 54  GLN B O   1 
ATOM   1309 C CB  . GLN B 1 54  ? -7.492  15.981  15.349  1.00 38.18 ? 54  GLN B CB  1 
ATOM   1310 C CG  . GLN B 1 54  ? -8.671  15.146  15.793  1.00 41.65 ? 54  GLN B CG  1 
ATOM   1311 C CD  . GLN B 1 54  ? -9.250  15.591  17.132  1.00 41.96 ? 54  GLN B CD  1 
ATOM   1312 O OE1 . GLN B 1 54  ? -9.360  16.787  17.413  1.00 44.03 ? 54  GLN B OE1 1 
ATOM   1313 N NE2 . GLN B 1 54  ? -9.645  14.618  17.955  1.00 43.58 ? 54  GLN B NE2 1 
ATOM   1314 N N   . ILE B 1 55  ? -5.116  13.876  15.299  1.00 30.53 ? 55  ILE B N   1 
ATOM   1315 C CA  . ILE B 1 55  ? -4.578  12.575  15.657  1.00 31.95 ? 55  ILE B CA  1 
ATOM   1316 C C   . ILE B 1 55  ? -5.252  12.131  16.940  1.00 32.45 ? 55  ILE B C   1 
ATOM   1317 O O   . ILE B 1 55  ? -5.212  12.852  17.942  1.00 35.04 ? 55  ILE B O   1 
ATOM   1318 C CB  . ILE B 1 55  ? -3.047  12.596  15.903  1.00 34.08 ? 55  ILE B CB  1 
ATOM   1319 C CG1 . ILE B 1 55  ? -2.299  13.461  14.868  1.00 40.03 ? 55  ILE B CG1 1 
ATOM   1320 C CG2 . ILE B 1 55  ? -2.509  11.166  15.990  1.00 30.88 ? 55  ILE B CG2 1 
ATOM   1321 C CD1 . ILE B 1 55  ? -1.835  12.755  13.597  1.00 40.95 ? 55  ILE B CD1 1 
ATOM   1322 N N   . ASN B 1 56  ? -5.880  10.957  16.902  1.00 35.20 ? 56  ASN B N   1 
ATOM   1323 C CA  . ASN B 1 56  ? -6.477  10.345  18.097  1.00 33.89 ? 56  ASN B CA  1 
ATOM   1324 C C   . ASN B 1 56  ? -5.497  9.381   18.785  1.00 39.45 ? 56  ASN B C   1 
ATOM   1325 O O   . ASN B 1 56  ? -5.455  9.298   20.013  1.00 43.17 ? 56  ASN B O   1 
ATOM   1326 C CB  . ASN B 1 56  ? -7.792  9.630   17.746  1.00 31.66 ? 56  ASN B CB  1 
ATOM   1327 C CG  . ASN B 1 56  ? -8.947  10.599  17.481  1.00 31.83 ? 56  ASN B CG  1 
ATOM   1328 O OD1 . ASN B 1 56  ? -8.883  11.779  17.828  1.00 37.80 ? 56  ASN B OD1 1 
ATOM   1329 N ND2 . ASN B 1 56  ? -10.020 10.088  16.896  1.00 32.75 ? 56  ASN B ND2 1 
ATOM   1330 N N   . ARG B 1 57  ? -4.718  8.662   17.981  1.00 41.23 ? 57  ARG B N   1 
ATOM   1331 C CA  . ARG B 1 57  ? -3.706  7.707   18.454  1.00 44.07 ? 57  ARG B CA  1 
ATOM   1332 C C   . ARG B 1 57  ? -2.539  7.684   17.461  1.00 41.54 ? 57  ARG B C   1 
ATOM   1333 O O   . ARG B 1 57  ? -2.768  7.752   16.253  1.00 38.54 ? 57  ARG B O   1 
ATOM   1334 C CB  . ARG B 1 57  ? -4.306  6.301   18.566  1.00 41.74 ? 57  ARG B CB  1 
ATOM   1335 C CG  . ARG B 1 57  ? -3.342  5.187   19.043  1.00 50.31 ? 57  ARG B CG  1 
ATOM   1336 C CD  . ARG B 1 57  ? -4.087  3.858   19.253  1.00 55.64 ? 57  ARG B CD  1 
ATOM   1337 N NE  . ARG B 1 57  ? -5.338  4.076   19.996  1.00 70.49 ? 57  ARG B NE  1 
ATOM   1338 C CZ  . ARG B 1 57  ? -6.404  3.271   19.979  1.00 74.68 ? 57  ARG B CZ  1 
ATOM   1339 N NH1 . ARG B 1 57  ? -6.404  2.151   19.261  1.00 75.94 ? 57  ARG B NH1 1 
ATOM   1340 N NH2 . ARG B 1 57  ? -7.483  3.589   20.688  1.00 74.97 ? 57  ARG B NH2 1 
ATOM   1341 N N   . PRO B 1 58  ? -1.287  7.626   17.958  1.00 41.98 ? 58  PRO B N   1 
ATOM   1342 C CA  . PRO B 1 58  ? -0.857  7.790   19.350  1.00 39.59 ? 58  PRO B CA  1 
ATOM   1343 C C   . PRO B 1 58  ? -1.012  9.247   19.796  1.00 43.14 ? 58  PRO B C   1 
ATOM   1344 O O   . PRO B 1 58  ? -1.279  10.119  18.961  1.00 41.43 ? 58  PRO B O   1 
ATOM   1345 C CB  . PRO B 1 58  ? 0.622   7.401   19.302  1.00 38.88 ? 58  PRO B CB  1 
ATOM   1346 C CG  . PRO B 1 58  ? 1.045   7.693   17.907  1.00 41.69 ? 58  PRO B CG  1 
ATOM   1347 C CD  . PRO B 1 58  ? -0.145  7.340   17.067  1.00 40.50 ? 58  PRO B CD  1 
ATOM   1348 N N   . LYS B 1 59  ? -0.856  9.513   21.091  1.00 42.74 ? 59  LYS B N   1 
ATOM   1349 C CA  . LYS B 1 59  ? -1.008  10.875  21.598  1.00 43.89 ? 59  LYS B CA  1 
ATOM   1350 C C   . LYS B 1 59  ? 0.281   11.645  21.328  1.00 45.88 ? 59  LYS B C   1 
ATOM   1351 O O   . LYS B 1 59  ? 1.253   11.573  22.093  1.00 43.16 ? 59  LYS B O   1 
ATOM   1352 C CB  . LYS B 1 59  ? -1.381  10.901  23.090  1.00 44.74 ? 59  LYS B CB  1 
ATOM   1353 C CG  . LYS B 1 59  ? -2.544  9.987   23.523  1.00 43.13 ? 59  LYS B CG  1 
ATOM   1354 C CD  . LYS B 1 59  ? -3.829  10.192  22.709  1.00 47.08 ? 59  LYS B CD  1 
ATOM   1355 C CE  . LYS B 1 59  ? -4.541  11.519  23.013  1.00 49.19 ? 59  LYS B CE  1 
ATOM   1356 N NZ  . LYS B 1 59  ? -5.772  11.729  22.153  1.00 45.97 ? 59  LYS B NZ  1 
ATOM   1357 N N   . ILE B 1 60  ? 0.290   12.345  20.198  1.00 43.40 ? 60  ILE B N   1 
ATOM   1358 C CA  . ILE B 1 60  ? 1.416   13.199  19.808  1.00 44.76 ? 60  ILE B CA  1 
ATOM   1359 C C   . ILE B 1 60  ? 0.888   14.476  19.161  1.00 43.89 ? 60  ILE B C   1 
ATOM   1360 O O   . ILE B 1 60  ? -0.277  14.551  18.767  1.00 36.89 ? 60  ILE B O   1 
ATOM   1361 C CB  . ILE B 1 60  ? 2.375   12.503  18.796  1.00 44.17 ? 60  ILE B CB  1 
ATOM   1362 C CG1 . ILE B 1 60  ? 1.586   11.838  17.657  1.00 43.31 ? 60  ILE B CG1 1 
ATOM   1363 C CG2 . ILE B 1 60  ? 3.335   11.525  19.525  1.00 47.11 ? 60  ILE B CG2 1 
ATOM   1364 C CD1 . ILE B 1 60  ? 2.411   11.565  16.402  1.00 46.74 ? 60  ILE B CD1 1 
ATOM   1365 N N   . LEU B 1 61  ? 1.752   15.479  19.045  1.00 45.29 ? 61  LEU B N   1 
ATOM   1366 C CA  . LEU B 1 61  ? 1.393   16.679  18.318  1.00 48.64 ? 61  LEU B CA  1 
ATOM   1367 C C   . LEU B 1 61  ? 1.403   16.386  16.831  1.00 50.48 ? 61  LEU B C   1 
ATOM   1368 O O   . LEU B 1 61  ? 1.986   15.395  16.376  1.00 48.27 ? 61  LEU B O   1 
ATOM   1369 C CB  . LEU B 1 61  ? 2.315   17.848  18.661  1.00 49.75 ? 61  LEU B CB  1 
ATOM   1370 C CG  . LEU B 1 61  ? 2.281   18.322  20.120  1.00 54.27 ? 61  LEU B CG  1 
ATOM   1371 C CD1 . LEU B 1 61  ? 3.200   19.523  20.293  1.00 55.25 ? 61  LEU B CD1 1 
ATOM   1372 C CD2 . LEU B 1 61  ? 0.857   18.630  20.607  1.00 52.69 ? 61  LEU B CD2 1 
ATOM   1373 N N   . ILE B 1 62  ? 0.730   17.246  16.083  1.00 54.84 ? 62  ILE B N   1 
ATOM   1374 C CA  . ILE B 1 62  ? 0.616   17.081  14.649  1.00 58.99 ? 62  ILE B CA  1 
ATOM   1375 C C   . ILE B 1 62  ? 1.787   17.791  13.922  1.00 59.28 ? 62  ILE B C   1 
ATOM   1376 O O   . ILE B 1 62  ? 1.596   18.731  13.147  1.00 61.11 ? 62  ILE B O   1 
ATOM   1377 C CB  . ILE B 1 62  ? -0.815  17.495  14.176  1.00 60.79 ? 62  ILE B CB  1 
ATOM   1378 C CG1 . ILE B 1 62  ? -1.016  17.256  12.671  1.00 62.92 ? 62  ILE B CG1 1 
ATOM   1379 C CG2 . ILE B 1 62  ? -1.170  18.923  14.658  1.00 66.07 ? 62  ILE B CG2 1 
ATOM   1380 C CD1 . ILE B 1 62  ? -2.482  17.004  12.282  1.00 63.47 ? 62  ILE B CD1 1 
ATOM   1381 N N   . ASP B 1 63  ? 3.006   17.335  14.202  1.00 57.59 ? 63  ASP B N   1 
ATOM   1382 C CA  . ASP B 1 63  ? 4.176   17.802  13.464  1.00 57.51 ? 63  ASP B CA  1 
ATOM   1383 C C   . ASP B 1 63  ? 4.914   16.656  12.783  1.00 55.32 ? 63  ASP B C   1 
ATOM   1384 O O   . ASP B 1 63  ? 4.989   15.535  13.299  1.00 56.30 ? 63  ASP B O   1 
ATOM   1385 C CB  . ASP B 1 63  ? 5.129   18.629  14.337  1.00 61.92 ? 63  ASP B CB  1 
ATOM   1386 C CG  . ASP B 1 63  ? 5.954   17.777  15.280  1.00 67.19 ? 63  ASP B CG  1 
ATOM   1387 O OD1 . ASP B 1 63  ? 5.413   17.380  16.331  1.00 70.71 ? 63  ASP B OD1 1 
ATOM   1388 O OD2 . ASP B 1 63  ? 7.146   17.519  14.979  1.00 67.69 ? 63  ASP B OD2 1 
ATOM   1389 N N   . PHE B 1 64  ? 5.470   16.974  11.622  1.00 48.78 ? 64  PHE B N   1 
ATOM   1390 C CA  . PHE B 1 64  ? 6.067   16.015  10.715  1.00 43.22 ? 64  PHE B CA  1 
ATOM   1391 C C   . PHE B 1 64  ? 7.134   15.142  11.383  1.00 44.64 ? 64  PHE B C   1 
ATOM   1392 O O   . PHE B 1 64  ? 7.195   13.939  11.130  1.00 44.77 ? 64  PHE B O   1 
ATOM   1393 C CB  . PHE B 1 64  ? 6.613   16.792  9.507   1.00 38.22 ? 64  PHE B CB  1 
ATOM   1394 C CG  . PHE B 1 64  ? 7.212   15.940  8.425   1.00 38.22 ? 64  PHE B CG  1 
ATOM   1395 C CD1 . PHE B 1 64  ? 6.532   15.749  7.228   1.00 31.75 ? 64  PHE B CD1 1 
ATOM   1396 C CD2 . PHE B 1 64  ? 8.481   15.366  8.581   1.00 33.88 ? 64  PHE B CD2 1 
ATOM   1397 C CE1 . PHE B 1 64  ? 7.103   14.999  6.199   1.00 36.75 ? 64  PHE B CE1 1 
ATOM   1398 C CE2 . PHE B 1 64  ? 9.051   14.587  7.561   1.00 36.28 ? 64  PHE B CE2 1 
ATOM   1399 C CZ  . PHE B 1 64  ? 8.368   14.411  6.369   1.00 33.04 ? 64  PHE B CZ  1 
ATOM   1400 N N   . ASP B 1 65  ? 7.953   15.739  12.247  1.00 49.23 ? 65  ASP B N   1 
ATOM   1401 C CA  . ASP B 1 65  ? 9.066   15.018  12.884  1.00 53.82 ? 65  ASP B CA  1 
ATOM   1402 C C   . ASP B 1 65  ? 8.634   14.005  13.956  1.00 54.08 ? 65  ASP B C   1 
ATOM   1403 O O   . ASP B 1 65  ? 9.232   12.924  14.072  1.00 52.87 ? 65  ASP B O   1 
ATOM   1404 C CB  . ASP B 1 65  ? 10.088  15.994  13.471  1.00 55.85 ? 65  ASP B CB  1 
ATOM   1405 C CG  . ASP B 1 65  ? 11.456  15.354  13.689  1.00 60.47 ? 65  ASP B CG  1 
ATOM   1406 O OD1 . ASP B 1 65  ? 11.991  14.717  12.750  1.00 62.27 ? 65  ASP B OD1 1 
ATOM   1407 O OD2 . ASP B 1 65  ? 12.010  15.504  14.799  1.00 62.50 ? 65  ASP B OD2 1 
ATOM   1408 N N   . ALA B 1 66  ? 7.623   14.374  14.746  1.00 52.62 ? 66  ALA B N   1 
ATOM   1409 C CA  . ALA B 1 66  ? 7.043   13.481  15.752  1.00 49.23 ? 66  ALA B CA  1 
ATOM   1410 C C   . ALA B 1 66  ? 6.421   12.275  15.065  1.00 47.36 ? 66  ALA B C   1 
ATOM   1411 O O   . ALA B 1 66  ? 6.681   11.129  15.453  1.00 50.41 ? 66  ALA B O   1 
ATOM   1412 C CB  . ALA B 1 66  ? 6.006   14.211  16.572  1.00 47.11 ? 66  ALA B CB  1 
ATOM   1413 N N   . ILE B 1 67  ? 5.624   12.537  14.029  1.00 41.85 ? 67  ILE B N   1 
ATOM   1414 C CA  . ILE B 1 67  ? 4.993   11.479  13.227  1.00 39.16 ? 67  ILE B CA  1 
ATOM   1415 C C   . ILE B 1 67  ? 6.035   10.576  12.578  1.00 40.48 ? 67  ILE B C   1 
ATOM   1416 O O   . ILE B 1 67  ? 5.906   9.345   12.602  1.00 40.78 ? 67  ILE B O   1 
ATOM   1417 C CB  . ILE B 1 67  ? 4.050   12.067  12.182  1.00 38.03 ? 67  ILE B CB  1 
ATOM   1418 C CG1 . ILE B 1 67  ? 2.850   12.698  12.884  1.00 35.35 ? 67  ILE B CG1 1 
ATOM   1419 C CG2 . ILE B 1 67  ? 3.579   11.001  11.196  1.00 38.67 ? 67  ILE B CG2 1 
ATOM   1420 C CD1 . ILE B 1 67  ? 2.229   13.837  12.108  1.00 41.86 ? 67  ILE B CD1 1 
ATOM   1421 N N   . SER B 1 68  ? 7.086   11.196  12.042  1.00 40.28 ? 68  SER B N   1 
ATOM   1422 C CA  . SER B 1 68  ? 8.227   10.471  11.466  1.00 42.02 ? 68  SER B CA  1 
ATOM   1423 C C   . SER B 1 68  ? 8.898   9.511   12.448  1.00 46.98 ? 68  SER B C   1 
ATOM   1424 O O   . SER B 1 68  ? 9.584   8.574   12.036  1.00 45.99 ? 68  SER B O   1 
ATOM   1425 C CB  . SER B 1 68  ? 9.271   11.464  10.956  1.00 43.19 ? 68  SER B CB  1 
ATOM   1426 O OG  . SER B 1 68  ? 10.284  10.798  10.248  1.00 45.48 ? 68  SER B OG  1 
ATOM   1427 N N   . LYS B 1 69  ? 8.699   9.752   13.744  1.00 51.49 ? 69  LYS B N   1 
ATOM   1428 C CA  . LYS B 1 69  ? 9.392   9.002   14.786  1.00 53.01 ? 69  LYS B CA  1 
ATOM   1429 C C   . LYS B 1 69  ? 8.555   7.848   15.338  1.00 56.17 ? 69  LYS B C   1 
ATOM   1430 O O   . LYS B 1 69  ? 9.005   7.110   16.206  1.00 57.54 ? 69  LYS B O   1 
ATOM   1431 C CB  . LYS B 1 69  ? 9.846   9.943   15.899  1.00 53.76 ? 69  LYS B CB  1 
ATOM   1432 C CG  . LYS B 1 69  ? 11.028  10.817  15.499  1.00 54.55 ? 69  LYS B CG  1 
ATOM   1433 C CD  . LYS B 1 69  ? 11.394  11.800  16.591  1.00 56.16 ? 69  LYS B CD  1 
ATOM   1434 C CE  . LYS B 1 69  ? 12.579  12.649  16.174  1.00 56.94 ? 69  LYS B CE  1 
ATOM   1435 N NZ  . LYS B 1 69  ? 12.692  13.889  16.999  1.00 56.66 ? 69  LYS B NZ  1 
ATOM   1436 N N   . GLN B 1 70  ? 7.349   7.681   14.800  1.00 57.99 ? 70  GLN B N   1 
ATOM   1437 C CA  . GLN B 1 70  ? 6.488   6.549   15.136  1.00 56.53 ? 70  GLN B CA  1 
ATOM   1438 C C   . GLN B 1 70  ? 6.284   5.635   13.913  1.00 54.14 ? 70  GLN B C   1 
ATOM   1439 O O   . GLN B 1 70  ? 5.144   5.434   13.466  1.00 50.29 ? 70  GLN B O   1 
ATOM   1440 C CB  . GLN B 1 70  ? 5.137   7.064   15.634  1.00 58.24 ? 70  GLN B CB  1 
ATOM   1441 C CG  . GLN B 1 70  ? 5.223   8.063   16.770  1.00 61.55 ? 70  GLN B CG  1 
ATOM   1442 C CD  . GLN B 1 70  ? 5.035   7.422   18.129  1.00 64.47 ? 70  GLN B CD  1 
ATOM   1443 O OE1 . GLN B 1 70  ? 4.584   6.275   18.244  1.00 64.97 ? 70  GLN B OE1 1 
ATOM   1444 N NE2 . GLN B 1 70  ? 5.363   8.171   19.177  1.00 65.09 ? 70  GLN B NE2 1 
ATOM   1445 N N   . PRO B 1 71  ? 7.383   5.062   13.372  1.00 55.38 ? 71  PRO B N   1 
ATOM   1446 C CA  . PRO B 1 71  ? 7.276   4.275   12.138  1.00 56.02 ? 71  PRO B CA  1 
ATOM   1447 C C   . PRO B 1 71  ? 6.369   3.050   12.255  1.00 59.24 ? 71  PRO B C   1 
ATOM   1448 O O   . PRO B 1 71  ? 5.718   2.660   11.282  1.00 59.49 ? 71  PRO B O   1 
ATOM   1449 C CB  . PRO B 1 71  ? 8.724   3.828   11.880  1.00 58.12 ? 71  PRO B CB  1 
ATOM   1450 C CG  . PRO B 1 71  ? 9.397   3.902   13.221  1.00 55.61 ? 71  PRO B CG  1 
ATOM   1451 C CD  . PRO B 1 71  ? 8.773   5.093   13.873  1.00 53.40 ? 71  PRO B CD  1 
ATOM   1452 N N   . ARG B 1 72  ? 6.323   2.442   13.435  1.00 60.53 ? 72  ARG B N   1 
ATOM   1453 C CA  . ARG B 1 72  ? 5.572   1.202   13.588  1.00 62.53 ? 72  ARG B CA  1 
ATOM   1454 C C   . ARG B 1 72  ? 4.198   1.373   14.255  1.00 59.12 ? 72  ARG B C   1 
ATOM   1455 O O   . ARG B 1 72  ? 3.393   0.446   14.264  1.00 59.87 ? 72  ARG B O   1 
ATOM   1456 C CB  . ARG B 1 72  ? 6.428   0.131   14.283  1.00 66.73 ? 72  ARG B CB  1 
ATOM   1457 C CG  . ARG B 1 72  ? 7.517   -0.497  13.388  1.00 71.95 ? 72  ARG B CG  1 
ATOM   1458 C CD  . ARG B 1 72  ? 6.932   -1.181  12.134  1.00 77.45 ? 72  ARG B CD  1 
ATOM   1459 N NE  . ARG B 1 72  ? 7.068   -0.361  10.917  1.00 82.26 ? 72  ARG B NE  1 
ATOM   1460 C CZ  . ARG B 1 72  ? 7.793   -0.702  9.844   1.00 82.53 ? 72  ARG B CZ  1 
ATOM   1461 N NH1 . ARG B 1 72  ? 8.452   -1.863  9.811   1.00 82.03 ? 72  ARG B NH1 1 
ATOM   1462 N NH2 . ARG B 1 72  ? 7.853   0.116   8.793   1.00 79.02 ? 72  ARG B NH2 1 
ATOM   1463 N N   . ALA B 1 73  ? 3.925   2.564   14.782  1.00 53.42 ? 73  ALA B N   1 
ATOM   1464 C CA  . ALA B 1 73  ? 2.680   2.806   15.498  1.00 50.68 ? 73  ALA B CA  1 
ATOM   1465 C C   . ALA B 1 73  ? 1.453   2.781   14.582  1.00 49.14 ? 73  ALA B C   1 
ATOM   1466 O O   . ALA B 1 73  ? 1.537   3.081   13.384  1.00 47.65 ? 73  ALA B O   1 
ATOM   1467 C CB  . ALA B 1 73  ? 2.754   4.112   16.280  1.00 50.02 ? 73  ALA B CB  1 
ATOM   1468 N N   . LEU B 1 74  ? 0.315   2.400   15.147  1.00 43.44 ? 74  LEU B N   1 
ATOM   1469 C CA  . LEU B 1 74  ? -0.933  2.513   14.425  1.00 41.29 ? 74  LEU B CA  1 
ATOM   1470 C C   . LEU B 1 74  ? -1.499  3.902   14.671  1.00 38.40 ? 74  LEU B C   1 
ATOM   1471 O O   . LEU B 1 74  ? -1.672  4.337   15.818  1.00 38.22 ? 74  LEU B O   1 
ATOM   1472 C CB  . LEU B 1 74  ? -1.934  1.425   14.836  1.00 44.16 ? 74  LEU B CB  1 
ATOM   1473 C CG  . LEU B 1 74  ? -3.373  1.565   14.320  1.00 47.17 ? 74  LEU B CG  1 
ATOM   1474 C CD1 . LEU B 1 74  ? -3.553  0.885   12.973  1.00 49.02 ? 74  LEU B CD1 1 
ATOM   1475 C CD2 . LEU B 1 74  ? -4.356  1.002   15.346  1.00 49.74 ? 74  LEU B CD2 1 
ATOM   1476 N N   . PHE B 1 75  ? -1.764  4.605   13.581  1.00 29.16 ? 75  PHE B N   1 
ATOM   1477 C CA  . PHE B 1 75  ? -2.370  5.900   13.664  1.00 28.46 ? 75  PHE B CA  1 
ATOM   1478 C C   . PHE B 1 75  ? -3.852  5.774   13.430  1.00 28.56 ? 75  PHE B C   1 
ATOM   1479 O O   . PHE B 1 75  ? -4.305  5.008   12.573  1.00 30.30 ? 75  PHE B O   1 
ATOM   1480 C CB  . PHE B 1 75  ? -1.726  6.867   12.652  1.00 28.85 ? 75  PHE B CB  1 
ATOM   1481 C CG  . PHE B 1 75  ? -0.379  7.363   13.092  1.00 27.32 ? 75  PHE B CG  1 
ATOM   1482 C CD1 . PHE B 1 75  ? -0.245  8.618   13.657  1.00 32.07 ? 75  PHE B CD1 1 
ATOM   1483 C CD2 . PHE B 1 75  ? 0.735   6.549   13.002  1.00 27.70 ? 75  PHE B CD2 1 
ATOM   1484 C CE1 . PHE B 1 75  ? 0.990   9.060   14.118  1.00 27.46 ? 75  PHE B CE1 1 
ATOM   1485 C CE2 . PHE B 1 75  ? 1.967   6.986   13.454  1.00 27.97 ? 75  PHE B CE2 1 
ATOM   1486 C CZ  . PHE B 1 75  ? 2.090   8.241   14.022  1.00 26.77 ? 75  PHE B CZ  1 
ATOM   1487 N N   . ILE B 1 76  ? -4.590  6.528   14.226  1.00 28.87 ? 76  ILE B N   1 
ATOM   1488 C CA  . ILE B 1 76  ? -5.987  6.715   14.058  1.00 28.10 ? 76  ILE B CA  1 
ATOM   1489 C C   . ILE B 1 76  ? -6.180  8.209   13.990  1.00 29.04 ? 76  ILE B C   1 
ATOM   1490 O O   . ILE B 1 76  ? -5.852  8.939   14.920  1.00 36.40 ? 76  ILE B O   1 
ATOM   1491 C CB  . ILE B 1 76  ? -6.832  6.081   15.212  1.00 31.98 ? 76  ILE B CB  1 
ATOM   1492 C CG1 . ILE B 1 76  ? -6.552  4.575   15.314  1.00 33.00 ? 76  ILE B CG1 1 
ATOM   1493 C CG2 . ILE B 1 76  ? -8.324  6.348   14.982  1.00 24.92 ? 76  ILE B CG2 1 
ATOM   1494 C CD1 . ILE B 1 76  ? -7.304  3.867   16.451  1.00 36.45 ? 76  ILE B CD1 1 
ATOM   1495 N N   . LEU B 1 77  ? -6.713  8.645   12.862  1.00 28.48 ? 77  LEU B N   1 
ATOM   1496 C CA  . LEU B 1 77  ? -6.874  10.039  12.548  1.00 30.67 ? 77  LEU B CA  1 
ATOM   1497 C C   . LEU B 1 77  ? -8.354  10.236  12.484  1.00 35.36 ? 77  LEU B C   1 
ATOM   1498 O O   . LEU B 1 77  ? -9.083  9.317   12.087  1.00 38.78 ? 77  LEU B O   1 
ATOM   1499 C CB  . LEU B 1 77  ? -6.254  10.356  11.170  1.00 28.52 ? 77  LEU B CB  1 
ATOM   1500 C CG  . LEU B 1 77  ? -4.830  10.922  11.143  1.00 31.13 ? 77  LEU B CG  1 
ATOM   1501 C CD1 . LEU B 1 77  ? -3.829  10.043  11.844  1.00 23.99 ? 77  LEU B CD1 1 
ATOM   1502 C CD2 . LEU B 1 77  ? -4.404  11.158  9.725   1.00 27.49 ? 77  LEU B CD2 1 
ATOM   1503 N N   . GLU B 1 78  ? -8.799  11.425  12.864  1.00 33.12 ? 78  GLU B N   1 
ATOM   1504 C CA  . GLU B 1 78  ? -10.199 11.773  12.765  1.00 36.31 ? 78  GLU B CA  1 
ATOM   1505 C C   . GLU B 1 78  ? -10.366 12.918  11.782  1.00 34.85 ? 78  GLU B C   1 
ATOM   1506 O O   . GLU B 1 78  ? -9.778  13.983  11.942  1.00 34.87 ? 78  GLU B O   1 
ATOM   1507 C CB  . GLU B 1 78  ? -10.723 12.170  14.150  1.00 30.12 ? 78  GLU B CB  1 
ATOM   1508 C CG  . GLU B 1 78  ? -12.177 12.583  14.194  1.00 42.83 ? 78  GLU B CG  1 
ATOM   1509 C CD  . GLU B 1 78  ? -12.631 12.930  15.612  1.00 46.62 ? 78  GLU B CD  1 
ATOM   1510 O OE1 . GLU B 1 78  ? -12.377 12.118  16.550  1.00 48.39 ? 78  GLU B OE1 1 
ATOM   1511 O OE2 . GLU B 1 78  ? -13.221 14.022  15.781  1.00 47.93 ? 78  GLU B OE2 1 
ATOM   1512 N N   . PHE B 1 79  ? -11.182 12.688  10.768  1.00 36.43 ? 79  PHE B N   1 
ATOM   1513 C CA  . PHE B 1 79  ? -11.588 13.717  9.825   1.00 36.96 ? 79  PHE B CA  1 
ATOM   1514 C C   . PHE B 1 79  ? -12.453 14.737  10.571  1.00 37.97 ? 79  PHE B C   1 
ATOM   1515 O O   . PHE B 1 79  ? -13.549 14.410  10.997  1.00 35.83 ? 79  PHE B O   1 
ATOM   1516 C CB  . PHE B 1 79  ? -12.376 13.022  8.702   1.00 42.48 ? 79  PHE B CB  1 
ATOM   1517 C CG  . PHE B 1 79  ? -12.372 13.744  7.390   1.00 41.71 ? 79  PHE B CG  1 
ATOM   1518 C CD1 . PHE B 1 79  ? -11.196 14.158  6.804   1.00 42.51 ? 79  PHE B CD1 1 
ATOM   1519 C CD2 . PHE B 1 79  ? -13.552 13.963  6.718   1.00 48.24 ? 79  PHE B CD2 1 
ATOM   1520 C CE1 . PHE B 1 79  ? -11.191 14.803  5.587   1.00 39.15 ? 79  PHE B CE1 1 
ATOM   1521 C CE2 . PHE B 1 79  ? -13.558 14.626  5.487   1.00 50.49 ? 79  PHE B CE2 1 
ATOM   1522 C CZ  . PHE B 1 79  ? -12.365 15.036  4.929   1.00 45.79 ? 79  PHE B CZ  1 
ATOM   1523 N N   . LEU B 1 80  ? -11.960 15.963  10.758  1.00 37.63 ? 80  LEU B N   1 
ATOM   1524 C CA  . LEU B 1 80  ? -12.637 16.953  11.621  1.00 39.77 ? 80  LEU B CA  1 
ATOM   1525 C C   . LEU B 1 80  ? -14.063 17.269  11.193  1.00 45.46 ? 80  LEU B C   1 
ATOM   1526 O O   . LEU B 1 80  ? -14.876 17.817  11.962  1.00 47.67 ? 80  LEU B O   1 
ATOM   1527 C CB  . LEU B 1 80  ? -11.851 18.267  11.655  1.00 39.20 ? 80  LEU B CB  1 
ATOM   1528 C CG  . LEU B 1 80  ? -10.426 18.298  12.220  1.00 40.80 ? 80  LEU B CG  1 
ATOM   1529 C CD1 . LEU B 1 80  ? -9.937  19.735  12.221  1.00 40.63 ? 80  LEU B CD1 1 
ATOM   1530 C CD2 . LEU B 1 80  ? -10.349 17.707  13.613  1.00 39.68 ? 80  LEU B CD2 1 
ATOM   1531 N N   . HIS B 1 81  ? -14.341 16.935  9.945   1.00 45.36 ? 81  HIS B N   1 
ATOM   1532 C CA  . HIS B 1 81  ? -15.525 17.376  9.261   1.00 47.51 ? 81  HIS B CA  1 
ATOM   1533 C C   . HIS B 1 81  ? -16.715 16.518  9.678   1.00 48.56 ? 81  HIS B C   1 
ATOM   1534 O O   . HIS B 1 81  ? -17.675 17.040  10.256  1.00 51.41 ? 81  HIS B O   1 
ATOM   1535 C CB  . HIS B 1 81  ? -15.233 17.351  7.752   1.00 48.91 ? 81  HIS B CB  1 
ATOM   1536 C CG  . HIS B 1 81  ? -16.414 17.052  6.898   1.00 52.99 ? 81  HIS B CG  1 
ATOM   1537 N ND1 . HIS B 1 81  ? -17.432 17.958  6.693   1.00 60.35 ? 81  HIS B ND1 1 
ATOM   1538 C CD2 . HIS B 1 81  ? -16.729 15.955  6.175   1.00 54.26 ? 81  HIS B CD2 1 
ATOM   1539 C CE1 . HIS B 1 81  ? -18.334 17.424  5.889   1.00 61.17 ? 81  HIS B CE1 1 
ATOM   1540 N NE2 . HIS B 1 81  ? -17.929 16.211  5.557   1.00 60.65 ? 81  HIS B NE2 1 
ATOM   1541 N N   . ASN B 1 82  ? -16.627 15.206  9.435   1.00 45.81 ? 82  ASN B N   1 
ATOM   1542 C CA  . ASN B 1 82  ? -17.713 14.270  9.740   1.00 41.72 ? 82  ASN B CA  1 
ATOM   1543 C C   . ASN B 1 82  ? -17.442 13.358  10.965  1.00 42.12 ? 82  ASN B C   1 
ATOM   1544 O O   . ASN B 1 82  ? -18.326 12.649  11.428  1.00 37.01 ? 82  ASN B O   1 
ATOM   1545 C CB  . ASN B 1 82  ? -18.051 13.436  8.497   1.00 40.02 ? 82  ASN B CB  1 
ATOM   1546 C CG  . ASN B 1 82  ? -16.877 12.577  8.016   1.00 48.79 ? 82  ASN B CG  1 
ATOM   1547 O OD1 . ASN B 1 82  ? -15.812 12.532  8.647   1.00 48.80 ? 82  ASN B OD1 1 
ATOM   1548 N ND2 . ASN B 1 82  ? -17.073 11.884  6.887   1.00 47.53 ? 82  ASN B ND2 1 
ATOM   1549 N N   . GLY B 1 83  ? -16.208 13.371  11.468  1.00 36.21 ? 83  GLY B N   1 
ATOM   1550 C CA  . GLY B 1 83  ? -15.840 12.581  12.630  1.00 34.06 ? 83  GLY B CA  1 
ATOM   1551 C C   . GLY B 1 83  ? -15.435 11.186  12.230  1.00 34.56 ? 83  GLY B C   1 
ATOM   1552 O O   . GLY B 1 83  ? -15.139 10.341  13.091  1.00 31.38 ? 83  GLY B O   1 
ATOM   1553 N N   . MET B 1 84  ? -15.426 10.934  10.919  1.00 35.08 ? 84  MET B N   1 
ATOM   1554 C CA  . MET B 1 84  ? -14.978 9.641   10.395  1.00 38.16 ? 84  MET B CA  1 
ATOM   1555 C C   . MET B 1 84  ? -13.544 9.405   10.835  1.00 33.59 ? 84  MET B C   1 
ATOM   1556 O O   . MET B 1 84  ? -12.752 10.351  10.907  1.00 36.19 ? 84  MET B O   1 
ATOM   1557 C CB  . MET B 1 84  ? -15.091 9.594   8.870   1.00 40.03 ? 84  MET B CB  1 
ATOM   1558 C CG  . MET B 1 84  ? -14.579 8.309   8.226   1.00 44.77 ? 84  MET B CG  1 
ATOM   1559 S SD  . MET B 1 84  ? -14.161 8.495   6.459   1.00 53.45 ? 84  MET B SD  1 
ATOM   1560 C CE  . MET B 1 84  ? -12.755 9.617   6.525   1.00 48.10 ? 84  MET B CE  1 
ATOM   1561 N N   . GLN B 1 85  ? -13.221 8.151   11.136  1.00 28.15 ? 85  GLN B N   1 
ATOM   1562 C CA  . GLN B 1 85  ? -11.908 7.777   11.608  1.00 30.78 ? 85  GLN B CA  1 
ATOM   1563 C C   . GLN B 1 85  ? -11.149 6.904   10.638  1.00 34.55 ? 85  GLN B C   1 
ATOM   1564 O O   . GLN B 1 85  ? -11.677 5.939   10.087  1.00 34.45 ? 85  GLN B O   1 
ATOM   1565 C CB  . GLN B 1 85  ? -11.999 7.074   12.954  1.00 31.96 ? 85  GLN B CB  1 
ATOM   1566 C CG  . GLN B 1 85  ? -12.317 8.038   14.081  1.00 31.71 ? 85  GLN B CG  1 
ATOM   1567 C CD  . GLN B 1 85  ? -12.450 7.358   15.425  1.00 36.78 ? 85  GLN B CD  1 
ATOM   1568 O OE1 . GLN B 1 85  ? -12.272 6.149   15.541  1.00 36.60 ? 85  GLN B OE1 1 
ATOM   1569 N NE2 . GLN B 1 85  ? -12.792 8.137   16.450  1.00 38.56 ? 85  GLN B NE2 1 
ATOM   1570 N N   . LEU B 1 86  ? -9.887  7.254   10.451  1.00 33.47 ? 86  LEU B N   1 
ATOM   1571 C CA  . LEU B 1 86  ? -9.009  6.559   9.518   1.00 34.01 ? 86  LEU B CA  1 
ATOM   1572 C C   . LEU B 1 86  ? -7.922  5.873   10.313  1.00 32.28 ? 86  LEU B C   1 
ATOM   1573 O O   . LEU B 1 86  ? -7.281  6.486   11.162  1.00 38.89 ? 86  LEU B O   1 
ATOM   1574 C CB  . LEU B 1 86  ? -8.438  7.560   8.486   1.00 26.55 ? 86  LEU B CB  1 
ATOM   1575 C CG  . LEU B 1 86  ? -9.500  8.103   7.512   1.00 35.38 ? 86  LEU B CG  1 
ATOM   1576 C CD1 . LEU B 1 86  ? -8.918  8.899   6.348   1.00 28.15 ? 86  LEU B CD1 1 
ATOM   1577 C CD2 . LEU B 1 86  ? -10.352 6.979   6.957   1.00 34.36 ? 86  LEU B CD2 1 
ATOM   1578 N N   . LYS B 1 87  ? -7.709  4.593   10.055  1.00 34.29 ? 87  LYS B N   1 
ATOM   1579 C CA  . LYS B 1 87  ? -6.685  3.874   10.778  1.00 36.25 ? 87  LYS B CA  1 
ATOM   1580 C C   . LYS B 1 87  ? -5.673  3.405   9.764   1.00 32.08 ? 87  LYS B C   1 
ATOM   1581 O O   . LYS B 1 87  ? -6.044  2.911   8.716   1.00 32.99 ? 87  LYS B O   1 
ATOM   1582 C CB  . LYS B 1 87  ? -7.278  2.667   11.529  1.00 40.25 ? 87  LYS B CB  1 
ATOM   1583 C CG  . LYS B 1 87  ? -8.675  2.899   12.149  1.00 45.63 ? 87  LYS B CG  1 
ATOM   1584 C CD  . LYS B 1 87  ? -9.021  1.867   13.231  1.00 48.35 ? 87  LYS B CD  1 
ATOM   1585 C CE  . LYS B 1 87  ? -9.544  0.560   12.642  1.00 53.56 ? 87  LYS B CE  1 
ATOM   1586 N NZ  . LYS B 1 87  ? -9.778  -0.435  13.725  1.00 51.96 ? 87  LYS B NZ  1 
ATOM   1587 N N   . GLY B 1 88  ? -4.399  3.545   10.084  1.00 28.69 ? 88  GLY B N   1 
ATOM   1588 C CA  . GLY B 1 88  ? -3.352  3.043   9.204   1.00 33.34 ? 88  GLY B CA  1 
ATOM   1589 C C   . GLY B 1 88  ? -1.953  3.420   9.636   1.00 33.94 ? 88  GLY B C   1 
ATOM   1590 O O   . GLY B 1 88  ? -1.720  3.815   10.776  1.00 35.89 ? 88  GLY B O   1 
ATOM   1591 N N   . GLN B 1 89  ? -1.022  3.308   8.697   1.00 37.39 ? 89  GLN B N   1 
ATOM   1592 C CA  . GLN B 1 89  ? 0.394   3.483   8.956   1.00 38.15 ? 89  GLN B CA  1 
ATOM   1593 C C   . GLN B 1 89  ? 0.871   4.811   8.364   1.00 32.26 ? 89  GLN B C   1 
ATOM   1594 O O   . GLN B 1 89  ? 0.379   5.238   7.317   1.00 27.14 ? 89  GLN B O   1 
ATOM   1595 C CB  . GLN B 1 89  ? 1.132   2.343   8.274   1.00 42.57 ? 89  GLN B CB  1 
ATOM   1596 C CG  . GLN B 1 89  ? 2.477   1.970   8.847   1.00 50.92 ? 89  GLN B CG  1 
ATOM   1597 C CD  . GLN B 1 89  ? 3.102   0.787   8.097   1.00 53.33 ? 89  GLN B CD  1 
ATOM   1598 O OE1 . GLN B 1 89  ? 4.259   0.411   8.348   1.00 60.73 ? 89  GLN B OE1 1 
ATOM   1599 N NE2 . GLN B 1 89  ? 2.340   0.203   7.164   1.00 54.03 ? 89  GLN B NE2 1 
ATOM   1600 N N   . MET B 1 90  ? 1.853   5.430   9.021   1.00 25.93 ? 90  MET B N   1 
ATOM   1601 C CA  . MET B 1 90  ? 2.525   6.617   8.509   1.00 26.73 ? 90  MET B CA  1 
ATOM   1602 C C   . MET B 1 90  ? 3.913   6.194   8.026   1.00 27.87 ? 90  MET B C   1 
ATOM   1603 O O   . MET B 1 90  ? 4.689   5.609   8.770   1.00 33.15 ? 90  MET B O   1 
ATOM   1604 C CB  . MET B 1 90  ? 2.631   7.693   9.600   1.00 27.87 ? 90  MET B CB  1 
ATOM   1605 C CG  . MET B 1 90  ? 1.287   8.328   10.041  1.00 24.00 ? 90  MET B CG  1 
ATOM   1606 S SD  . MET B 1 90  ? 0.777   9.657   8.922   1.00 29.19 ? 90  MET B SD  1 
ATOM   1607 C CE  . MET B 1 90  ? -0.549  10.469  9.836   1.00 27.91 ? 90  MET B CE  1 
ATOM   1608 N N   . MET B 1 91  ? 4.223   6.469   6.770   1.00 26.81 ? 91  MET B N   1 
ATOM   1609 C CA  . MET B 1 91  ? 5.499   6.059   6.219   1.00 26.61 ? 91  MET B CA  1 
ATOM   1610 C C   . MET B 1 91  ? 6.266   7.211   5.619   1.00 26.80 ? 91  MET B C   1 
ATOM   1611 O O   . MET B 1 91  ? 5.811   7.861   4.685   1.00 23.95 ? 91  MET B O   1 
ATOM   1612 C CB  . MET B 1 91  ? 5.287   4.969   5.185   1.00 35.17 ? 91  MET B CB  1 
ATOM   1613 C CG  . MET B 1 91  ? 5.221   3.579   5.813   1.00 43.02 ? 91  MET B CG  1 
ATOM   1614 S SD  . MET B 1 91  ? 3.797   2.750   5.145   1.00 58.05 ? 91  MET B SD  1 
ATOM   1615 C CE  . MET B 1 91  ? 3.896   3.382   3.478   1.00 29.57 ? 91  MET B CE  1 
ATOM   1616 N N   . TYR B 1 92  ? 7.434   7.456   6.183   1.00 28.40 ? 92  TYR B N   1 
ATOM   1617 C CA  . TYR B 1 92  ? 8.263   8.563   5.780   1.00 30.61 ? 92  TYR B CA  1 
ATOM   1618 C C   . TYR B 1 92  ? 9.144   8.166   4.579   1.00 33.61 ? 92  TYR B C   1 
ATOM   1619 O O   . TYR B 1 92  ? 9.801   7.120   4.586   1.00 30.17 ? 92  TYR B O   1 
ATOM   1620 C CB  . TYR B 1 92  ? 9.090   9.027   6.979   1.00 31.90 ? 92  TYR B CB  1 
ATOM   1621 C CG  . TYR B 1 92  ? 10.228  9.933   6.622   1.00 38.09 ? 92  TYR B CG  1 
ATOM   1622 C CD1 . TYR B 1 92  ? 9.991   11.180  6.039   1.00 34.68 ? 92  TYR B CD1 1 
ATOM   1623 C CD2 . TYR B 1 92  ? 11.546  9.550   6.863   1.00 37.83 ? 92  TYR B CD2 1 
ATOM   1624 C CE1 . TYR B 1 92  ? 11.029  12.025  5.700   1.00 39.21 ? 92  TYR B CE1 1 
ATOM   1625 C CE2 . TYR B 1 92  ? 12.605  10.397  6.529   1.00 43.34 ? 92  TYR B CE2 1 
ATOM   1626 C CZ  . TYR B 1 92  ? 12.337  11.632  5.947   1.00 41.04 ? 92  TYR B CZ  1 
ATOM   1627 O OH  . TYR B 1 92  ? 13.370  12.484  5.594   1.00 43.65 ? 92  TYR B OH  1 
ATOM   1628 N N   . GLN B 1 93  ? 9.128   9.014   3.554   1.00 34.63 ? 93  GLN B N   1 
ATOM   1629 C CA  . GLN B 1 93  ? 9.862   8.805   2.299   1.00 36.10 ? 93  GLN B CA  1 
ATOM   1630 C C   . GLN B 1 93  ? 10.915  9.928   2.164   1.00 38.63 ? 93  GLN B C   1 
ATOM   1631 O O   . GLN B 1 93  ? 10.576  11.059  1.812   1.00 36.01 ? 93  GLN B O   1 
ATOM   1632 C CB  . GLN B 1 93  ? 8.880   8.808   1.119   1.00 35.04 ? 93  GLN B CB  1 
ATOM   1633 C CG  . GLN B 1 93  ? 9.480   8.574   -0.262  1.00 36.45 ? 93  GLN B CG  1 
ATOM   1634 C CD  . GLN B 1 93  ? 9.798   7.136   -0.509  1.00 44.54 ? 93  GLN B CD  1 
ATOM   1635 O OE1 . GLN B 1 93  ? 8.907   6.322   -0.774  1.00 45.24 ? 93  GLN B OE1 1 
ATOM   1636 N NE2 . GLN B 1 93  ? 11.083  6.796   -0.434  1.00 48.32 ? 93  GLN B NE2 1 
ATOM   1637 N N   . PRO B 1 94  ? 12.190  9.619   2.487   1.00 43.26 ? 94  PRO B N   1 
ATOM   1638 C CA  . PRO B 1 94  ? 13.336  10.551  2.520   1.00 45.69 ? 94  PRO B CA  1 
ATOM   1639 C C   . PRO B 1 94  ? 13.587  11.403  1.279   1.00 48.04 ? 94  PRO B C   1 
ATOM   1640 O O   . PRO B 1 94  ? 13.986  12.562  1.422   1.00 50.30 ? 94  PRO B O   1 
ATOM   1641 C CB  . PRO B 1 94  ? 14.529  9.621   2.754   1.00 44.59 ? 94  PRO B CB  1 
ATOM   1642 C CG  . PRO B 1 94  ? 13.954  8.504   3.537   1.00 42.90 ? 94  PRO B CG  1 
ATOM   1643 C CD  . PRO B 1 94  ? 12.609  8.263   2.892   1.00 42.25 ? 94  PRO B CD  1 
ATOM   1644 N N   . GLU B 1 95  ? 13.356  10.871  0.081   1.00 46.88 ? 95  GLU B N   1 
ATOM   1645 C CA  . GLU B 1 95  ? 13.773  11.612  -1.117  1.00 53.34 ? 95  GLU B CA  1 
ATOM   1646 C C   . GLU B 1 95  ? 12.841  12.752  -1.490  1.00 52.41 ? 95  GLU B C   1 
ATOM   1647 O O   . GLU B 1 95  ? 13.291  13.889  -1.650  1.00 51.78 ? 95  GLU B O   1 
ATOM   1648 C CB  . GLU B 1 95  ? 14.110  10.697  -2.310  1.00 53.60 ? 95  GLU B CB  1 
ATOM   1649 C CG  . GLU B 1 95  ? 13.041  9.682   -2.726  1.00 58.20 ? 95  GLU B CG  1 
ATOM   1650 C CD  . GLU B 1 95  ? 13.535  8.740   -3.823  1.00 59.15 ? 95  GLU B CD  1 
ATOM   1651 O OE1 . GLU B 1 95  ? 13.787  9.210   -4.960  1.00 58.98 ? 95  GLU B OE1 1 
ATOM   1652 O OE2 . GLU B 1 95  ? 13.683  7.528   -3.535  1.00 62.43 ? 95  GLU B OE2 1 
ATOM   1653 N N   . GLU B 1 96  ? 11.545  12.469  -1.607  1.00 49.79 ? 96  GLU B N   1 
ATOM   1654 C CA  . GLU B 1 96  ? 10.566  13.542  -1.798  1.00 50.69 ? 96  GLU B CA  1 
ATOM   1655 C C   . GLU B 1 96  ? 10.248  14.275  -0.495  1.00 46.60 ? 96  GLU B C   1 
ATOM   1656 O O   . GLU B 1 96  ? 9.587   15.315  -0.512  1.00 43.70 ? 96  GLU B O   1 
ATOM   1657 C CB  . GLU B 1 96  ? 9.286   13.061  -2.498  1.00 54.04 ? 96  GLU B CB  1 
ATOM   1658 C CG  . GLU B 1 96  ? 8.870   11.628  -2.197  1.00 65.67 ? 96  GLU B CG  1 
ATOM   1659 C CD  . GLU B 1 96  ? 9.424   10.617  -3.199  1.00 71.56 ? 96  GLU B CD  1 
ATOM   1660 O OE1 . GLU B 1 96  ? 10.420  10.929  -3.883  1.00 72.22 ? 96  GLU B OE1 1 
ATOM   1661 O OE2 . GLU B 1 96  ? 8.855   9.504   -3.294  1.00 77.54 ? 96  GLU B OE2 1 
ATOM   1662 N N   . GLU B 1 97  ? 10.749  13.743  0.621   1.00 41.90 ? 97  GLU B N   1 
ATOM   1663 C CA  . GLU B 1 97  ? 10.561  14.341  1.937   1.00 42.53 ? 97  GLU B CA  1 
ATOM   1664 C C   . GLU B 1 97  ? 9.067   14.496  2.276   1.00 39.48 ? 97  GLU B C   1 
ATOM   1665 O O   . GLU B 1 97  ? 8.598   15.576  2.655   1.00 38.44 ? 97  GLU B O   1 
ATOM   1666 C CB  . GLU B 1 97  ? 11.300  15.677  2.020   1.00 50.18 ? 97  GLU B CB  1 
ATOM   1667 C CG  . GLU B 1 97  ? 11.758  16.047  3.422   1.00 54.48 ? 97  GLU B CG  1 
ATOM   1668 C CD  . GLU B 1 97  ? 12.886  15.167  3.939   1.00 61.74 ? 97  GLU B CD  1 
ATOM   1669 O OE1 . GLU B 1 97  ? 12.814  14.713  5.114   1.00 56.55 ? 97  GLU B OE1 1 
ATOM   1670 O OE2 . GLU B 1 97  ? 13.840  14.929  3.163   1.00 62.98 ? 97  GLU B OE2 1 
ATOM   1671 N N   . VAL B 1 98  ? 8.325   13.408  2.089   1.00 31.40 ? 98  VAL B N   1 
ATOM   1672 C CA  . VAL B 1 98  ? 6.922   13.342  2.480   1.00 30.54 ? 98  VAL B CA  1 
ATOM   1673 C C   . VAL B 1 98  ? 6.631   12.117  3.358   1.00 27.19 ? 98  VAL B C   1 
ATOM   1674 O O   . VAL B 1 98  ? 7.421   11.177  3.405   1.00 26.27 ? 98  VAL B O   1 
ATOM   1675 C CB  . VAL B 1 98  ? 5.959   13.352  1.249   1.00 29.60 ? 98  VAL B CB  1 
ATOM   1676 C CG1 . VAL B 1 98  ? 6.134   14.647  0.406   1.00 26.14 ? 98  VAL B CG1 1 
ATOM   1677 C CG2 . VAL B 1 98  ? 6.149   12.119  0.420   1.00 22.87 ? 98  VAL B CG2 1 
ATOM   1678 N N   . ILE B 1 99  ? 5.490   12.166  4.046   1.00 23.94 ? 99  ILE B N   1 
ATOM   1679 C CA  . ILE B 1 99  ? 4.944   11.063  4.817   1.00 22.14 ? 99  ILE B CA  1 
ATOM   1680 C C   . ILE B 1 99  ? 3.634   10.661  4.151   1.00 22.29 ? 99  ILE B C   1 
ATOM   1681 O O   . ILE B 1 99  ? 2.804   11.523  3.896   1.00 24.07 ? 99  ILE B O   1 
ATOM   1682 C CB  . ILE B 1 99  ? 4.714   11.495  6.294   1.00 22.79 ? 99  ILE B CB  1 
ATOM   1683 C CG1 . ILE B 1 99  ? 6.073   11.670  7.004   1.00 20.10 ? 99  ILE B CG1 1 
ATOM   1684 C CG2 . ILE B 1 99  ? 3.850   10.498  7.033   1.00 19.93 ? 99  ILE B CG2 1 
ATOM   1685 C CD1 . ILE B 1 99  ? 5.974   12.046  8.489   1.00 25.56 ? 99  ILE B CD1 1 
ATOM   1686 N N   . PHE B 1 100 ? 3.485   9.380   3.793   1.00 22.07 ? 100 PHE B N   1 
ATOM   1687 C CA  . PHE B 1 100 ? 2.208   8.877   3.300   1.00 19.26 ? 100 PHE B CA  1 
ATOM   1688 C C   . PHE B 1 100 ? 1.450   8.283   4.480   1.00 22.33 ? 100 PHE B C   1 
ATOM   1689 O O   . PHE B 1 100 ? 1.952   7.411   5.197   1.00 20.53 ? 100 PHE B O   1 
ATOM   1690 C CB  . PHE B 1 100 ? 2.342   7.769   2.237   1.00 19.41 ? 100 PHE B CB  1 
ATOM   1691 C CG  . PHE B 1 100 ? 3.074   8.182   0.988   1.00 19.65 ? 100 PHE B CG  1 
ATOM   1692 C CD1 . PHE B 1 100 ? 2.372   8.440   -0.185  1.00 25.56 ? 100 PHE B CD1 1 
ATOM   1693 C CD2 . PHE B 1 100 ? 4.462   8.267   0.982   1.00 21.89 ? 100 PHE B CD2 1 
ATOM   1694 C CE1 . PHE B 1 100 ? 3.055   8.797   -1.360  1.00 26.76 ? 100 PHE B CE1 1 
ATOM   1695 C CE2 . PHE B 1 100 ? 5.166   8.628   -0.183  1.00 25.96 ? 100 PHE B CE2 1 
ATOM   1696 C CZ  . PHE B 1 100 ? 4.452   8.893   -1.353  1.00 24.57 ? 100 PHE B CZ  1 
ATOM   1697 N N   . PHE B 1 101 ? 0.225   8.747   4.662   1.00 20.63 ? 101 PHE B N   1 
ATOM   1698 C CA  . PHE B 1 101 ? -0.697  8.033   5.522   1.00 20.47 ? 101 PHE B CA  1 
ATOM   1699 C C   . PHE B 1 101 ? -1.500  7.051   4.695   1.00 21.06 ? 101 PHE B C   1 
ATOM   1700 O O   . PHE B 1 101 ? -2.339  7.458   3.900   1.00 24.62 ? 101 PHE B O   1 
ATOM   1701 C CB  . PHE B 1 101 ? -1.631  8.992   6.237   1.00 20.38 ? 101 PHE B CB  1 
ATOM   1702 C CG  . PHE B 1 101 ? -2.693  8.289   7.059   1.00 20.92 ? 101 PHE B CG  1 
ATOM   1703 C CD1 . PHE B 1 101 ? -2.371  7.697   8.266   1.00 24.98 ? 101 PHE B CD1 1 
ATOM   1704 C CD2 . PHE B 1 101 ? -3.999  8.179   6.577   1.00 28.41 ? 101 PHE B CD2 1 
ATOM   1705 C CE1 . PHE B 1 101 ? -3.352  7.043   9.033   1.00 25.30 ? 101 PHE B CE1 1 
ATOM   1706 C CE2 . PHE B 1 101 ? -4.995  7.538   7.336   1.00 32.55 ? 101 PHE B CE2 1 
ATOM   1707 C CZ  . PHE B 1 101 ? -4.667  6.969   8.556   1.00 27.50 ? 101 PHE B CZ  1 
ATOM   1708 N N   . LEU B 1 102 ? -1.240  5.757   4.870   1.00 21.81 ? 102 LEU B N   1 
ATOM   1709 C CA  . LEU B 1 102 ? -1.967  4.742   4.113   1.00 24.15 ? 102 LEU B CA  1 
ATOM   1710 C C   . LEU B 1 102 ? -3.006  4.133   5.040   1.00 30.00 ? 102 LEU B C   1 
ATOM   1711 O O   . LEU B 1 102 ? -2.754  3.147   5.736   1.00 29.56 ? 102 LEU B O   1 
ATOM   1712 C CB  . LEU B 1 102 ? -1.030  3.655   3.573   1.00 23.64 ? 102 LEU B CB  1 
ATOM   1713 C CG  . LEU B 1 102 ? 0.144   4.093   2.679   1.00 25.07 ? 102 LEU B CG  1 
ATOM   1714 C CD1 . LEU B 1 102 ? 0.814   2.882   2.124   1.00 27.92 ? 102 LEU B CD1 1 
ATOM   1715 C CD2 . LEU B 1 102 ? -0.335  4.974   1.527   1.00 19.70 ? 102 LEU B CD2 1 
ATOM   1716 N N   . GLY B 1 103 ? -4.167  4.754   5.069   1.00 31.14 ? 103 GLY B N   1 
ATOM   1717 C CA  . GLY B 1 103 ? -5.207  4.317   5.975   1.00 36.89 ? 103 GLY B CA  1 
ATOM   1718 C C   . GLY B 1 103 ? -6.526  4.179   5.269   1.00 36.65 ? 103 GLY B C   1 
ATOM   1719 O O   . GLY B 1 103 ? -6.628  4.429   4.059   1.00 36.81 ? 103 GLY B O   1 
ATOM   1720 N N   . SER B 1 104 ? -7.522  3.754   6.038   1.00 35.36 ? 104 SER B N   1 
ATOM   1721 C CA  . SER B 1 104 ? -8.910  3.662   5.601   1.00 38.67 ? 104 SER B CA  1 
ATOM   1722 C C   . SER B 1 104 ? -9.779  3.534   6.835   1.00 37.28 ? 104 SER B C   1 
ATOM   1723 O O   . SER B 1 104 ? -9.249  3.355   7.939   1.00 31.95 ? 104 SER B O   1 
ATOM   1724 C CB  . SER B 1 104 ? -9.109  2.437   4.709   1.00 43.69 ? 104 SER B CB  1 
ATOM   1725 O OG  . SER B 1 104 ? -8.429  1.318   5.243   1.00 47.04 ? 104 SER B OG  1 
ATOM   1726 N N   . PRO B 1 105 ? -11.116 3.624   6.668   1.00 39.80 ? 105 PRO B N   1 
ATOM   1727 C CA  . PRO B 1 105 ? -12.023 3.483   7.811   1.00 39.43 ? 105 PRO B CA  1 
ATOM   1728 C C   . PRO B 1 105 ? -12.130 2.040   8.319   1.00 42.59 ? 105 PRO B C   1 
ATOM   1729 O O   . PRO B 1 105 ? -11.638 1.114   7.664   1.00 45.68 ? 105 PRO B O   1 
ATOM   1730 C CB  . PRO B 1 105 ? -13.375 3.944   7.255   1.00 38.00 ? 105 PRO B CB  1 
ATOM   1731 C CG  . PRO B 1 105 ? -13.087 4.518   5.892   1.00 39.62 ? 105 PRO B CG  1 
ATOM   1732 C CD  . PRO B 1 105 ? -11.858 3.851   5.418   1.00 40.69 ? 105 PRO B CD  1 
HETATM 1733 O O   . HOH C 2 .   ? -5.535  19.718  -17.898 1.00 35.73 ? 122 HOH A O   1 
HETATM 1734 O O   . HOH C 2 .   ? 2.820   -7.125  3.733   1.00 24.49 ? 123 HOH A O   1 
HETATM 1735 O O   . HOH C 2 .   ? 12.743  -8.605  -4.444  1.00 30.35 ? 124 HOH A O   1 
HETATM 1736 O O   . HOH C 2 .   ? 8.117   0.780   -10.607 1.00 42.13 ? 125 HOH A O   1 
HETATM 1737 O O   . HOH C 2 .   ? 6.743   9.710   -7.535  1.00 40.40 ? 126 HOH A O   1 
HETATM 1738 O O   . HOH C 2 .   ? 0.452   1.377   -15.920 1.00 54.01 ? 127 HOH A O   1 
HETATM 1739 O O   . HOH C 2 .   ? 13.848  2.312   -3.652  1.00 37.68 ? 128 HOH A O   1 
HETATM 1740 O O   . HOH C 2 .   ? -16.026 -17.159 0.237   1.00 50.14 ? 129 HOH A O   1 
HETATM 1741 O O   . HOH C 2 .   ? 5.011   17.755  -4.151  1.00 45.68 ? 130 HOH A O   1 
HETATM 1742 O O   . HOH C 2 .   ? -4.262  -3.939  0.276   1.00 46.19 ? 131 HOH A O   1 
HETATM 1743 O O   . HOH C 2 .   ? 5.674   -21.644 -0.552  1.00 34.73 ? 132 HOH A O   1 
HETATM 1744 O O   . HOH C 2 .   ? 13.226  -8.621  -7.106  1.00 43.86 ? 133 HOH A O   1 
HETATM 1745 O O   . HOH C 2 .   ? 14.817  -10.671 3.349   1.00 48.28 ? 134 HOH A O   1 
HETATM 1746 O O   . HOH C 2 .   ? -3.606  -22.231 7.207   1.00 39.22 ? 135 HOH A O   1 
HETATM 1747 O O   . HOH C 2 .   ? -0.112  10.463  -11.931 1.00 28.90 ? 136 HOH A O   1 
HETATM 1748 O O   . HOH C 2 .   ? 9.303   -13.400 11.700  1.00 47.48 ? 137 HOH A O   1 
HETATM 1749 O O   . HOH C 2 .   ? -9.285  -0.332  -3.350  1.00 53.03 ? 138 HOH A O   1 
HETATM 1750 O O   . HOH C 2 .   ? -15.359 -16.793 -5.578  1.00 45.75 ? 139 HOH A O   1 
HETATM 1751 O O   . HOH C 2 .   ? -1.325  -17.022 -16.628 1.00 44.96 ? 140 HOH A O   1 
HETATM 1752 O O   . HOH C 2 .   ? 12.991  -14.164 -2.970  1.00 68.53 ? 141 HOH A O   1 
HETATM 1753 O O   . HOH C 2 .   ? 4.629   -9.081  -18.082 1.00 52.56 ? 142 HOH A O   1 
HETATM 1754 O O   . HOH C 2 .   ? 5.193   -26.123 -9.350  1.00 46.65 ? 143 HOH A O   1 
HETATM 1755 O O   . HOH C 2 .   ? -3.546  -15.331 -18.776 1.00 53.75 ? 144 HOH A O   1 
HETATM 1756 O O   . HOH C 2 .   ? 14.846  -15.141 -14.071 1.00 57.76 ? 145 HOH A O   1 
HETATM 1757 O O   . HOH C 2 .   ? 17.018  -12.087 1.760   1.00 56.64 ? 146 HOH A O   1 
HETATM 1758 O O   . HOH C 2 .   ? 1.268   -4.497  5.693   1.00 40.55 ? 147 HOH A O   1 
HETATM 1759 O O   . HOH C 2 .   ? 0.857   -27.294 0.602   1.00 48.77 ? 148 HOH A O   1 
HETATM 1760 O O   . HOH C 2 .   ? -15.199 -24.038 -0.584  1.00 69.75 ? 149 HOH A O   1 
HETATM 1761 O O   . HOH C 2 .   ? -8.005  -7.060  -5.811  1.00 31.87 ? 150 HOH A O   1 
HETATM 1762 O O   . HOH C 2 .   ? -0.369  15.795  -7.199  1.00 59.83 ? 151 HOH A O   1 
HETATM 1763 O O   . HOH C 2 .   ? -2.534  20.804  -12.228 1.00 45.43 ? 152 HOH A O   1 
HETATM 1764 O O   . HOH D 2 .   ? -7.090  3.735   1.504   1.00 29.05 ? 122 HOH B O   1 
HETATM 1765 O O   . HOH D 2 .   ? 2.858   4.509   11.473  1.00 42.35 ? 123 HOH B O   1 
HETATM 1766 O O   . HOH D 2 .   ? 6.376   7.248   10.708  1.00 40.77 ? 124 HOH B O   1 
HETATM 1767 O O   . HOH D 2 .   ? 0.265   7.198   22.701  1.00 27.93 ? 125 HOH B O   1 
HETATM 1768 O O   . HOH D 2 .   ? -12.181 19.023  5.692   1.00 32.25 ? 126 HOH B O   1 
HETATM 1769 O O   . HOH D 2 .   ? 0.558   21.533  -2.258  1.00 52.77 ? 127 HOH B O   1 
HETATM 1770 O O   . HOH D 2 .   ? 8.855   18.341  2.507   1.00 53.47 ? 128 HOH B O   1 
HETATM 1771 O O   . HOH D 2 .   ? 11.810  15.097  10.420  1.00 49.55 ? 129 HOH B O   1 
HETATM 1772 O O   . HOH D 2 .   ? -2.681  10.102  -12.982 1.00 53.56 ? 130 HOH B O   1 
HETATM 1773 O O   . HOH D 2 .   ? 8.220   4.963   7.876   1.00 56.35 ? 131 HOH B O   1 
HETATM 1774 O O   . HOH D 2 .   ? 8.619   6.819   9.552   1.00 50.46 ? 132 HOH B O   1 
HETATM 1775 O O   . HOH D 2 .   ? 0.727   19.307  -4.719  1.00 41.47 ? 133 HOH B O   1 
HETATM 1776 O O   . HOH D 2 .   ? -4.090  14.121  -5.694  1.00 26.84 ? 134 HOH B O   1 
HETATM 1777 O O   . HOH D 2 .   ? 0.825   7.961   -12.012 1.00 39.38 ? 135 HOH B O   1 
HETATM 1778 O O   . HOH D 2 .   ? 15.138  -0.348  -4.124  1.00 37.32 ? 136 HOH B O   1 
HETATM 1779 O O   . HOH D 2 .   ? 10.587  -6.329  -14.121 1.00 51.78 ? 137 HOH B O   1 
HETATM 1780 O O   . HOH D 2 .   ? 10.704  15.555  16.994  1.00 49.36 ? 138 HOH B O   1 
HETATM 1781 O O   . HOH D 2 .   ? 0.333   25.396  -2.227  1.00 52.24 ? 139 HOH B O   1 
HETATM 1782 O O   . HOH D 2 .   ? 6.292   3.462   8.971   1.00 50.43 ? 140 HOH B O   1 
HETATM 1783 O O   . HOH D 2 .   ? -12.143 17.562  7.983   1.00 43.31 ? 141 HOH B O   1 
HETATM 1784 O O   . HOH D 2 .   ? 7.304   3.123   15.870  1.00 60.52 ? 142 HOH B O   1 
HETATM 1785 O O   . HOH D 2 .   ? 13.945  -6.071  -7.396  1.00 48.23 ? 143 HOH B O   1 
HETATM 1786 O O   . HOH D 2 .   ? -4.320  16.274  16.796  1.00 52.08 ? 144 HOH B O   1 
HETATM 1787 O O   . HOH D 2 .   ? -6.064  11.045  -6.471  1.00 51.49 ? 145 HOH B O   1 
# 
